data_2XT6
#
_entry.id   2XT6
#
_cell.length_a   151.990
_cell.length_b   247.720
_cell.length_c   79.980
_cell.angle_alpha   90.00
_cell.angle_beta   90.00
_cell.angle_gamma   90.00
#
_symmetry.space_group_name_H-M   'P 21 21 2'
#
loop_
_entity.id
_entity.type
_entity.pdbx_description
1 polymer '2-OXOGLUTARATE DECARBOXYLASE'
2 non-polymer 'THIAMINE DIPHOSPHATE'
3 non-polymer 'MAGNESIUM ION'
4 non-polymer 'CALCIUM ION'
5 water water
#
_entity_poly.entity_id   1
_entity_poly.type   'polypeptide(L)'
_entity_poly.pdbx_seq_one_letter_code
;GMNASLEVPTATSVRAIPAKLMIDNRVVINNHLKRTRGGKISFTHLLGYAIVQAVKKFPNMNRHFAVVDGKPTAITPAHT
NLGLAIDLQGKDGNRSLVVAAIKRCETMRFGQFIAAYEDIVRRARDGKLTAEDFSGVTISLTNPGTLGTVHSVPRLMQGQ
GAIIGAGAMEYPAEFQGASEERIADLGIGKLITLTSTYDHRIIQGAESGDFLRTIHQLLLDDDFFDEIFRELGIPYEPVR
WRTDNPDSIEDKNARVIELIAAYRNRGHLMADIDPLRLDNTRFRSHPDLDVNSHGLTLWDLDREFKVDGFAGVQRKKLRD
ILSVLRDAYCRHVGVEYTHILEPEQQRWIQERVETKHDKPTVAEQKYILSKLNAAEAFETFLQTKYVGQKRFSLEGAETV
IPMMDAVIDQCAEHGLDEVVIAMPHRGRLNVLANIVGKPYSQIFSEFEGNLNPSQAHGSGDVKYHLGATGTYIQMFGDND
IEVSLTANPSHLEAVDPVLEGLVRAKQDLLDTGEEGSDNRFSVVPLMLHGDAAFAGQGVVAETLNLALLRGYRTGGTIHI
VVNNQIGFTTAPTDSRSSEYCTDVAKMIGAPIFHVNGDDPEACAWVARLAVDFRQAFKKDVVIDMLCYRRRGHNEGDDPS
MTQPYMYDVIDTKRGSRKAYTEALIGRGDISMKEAEDALRDYQGQLERVFNEVRELEKHEIEPSESVEADQQIPSKLATA
VDKAMLQRIGDAHLALPEGFTVHPRVRPVLEKRREMAYEGRIDWAFAELLALGSLIAEGKLVRLSGQDTQRGTFTQRHAV
IVDRKTGEEFTPLQLLATNPDGTPTGGKFLVYNSALSEFAAVGFEYGYSVGNPDAMVLWEAQFGDFVNGAQSIIDEFISS
GEAKWGQLSDVVLLLPHGHEGQGPDHTSGRIERFLQLWAEGSMTIAMPSTPANYFHLLRRHGKDGIQRPLIVFTPKSMLR
NKAAVSDIRDFTESKFRSVLEEPMYTDGEGDRNKVTRLLLTSGKIYYELAARKAKENREDVAIVRIEQLAPLPRRRLAET
LDRYPNVKEKFWVQEEPANQGAWPSFGLTLPEILPDHFTGLKRISRRAMSAPSSGSSKVHAVEQQEILDTAFG
;
_entity_poly.pdbx_strand_id   A,B
#
# COMPACT_ATOMS: atom_id res chain seq x y z
N GLU A 7 -69.25 43.08 8.78
CA GLU A 7 -69.65 42.23 7.65
C GLU A 7 -69.58 40.73 8.02
N VAL A 8 -68.39 40.28 8.41
CA VAL A 8 -68.13 38.91 8.84
C VAL A 8 -68.04 38.97 10.39
N PRO A 9 -69.07 38.53 11.19
CA PRO A 9 -68.93 38.61 12.67
C PRO A 9 -67.80 37.69 13.13
N THR A 10 -66.69 38.34 13.50
CA THR A 10 -65.47 37.61 13.86
C THR A 10 -65.20 37.61 15.35
N ALA A 11 -64.48 36.58 15.76
CA ALA A 11 -64.01 36.34 17.10
C ALA A 11 -62.51 36.07 17.03
N THR A 12 -61.78 36.27 18.12
CA THR A 12 -60.32 36.07 18.07
C THR A 12 -59.88 35.04 19.12
N SER A 13 -58.89 34.21 18.74
CA SER A 13 -58.21 33.26 19.60
C SER A 13 -56.71 33.49 19.43
N VAL A 14 -56.03 33.77 20.54
CA VAL A 14 -54.59 34.04 20.60
C VAL A 14 -53.86 32.86 21.25
N ARG A 15 -52.56 32.64 20.86
CA ARG A 15 -51.69 31.61 21.44
C ARG A 15 -50.21 32.02 21.36
N ALA A 16 -49.53 32.01 22.52
CA ALA A 16 -48.10 32.29 22.64
C ALA A 16 -47.34 30.98 22.42
N ILE A 17 -46.61 30.91 21.29
CA ILE A 17 -45.89 29.73 20.81
C ILE A 17 -44.37 29.93 20.97
N PRO A 18 -43.63 28.89 21.44
CA PRO A 18 -42.17 29.01 21.53
C PRO A 18 -41.48 28.87 20.16
N ALA A 19 -40.76 29.95 19.78
CA ALA A 19 -40.03 30.10 18.53
C ALA A 19 -38.57 29.62 18.59
N LYS A 20 -38.11 29.04 19.71
CA LYS A 20 -36.71 28.64 19.89
C LYS A 20 -36.27 27.61 18.84
N LEU A 21 -37.05 26.51 18.63
CA LEU A 21 -36.71 25.50 17.62
C LEU A 21 -36.76 26.06 16.21
N MET A 22 -37.71 26.95 15.96
CA MET A 22 -37.91 27.63 14.69
C MET A 22 -36.68 28.49 14.34
N ILE A 23 -36.27 29.37 15.28
CA ILE A 23 -35.11 30.25 15.15
C ILE A 23 -33.84 29.43 14.90
N ASP A 24 -33.63 28.42 15.75
CA ASP A 24 -32.45 27.57 15.70
C ASP A 24 -32.34 26.81 14.39
N ASN A 25 -33.43 26.20 13.92
CA ASN A 25 -33.38 25.45 12.67
C ASN A 25 -33.24 26.39 11.46
N ARG A 26 -33.82 27.61 11.51
CA ARG A 26 -33.67 28.59 10.44
C ARG A 26 -32.18 28.98 10.30
N VAL A 27 -31.46 29.13 11.44
CA VAL A 27 -30.01 29.44 11.45
C VAL A 27 -29.26 28.31 10.75
N VAL A 28 -29.59 27.07 11.08
CA VAL A 28 -28.96 25.89 10.48
C VAL A 28 -29.27 25.88 8.97
N ILE A 29 -30.55 26.09 8.58
CA ILE A 29 -30.97 26.07 7.19
C ILE A 29 -30.24 27.15 6.39
N ASN A 30 -30.28 28.41 6.84
CA ASN A 30 -29.65 29.51 6.11
C ASN A 30 -28.13 29.44 6.14
N ASN A 31 -27.53 28.81 7.16
CA ASN A 31 -26.09 28.61 7.24
C ASN A 31 -25.67 27.70 6.11
N HIS A 32 -26.47 26.64 5.87
CA HIS A 32 -26.26 25.62 4.85
C HIS A 32 -26.38 26.21 3.46
N LEU A 33 -27.53 26.84 3.16
CA LEU A 33 -27.83 27.46 1.88
C LEU A 33 -26.68 28.42 1.47
N LYS A 34 -26.23 29.29 2.41
CA LYS A 34 -25.13 30.26 2.26
C LYS A 34 -23.84 29.59 1.73
N ARG A 35 -23.54 28.41 2.30
CA ARG A 35 -22.37 27.59 2.04
C ARG A 35 -22.53 26.70 0.79
N THR A 36 -23.79 26.46 0.35
CA THR A 36 -24.07 25.55 -0.76
C THR A 36 -24.66 26.23 -2.02
N ARG A 37 -25.96 26.08 -2.27
CA ARG A 37 -26.63 26.55 -3.47
C ARG A 37 -27.31 27.93 -3.34
N GLY A 38 -27.27 28.52 -2.14
CA GLY A 38 -27.84 29.84 -1.88
C GLY A 38 -29.30 29.78 -1.51
N GLY A 39 -29.89 30.97 -1.28
CA GLY A 39 -31.28 31.10 -0.87
C GLY A 39 -31.41 31.39 0.60
N LYS A 40 -32.58 31.94 1.02
CA LYS A 40 -32.83 32.27 2.43
C LYS A 40 -34.25 31.92 2.80
N ILE A 41 -34.40 31.02 3.79
CA ILE A 41 -35.69 30.61 4.32
C ILE A 41 -36.15 31.62 5.37
N SER A 42 -37.36 32.15 5.22
CA SER A 42 -37.96 33.11 6.14
C SER A 42 -38.80 32.38 7.18
N PHE A 43 -39.19 33.09 8.28
CA PHE A 43 -40.09 32.53 9.29
C PHE A 43 -41.49 32.36 8.68
N THR A 44 -41.78 33.18 7.66
CA THR A 44 -43.05 33.18 6.94
C THR A 44 -43.20 31.90 6.14
N HIS A 45 -42.07 31.38 5.55
CA HIS A 45 -42.06 30.11 4.82
C HIS A 45 -42.45 28.97 5.73
N LEU A 46 -41.87 28.95 6.94
CA LEU A 46 -42.09 27.92 7.95
C LEU A 46 -43.49 28.03 8.56
N LEU A 47 -43.94 29.27 8.88
CA LEU A 47 -45.26 29.49 9.47
C LEU A 47 -46.38 29.21 8.47
N GLY A 48 -46.21 29.69 7.23
CA GLY A 48 -47.15 29.48 6.14
C GLY A 48 -47.36 28.02 5.82
N TYR A 49 -46.27 27.25 5.73
CA TYR A 49 -46.32 25.81 5.46
C TYR A 49 -46.98 25.04 6.61
N ALA A 50 -46.75 25.44 7.86
CA ALA A 50 -47.33 24.83 9.06
C ALA A 50 -48.86 24.98 9.04
N ILE A 51 -49.36 26.21 8.75
CA ILE A 51 -50.78 26.51 8.63
C ILE A 51 -51.43 25.50 7.65
N VAL A 52 -50.85 25.36 6.44
CA VAL A 52 -51.29 24.47 5.36
C VAL A 52 -51.40 23.00 5.88
N GLN A 53 -50.46 22.57 6.75
CA GLN A 53 -50.48 21.24 7.35
C GLN A 53 -51.58 21.11 8.41
N ALA A 54 -51.77 22.21 9.21
CA ALA A 54 -52.76 22.26 10.28
C ALA A 54 -54.18 22.28 9.69
N VAL A 55 -54.33 22.81 8.46
CA VAL A 55 -55.61 22.84 7.70
C VAL A 55 -56.01 21.40 7.36
N LYS A 56 -55.05 20.48 7.29
CA LYS A 56 -55.30 19.07 6.99
C LYS A 56 -55.97 18.34 8.17
N LYS A 57 -55.64 18.75 9.41
CA LYS A 57 -56.25 18.14 10.59
C LYS A 57 -57.59 18.80 10.90
N PHE A 58 -57.75 20.08 10.47
CA PHE A 58 -58.94 20.91 10.71
C PHE A 58 -59.51 21.49 9.40
N PRO A 59 -60.21 20.70 8.56
CA PRO A 59 -60.74 21.26 7.30
C PRO A 59 -61.78 22.36 7.50
N ASN A 60 -62.31 22.55 8.75
CA ASN A 60 -63.35 23.54 9.03
C ASN A 60 -62.76 24.95 9.11
N MET A 61 -61.45 25.08 9.44
CA MET A 61 -60.71 26.34 9.52
C MET A 61 -60.49 26.94 8.14
N ASN A 62 -60.62 26.09 7.11
CA ASN A 62 -60.51 26.41 5.69
C ASN A 62 -61.87 26.75 5.02
N ARG A 63 -63.01 26.44 5.69
CA ARG A 63 -64.34 26.71 5.12
C ARG A 63 -64.69 28.21 5.17
N HIS A 64 -65.82 28.62 4.58
CA HIS A 64 -66.26 30.01 4.61
C HIS A 64 -67.79 30.10 4.55
N PHE A 65 -68.35 31.09 5.27
CA PHE A 65 -69.80 31.30 5.30
C PHE A 65 -70.31 31.86 3.97
N ALA A 66 -71.52 31.41 3.58
CA ALA A 66 -72.24 31.83 2.37
C ALA A 66 -73.74 31.65 2.54
N VAL A 67 -74.53 32.42 1.77
CA VAL A 67 -75.98 32.31 1.69
C VAL A 67 -76.20 31.70 0.30
N VAL A 68 -76.52 30.39 0.21
CA VAL A 68 -76.58 29.78 -1.12
C VAL A 68 -78.00 29.84 -1.71
N ASP A 69 -79.02 29.40 -0.95
CA ASP A 69 -80.37 29.48 -1.49
C ASP A 69 -81.24 30.07 -0.40
N GLY A 70 -80.82 31.26 0.03
CA GLY A 70 -81.41 32.00 1.14
C GLY A 70 -81.02 31.44 2.50
N LYS A 71 -80.31 30.28 2.49
CA LYS A 71 -79.91 29.51 3.65
C LYS A 71 -78.44 29.69 4.04
N PRO A 72 -78.17 29.88 5.35
CA PRO A 72 -76.79 29.97 5.82
C PRO A 72 -76.05 28.64 5.62
N THR A 73 -74.91 28.67 4.94
CA THR A 73 -74.13 27.47 4.64
C THR A 73 -72.66 27.73 4.84
N ALA A 74 -71.92 26.67 5.18
CA ALA A 74 -70.48 26.60 5.36
C ALA A 74 -69.90 25.89 4.13
N ILE A 75 -69.06 26.57 3.32
CA ILE A 75 -68.54 26.05 2.04
C ILE A 75 -67.14 25.41 2.13
N THR A 76 -67.03 24.16 1.62
CA THR A 76 -65.78 23.45 1.55
C THR A 76 -65.11 23.75 0.23
N PRO A 77 -64.07 24.61 0.23
CA PRO A 77 -63.35 24.88 -1.04
C PRO A 77 -62.63 23.64 -1.59
N ALA A 78 -62.24 23.67 -2.86
CA ALA A 78 -61.53 22.57 -3.47
C ALA A 78 -60.07 22.47 -2.95
N HIS A 79 -59.44 23.63 -2.68
CA HIS A 79 -58.04 23.64 -2.28
C HIS A 79 -57.71 24.52 -1.07
N THR A 80 -56.45 24.41 -0.58
CA THR A 80 -55.91 25.29 0.45
C THR A 80 -55.12 26.35 -0.30
N ASN A 81 -55.71 27.54 -0.48
CA ASN A 81 -55.07 28.62 -1.22
C ASN A 81 -54.72 29.69 -0.22
N LEU A 82 -53.48 29.63 0.22
CA LEU A 82 -52.95 30.51 1.26
C LEU A 82 -52.68 31.90 0.74
N GLY A 83 -53.41 32.85 1.30
CA GLY A 83 -53.25 34.28 1.03
C GLY A 83 -52.08 34.84 1.82
N LEU A 84 -51.28 35.69 1.16
CA LEU A 84 -50.12 36.31 1.79
C LEU A 84 -50.08 37.81 1.53
N ALA A 85 -49.92 38.64 2.59
CA ALA A 85 -49.84 40.11 2.46
C ALA A 85 -48.50 40.48 1.80
N ILE A 86 -48.57 41.09 0.58
CA ILE A 86 -47.41 41.48 -0.24
C ILE A 86 -47.50 42.97 -0.65
N VAL A 98 -51.13 44.18 -0.34
CA VAL A 98 -52.30 43.46 -0.85
C VAL A 98 -52.03 41.92 -0.81
N VAL A 99 -53.11 41.15 -0.56
CA VAL A 99 -53.06 39.70 -0.40
C VAL A 99 -53.06 38.97 -1.77
N ALA A 100 -52.00 38.21 -2.00
CA ALA A 100 -51.81 37.37 -3.18
C ALA A 100 -51.96 35.90 -2.76
N ALA A 101 -52.43 35.04 -3.66
CA ALA A 101 -52.73 33.66 -3.33
C ALA A 101 -51.73 32.62 -3.87
N ILE A 102 -51.30 31.69 -3.00
CA ILE A 102 -50.50 30.51 -3.38
C ILE A 102 -51.55 29.42 -3.54
N LYS A 103 -51.91 29.07 -4.79
CA LYS A 103 -52.96 28.10 -5.07
C LYS A 103 -52.49 26.64 -4.98
N ARG A 104 -53.41 25.74 -4.54
CA ARG A 104 -53.26 24.28 -4.42
C ARG A 104 -52.07 23.88 -3.49
N CYS A 105 -52.06 24.45 -2.27
CA CYS A 105 -51.03 24.21 -1.26
C CYS A 105 -51.12 22.83 -0.65
N GLU A 106 -52.32 22.22 -0.61
CA GLU A 106 -52.55 20.91 0.04
C GLU A 106 -51.76 19.74 -0.61
N THR A 107 -51.41 19.83 -1.90
CA THR A 107 -50.68 18.77 -2.62
C THR A 107 -49.20 19.18 -2.87
N MET A 108 -48.69 20.12 -2.06
CA MET A 108 -47.33 20.65 -2.18
C MET A 108 -46.38 20.17 -1.10
N ARG A 109 -45.15 19.81 -1.50
CA ARG A 109 -44.06 19.46 -0.58
C ARG A 109 -43.40 20.78 -0.22
N PHE A 110 -42.54 20.84 0.84
CA PHE A 110 -41.93 22.11 1.24
C PHE A 110 -41.24 22.88 0.07
N GLY A 111 -40.42 22.19 -0.72
CA GLY A 111 -39.74 22.75 -1.87
C GLY A 111 -40.65 23.38 -2.90
N GLN A 112 -41.79 22.70 -3.24
CA GLN A 112 -42.82 23.21 -4.17
C GLN A 112 -43.48 24.46 -3.60
N PHE A 113 -43.78 24.46 -2.28
CA PHE A 113 -44.44 25.56 -1.59
C PHE A 113 -43.59 26.82 -1.59
N ILE A 114 -42.25 26.70 -1.32
CA ILE A 114 -41.36 27.87 -1.30
C ILE A 114 -41.13 28.35 -2.75
N ALA A 115 -41.16 27.42 -3.75
CA ALA A 115 -41.05 27.77 -5.17
C ALA A 115 -42.26 28.59 -5.59
N ALA A 116 -43.47 28.13 -5.21
CA ALA A 116 -44.73 28.82 -5.46
C ALA A 116 -44.76 30.16 -4.72
N TYR A 117 -44.28 30.18 -3.44
CA TYR A 117 -44.21 31.36 -2.59
C TYR A 117 -43.31 32.41 -3.23
N GLU A 118 -42.12 32.01 -3.69
CA GLU A 118 -41.17 32.93 -4.32
C GLU A 118 -41.59 33.32 -5.75
N ASP A 119 -42.46 32.52 -6.42
CA ASP A 119 -43.00 32.81 -7.77
C ASP A 119 -43.87 34.07 -7.71
N ILE A 120 -44.81 34.11 -6.74
CA ILE A 120 -45.74 35.21 -6.50
C ILE A 120 -44.95 36.47 -6.01
N VAL A 121 -43.99 36.26 -5.08
CA VAL A 121 -43.12 37.31 -4.52
C VAL A 121 -42.24 37.94 -5.64
N ARG A 122 -41.58 37.10 -6.52
CA ARG A 122 -40.75 37.58 -7.63
C ARG A 122 -41.60 38.15 -8.78
N ARG A 123 -42.89 38.41 -8.52
CA ARG A 123 -43.84 38.98 -9.47
C ARG A 123 -44.51 40.22 -8.88
N ALA A 124 -44.63 40.30 -7.54
CA ALA A 124 -45.15 41.48 -6.86
C ALA A 124 -44.10 42.61 -6.96
N ARG A 125 -42.81 42.23 -6.79
CA ARG A 125 -41.65 43.12 -6.91
C ARG A 125 -41.42 43.51 -8.37
N ASP A 126 -41.58 42.53 -9.29
CA ASP A 126 -41.38 42.71 -10.74
C ASP A 126 -42.64 43.25 -11.45
N GLY A 127 -43.75 43.37 -10.72
CA GLY A 127 -45.02 43.88 -11.23
C GLY A 127 -45.59 43.03 -12.36
N LYS A 128 -45.69 41.71 -12.14
CA LYS A 128 -46.22 40.76 -13.12
C LYS A 128 -47.39 39.91 -12.52
N LEU A 129 -48.14 40.48 -11.55
CA LEU A 129 -49.28 39.84 -10.90
C LEU A 129 -50.59 40.07 -11.68
N THR A 130 -51.36 38.98 -11.92
CA THR A 130 -52.66 39.04 -12.60
C THR A 130 -53.80 38.96 -11.57
N ALA A 131 -55.05 39.25 -11.98
CA ALA A 131 -56.25 39.23 -11.15
C ALA A 131 -56.51 37.83 -10.57
N GLU A 132 -56.04 36.76 -11.27
CA GLU A 132 -56.15 35.35 -10.91
C GLU A 132 -55.36 35.04 -9.64
N ASP A 133 -54.31 35.83 -9.39
CA ASP A 133 -53.41 35.70 -8.25
C ASP A 133 -54.00 36.27 -6.97
N PHE A 134 -55.11 37.03 -7.07
CA PHE A 134 -55.78 37.67 -5.93
C PHE A 134 -57.12 37.00 -5.58
N SER A 135 -57.62 36.15 -6.46
CA SER A 135 -58.89 35.50 -6.21
C SER A 135 -58.71 34.12 -5.60
N GLY A 136 -59.77 33.64 -4.98
CA GLY A 136 -59.88 32.31 -4.40
C GLY A 136 -59.02 31.97 -3.20
N VAL A 137 -58.71 32.94 -2.32
CA VAL A 137 -57.95 32.67 -1.09
C VAL A 137 -58.91 31.95 -0.10
N THR A 138 -58.40 31.00 0.71
CA THR A 138 -59.25 30.23 1.63
C THR A 138 -58.89 30.53 3.11
N ILE A 139 -57.57 30.69 3.37
CA ILE A 139 -56.94 31.11 4.64
C ILE A 139 -55.84 32.08 4.27
N SER A 140 -55.47 33.00 5.17
CA SER A 140 -54.38 33.94 4.89
C SER A 140 -53.50 34.15 6.12
N LEU A 141 -52.29 34.67 5.88
CA LEU A 141 -51.30 34.97 6.90
C LEU A 141 -50.80 36.39 6.74
N THR A 142 -50.72 37.11 7.87
CA THR A 142 -50.25 38.50 7.90
C THR A 142 -49.13 38.64 8.94
N ASN A 143 -48.20 39.57 8.67
CA ASN A 143 -47.03 39.84 9.49
C ASN A 143 -47.00 41.29 9.99
N PRO A 144 -47.82 41.60 11.05
CA PRO A 144 -47.87 42.97 11.61
C PRO A 144 -46.62 43.84 11.45
N MET A 157 -63.28 40.31 4.67
CA MET A 157 -62.95 38.92 5.00
C MET A 157 -64.01 37.94 4.38
N GLN A 158 -64.85 38.44 3.43
CA GLN A 158 -65.86 37.61 2.73
C GLN A 158 -65.17 36.68 1.69
N GLY A 159 -65.41 35.36 1.83
CA GLY A 159 -64.84 34.31 0.98
C GLY A 159 -63.66 33.57 1.61
N GLN A 160 -63.56 33.67 2.94
CA GLN A 160 -62.49 33.15 3.79
C GLN A 160 -63.03 33.08 5.24
N GLY A 161 -62.77 31.97 5.92
CA GLY A 161 -63.24 31.72 7.27
C GLY A 161 -62.34 32.16 8.41
N ALA A 162 -61.00 32.25 8.16
CA ALA A 162 -60.01 32.64 9.18
C ALA A 162 -58.79 33.37 8.59
N ILE A 163 -58.22 34.31 9.39
CA ILE A 163 -56.99 35.06 9.15
C ILE A 163 -56.02 34.74 10.29
N ILE A 164 -54.83 34.22 9.97
CA ILE A 164 -53.83 33.91 10.98
C ILE A 164 -52.82 35.06 10.98
N GLY A 165 -52.56 35.60 12.17
CA GLY A 165 -51.64 36.71 12.39
C GLY A 165 -50.41 36.27 13.14
N ALA A 166 -49.25 36.78 12.74
CA ALA A 166 -48.00 36.39 13.37
C ALA A 166 -47.29 37.59 13.92
N GLY A 167 -47.07 37.57 15.23
CA GLY A 167 -46.35 38.64 15.92
C GLY A 167 -44.85 38.53 15.76
N ALA A 168 -44.15 39.53 16.33
CA ALA A 168 -42.69 39.57 16.30
C ALA A 168 -42.16 38.64 17.36
N MET A 169 -40.94 38.07 17.14
CA MET A 169 -40.24 37.22 18.10
C MET A 169 -39.98 38.06 19.35
N GLU A 170 -40.55 37.67 20.49
CA GLU A 170 -40.38 38.41 21.75
C GLU A 170 -40.15 37.50 22.95
N TYR A 171 -39.52 38.05 23.99
CA TYR A 171 -39.32 37.35 25.25
C TYR A 171 -40.59 37.56 26.10
N PRO A 172 -40.97 36.59 26.99
CA PRO A 172 -42.17 36.80 27.81
C PRO A 172 -41.95 37.97 28.71
N ALA A 173 -43.01 38.74 29.01
CA ALA A 173 -42.92 39.91 29.90
C ALA A 173 -42.21 39.52 31.19
N GLU A 174 -41.40 40.43 31.70
CA GLU A 174 -40.60 40.22 32.92
C GLU A 174 -39.24 39.61 32.59
N PHE A 175 -39.05 39.14 31.35
CA PHE A 175 -37.76 38.61 30.94
C PHE A 175 -37.16 39.51 29.86
N GLN A 176 -37.88 40.57 29.53
CA GLN A 176 -37.42 41.62 28.61
C GLN A 176 -36.48 42.47 29.45
N GLY A 177 -35.31 42.81 28.91
CA GLY A 177 -34.32 43.57 29.66
C GLY A 177 -33.40 42.71 30.51
N ALA A 178 -33.59 41.38 30.49
CA ALA A 178 -32.75 40.41 31.23
C ALA A 178 -31.55 40.07 30.36
N SER A 179 -30.30 40.08 30.92
CA SER A 179 -29.05 39.82 30.18
C SER A 179 -29.16 38.63 29.23
N GLU A 180 -28.47 38.71 28.05
CA GLU A 180 -28.46 37.64 27.05
C GLU A 180 -27.89 36.34 27.65
N GLU A 181 -27.16 36.46 28.79
CA GLU A 181 -26.62 35.32 29.55
C GLU A 181 -27.62 34.87 30.63
N ARG A 182 -28.44 35.79 31.22
CA ARG A 182 -29.52 35.39 32.14
C ARG A 182 -30.54 34.55 31.33
N ILE A 183 -30.89 35.01 30.09
CA ILE A 183 -31.78 34.29 29.16
C ILE A 183 -31.21 32.90 28.88
N ALA A 184 -29.88 32.81 28.67
CA ALA A 184 -29.14 31.57 28.39
C ALA A 184 -29.10 30.64 29.60
N ASP A 185 -28.73 31.18 30.79
CA ASP A 185 -28.64 30.42 32.04
C ASP A 185 -29.99 29.85 32.45
N LEU A 186 -31.02 30.70 32.44
CA LEU A 186 -32.37 30.35 32.86
C LEU A 186 -33.12 29.47 31.84
N GLY A 187 -32.62 29.38 30.60
CA GLY A 187 -33.23 28.57 29.54
C GLY A 187 -34.53 29.16 29.01
N ILE A 188 -34.57 30.49 28.85
CA ILE A 188 -35.73 31.24 28.36
C ILE A 188 -35.58 31.51 26.85
N GLY A 189 -36.56 31.06 26.09
CA GLY A 189 -36.62 31.28 24.66
C GLY A 189 -37.62 32.37 24.31
N LYS A 190 -37.50 32.88 23.07
CA LYS A 190 -38.38 33.88 22.47
C LYS A 190 -39.73 33.22 22.09
N LEU A 191 -40.79 34.03 21.93
CA LEU A 191 -42.15 33.55 21.61
C LEU A 191 -42.82 34.29 20.45
N ILE A 192 -43.51 33.53 19.58
CA ILE A 192 -44.36 34.10 18.53
C ILE A 192 -45.77 34.03 19.04
N THR A 193 -46.45 35.17 19.02
CA THR A 193 -47.85 35.18 19.39
C THR A 193 -48.64 35.02 18.10
N LEU A 194 -49.41 33.94 18.05
CA LEU A 194 -50.24 33.64 16.90
C LEU A 194 -51.65 33.98 17.25
N THR A 195 -52.30 34.67 16.34
CA THR A 195 -53.71 35.05 16.45
C THR A 195 -54.47 34.34 15.35
N SER A 196 -55.77 34.14 15.57
CA SER A 196 -56.71 33.53 14.64
C SER A 196 -58.02 34.31 14.74
N THR A 197 -58.28 35.15 13.75
CA THR A 197 -59.53 35.92 13.70
C THR A 197 -60.42 35.07 12.81
N TYR A 198 -61.46 34.48 13.41
CA TYR A 198 -62.35 33.56 12.70
C TYR A 198 -63.81 34.01 12.68
N ASP A 199 -64.52 33.59 11.62
CA ASP A 199 -65.95 33.76 11.40
C ASP A 199 -66.67 32.85 12.41
N HIS A 200 -67.31 33.41 13.46
CA HIS A 200 -67.92 32.58 14.51
C HIS A 200 -69.25 31.94 14.04
N ARG A 201 -69.74 32.30 12.84
CA ARG A 201 -70.94 31.69 12.24
C ARG A 201 -70.64 30.26 11.78
N ILE A 202 -69.39 30.01 11.33
CA ILE A 202 -68.99 28.72 10.82
C ILE A 202 -67.81 28.05 11.64
N ILE A 203 -67.16 28.79 12.57
CA ILE A 203 -66.02 28.23 13.33
C ILE A 203 -66.22 28.43 14.84
N GLN A 204 -66.02 27.34 15.62
CA GLN A 204 -66.10 27.27 17.09
C GLN A 204 -64.72 27.62 17.74
N GLY A 205 -64.77 28.40 18.81
CA GLY A 205 -63.61 28.86 19.56
C GLY A 205 -62.72 27.75 20.09
N ALA A 206 -63.32 26.58 20.35
CA ALA A 206 -62.58 25.40 20.79
C ALA A 206 -61.75 24.86 19.63
N GLU A 207 -62.29 24.87 18.38
CA GLU A 207 -61.59 24.43 17.17
C GLU A 207 -60.43 25.38 16.83
N SER A 208 -60.72 26.70 16.80
CA SER A 208 -59.74 27.75 16.52
C SER A 208 -58.50 27.63 17.45
N GLY A 209 -58.72 27.34 18.73
CA GLY A 209 -57.67 27.14 19.73
C GLY A 209 -56.80 25.92 19.46
N ASP A 210 -57.43 24.82 18.98
CA ASP A 210 -56.75 23.58 18.62
C ASP A 210 -55.93 23.78 17.35
N PHE A 211 -56.40 24.64 16.40
CA PHE A 211 -55.65 24.95 15.17
C PHE A 211 -54.30 25.53 15.55
N LEU A 212 -54.33 26.53 16.47
CA LEU A 212 -53.14 27.20 16.96
C LEU A 212 -52.31 26.25 17.81
N ARG A 213 -52.95 25.33 18.57
CA ARG A 213 -52.25 24.34 19.38
C ARG A 213 -51.51 23.34 18.45
N THR A 214 -52.07 23.03 17.27
CA THR A 214 -51.51 22.13 16.26
C THR A 214 -50.31 22.82 15.52
N ILE A 215 -50.36 24.15 15.28
CA ILE A 215 -49.25 24.91 14.68
C ILE A 215 -48.12 25.00 15.71
N HIS A 216 -48.48 25.13 16.99
CA HIS A 216 -47.56 25.11 18.12
C HIS A 216 -46.80 23.75 18.10
N GLN A 217 -47.54 22.64 18.07
CA GLN A 217 -47.02 21.26 18.02
C GLN A 217 -46.09 21.05 16.80
N LEU A 218 -46.52 21.48 15.58
CA LEU A 218 -45.77 21.35 14.32
C LEU A 218 -44.43 22.08 14.38
N LEU A 219 -44.44 23.36 14.84
CA LEU A 219 -43.22 24.18 14.94
C LEU A 219 -42.27 23.75 16.10
N LEU A 220 -42.55 22.58 16.70
CA LEU A 220 -41.70 21.96 17.73
C LEU A 220 -41.43 20.49 17.38
N ASP A 221 -42.10 19.99 16.32
CA ASP A 221 -42.13 18.61 15.83
C ASP A 221 -40.91 18.22 15.01
N ASP A 222 -40.36 17.04 15.36
CA ASP A 222 -39.20 16.38 14.78
C ASP A 222 -39.39 16.12 13.30
N ASP A 223 -40.50 15.46 12.94
CA ASP A 223 -40.85 15.08 11.56
C ASP A 223 -41.05 16.32 10.69
N PHE A 224 -41.65 17.40 11.25
CA PHE A 224 -41.87 18.65 10.53
C PHE A 224 -40.53 19.19 9.98
N PHE A 225 -39.54 19.37 10.87
CA PHE A 225 -38.22 19.85 10.48
C PHE A 225 -37.44 18.77 9.72
N ASP A 226 -37.77 17.46 9.88
CA ASP A 226 -37.12 16.39 9.12
C ASP A 226 -37.42 16.57 7.64
N GLU A 227 -38.70 16.88 7.29
CA GLU A 227 -39.14 17.12 5.92
C GLU A 227 -38.57 18.42 5.32
N ILE A 228 -38.53 19.50 6.10
CA ILE A 228 -38.02 20.78 5.64
C ILE A 228 -36.56 20.62 5.21
N PHE A 229 -35.76 19.90 6.01
CA PHE A 229 -34.36 19.63 5.77
C PHE A 229 -34.22 18.73 4.55
N ARG A 230 -34.99 17.64 4.49
CA ARG A 230 -35.02 16.70 3.36
C ARG A 230 -35.22 17.46 2.03
N GLU A 231 -36.28 18.28 2.01
CA GLU A 231 -36.77 19.08 0.90
C GLU A 231 -35.79 20.16 0.48
N LEU A 232 -34.84 20.53 1.36
CA LEU A 232 -33.82 21.52 1.04
C LEU A 232 -32.46 20.86 0.78
N GLY A 233 -32.40 19.53 0.95
CA GLY A 233 -31.21 18.72 0.75
C GLY A 233 -30.19 18.82 1.86
N ILE A 234 -30.62 19.18 3.09
CA ILE A 234 -29.70 19.35 4.22
C ILE A 234 -29.50 17.97 4.82
N PRO A 235 -28.25 17.43 4.74
CA PRO A 235 -28.01 16.06 5.24
C PRO A 235 -27.89 15.94 6.76
N TYR A 236 -27.87 17.07 7.47
CA TYR A 236 -27.71 17.13 8.92
C TYR A 236 -29.02 17.00 9.64
N GLU A 237 -28.97 16.41 10.84
CA GLU A 237 -30.13 16.25 11.71
C GLU A 237 -30.57 17.60 12.18
N PRO A 238 -31.87 17.94 12.08
CA PRO A 238 -32.29 19.25 12.61
C PRO A 238 -32.12 19.36 14.14
N VAL A 239 -32.07 20.61 14.61
CA VAL A 239 -32.09 20.96 16.04
C VAL A 239 -33.41 20.38 16.58
N ARG A 240 -33.35 19.67 17.70
CA ARG A 240 -34.47 18.93 18.27
C ARG A 240 -35.04 19.56 19.51
N TRP A 241 -36.37 19.55 19.63
CA TRP A 241 -37.00 20.09 20.82
C TRP A 241 -36.93 19.06 21.95
N ARG A 242 -36.04 19.31 22.90
CA ARG A 242 -35.86 18.43 24.04
C ARG A 242 -35.84 19.23 25.33
N THR A 243 -36.04 18.52 26.48
CA THR A 243 -36.02 19.15 27.81
C THR A 243 -34.56 19.42 28.18
N ASP A 244 -34.30 20.62 28.75
CA ASP A 244 -32.97 21.07 29.17
C ASP A 244 -32.37 20.09 30.16
N ASN A 245 -31.16 19.58 29.85
CA ASN A 245 -30.41 18.66 30.69
C ASN A 245 -30.12 19.35 32.03
N PRO A 246 -30.44 18.67 33.17
CA PRO A 246 -30.31 19.34 34.47
C PRO A 246 -28.88 19.43 35.03
N ASP A 247 -27.90 18.77 34.37
CA ASP A 247 -26.49 18.78 34.77
C ASP A 247 -25.86 20.18 34.70
N SER A 248 -24.81 20.38 35.51
CA SER A 248 -24.04 21.60 35.62
C SER A 248 -23.25 21.91 34.34
N ILE A 249 -22.77 23.15 34.22
CA ILE A 249 -21.99 23.66 33.09
C ILE A 249 -20.65 22.92 32.98
N GLU A 250 -20.00 22.63 34.13
CA GLU A 250 -18.70 21.95 34.18
C GLU A 250 -18.82 20.52 33.64
N ASP A 251 -19.91 19.80 34.03
CA ASP A 251 -20.21 18.43 33.60
C ASP A 251 -20.51 18.35 32.10
N LYS A 252 -21.27 19.35 31.58
CA LYS A 252 -21.64 19.50 30.17
C LYS A 252 -20.40 19.87 29.35
N ASN A 253 -19.54 20.77 29.90
CA ASN A 253 -18.30 21.22 29.27
C ASN A 253 -17.42 20.03 28.93
N ALA A 254 -17.36 19.03 29.83
CA ALA A 254 -16.62 17.79 29.65
C ALA A 254 -17.17 17.04 28.43
N ARG A 255 -18.49 16.99 28.30
CA ARG A 255 -19.14 16.35 27.16
C ARG A 255 -18.90 17.18 25.88
N VAL A 256 -18.86 18.54 25.97
CA VAL A 256 -18.57 19.38 24.79
C VAL A 256 -17.15 19.03 24.26
N ILE A 257 -16.18 18.96 25.14
CA ILE A 257 -14.81 18.65 24.79
C ILE A 257 -14.69 17.23 24.19
N GLU A 258 -15.50 16.25 24.68
CA GLU A 258 -15.52 14.89 24.14
C GLU A 258 -15.97 14.95 22.70
N LEU A 259 -17.04 15.74 22.46
CA LEU A 259 -17.69 15.98 21.17
C LEU A 259 -16.72 16.68 20.15
N ILE A 260 -15.92 17.67 20.59
CA ILE A 260 -14.90 18.37 19.79
C ILE A 260 -13.87 17.35 19.28
N ALA A 261 -13.39 16.46 20.16
CA ALA A 261 -12.43 15.40 19.84
C ALA A 261 -13.02 14.44 18.84
N ALA A 262 -14.31 14.06 18.99
CA ALA A 262 -14.96 13.14 18.05
C ALA A 262 -15.04 13.75 16.64
N TYR A 263 -15.36 15.03 16.51
CA TYR A 263 -15.40 15.66 15.17
C TYR A 263 -14.01 15.70 14.53
N ARG A 264 -13.01 16.13 15.33
CA ARG A 264 -11.62 16.21 14.90
C ARG A 264 -11.11 14.87 14.43
N ASN A 265 -11.36 13.79 15.22
CA ASN A 265 -10.91 12.44 14.89
C ASN A 265 -11.69 11.75 13.76
N ARG A 266 -13.04 11.81 13.78
CA ARG A 266 -13.84 11.03 12.85
C ARG A 266 -15.05 11.77 12.22
N GLY A 267 -15.00 13.10 12.21
CA GLY A 267 -16.02 13.91 11.56
C GLY A 267 -16.05 13.64 10.08
N HIS A 268 -14.91 13.23 9.51
CA HIS A 268 -14.75 12.87 8.09
C HIS A 268 -15.67 11.72 7.65
N LEU A 269 -16.14 10.87 8.61
CA LEU A 269 -17.01 9.71 8.37
C LEU A 269 -18.44 10.13 8.06
N MET A 270 -18.79 11.38 8.34
CA MET A 270 -20.13 11.95 8.19
C MET A 270 -20.20 13.17 7.29
N ALA A 271 -19.06 13.56 6.68
CA ALA A 271 -18.96 14.72 5.77
C ALA A 271 -19.68 14.44 4.47
N ASP A 272 -20.25 15.49 3.87
CA ASP A 272 -20.99 15.48 2.61
C ASP A 272 -19.98 15.62 1.45
N ILE A 273 -19.17 14.56 1.26
CA ILE A 273 -18.05 14.50 0.30
C ILE A 273 -18.45 13.86 -1.05
N ASP A 274 -19.53 13.03 -1.08
CA ASP A 274 -19.97 12.28 -2.27
C ASP A 274 -20.97 13.09 -3.11
N PRO A 275 -20.58 13.58 -4.33
CA PRO A 275 -21.54 14.33 -5.15
C PRO A 275 -22.80 13.52 -5.54
N LEU A 276 -22.72 12.18 -5.55
CA LEU A 276 -23.86 11.32 -5.89
C LEU A 276 -24.75 10.97 -4.67
N ARG A 277 -24.24 11.09 -3.43
CA ARG A 277 -24.94 10.74 -2.20
C ARG A 277 -25.54 9.31 -2.31
N LEU A 278 -24.72 8.32 -2.74
CA LEU A 278 -25.16 6.93 -2.94
C LEU A 278 -25.53 6.26 -1.64
N ASP A 279 -24.76 6.50 -0.56
CA ASP A 279 -25.02 5.91 0.76
C ASP A 279 -25.74 6.90 1.69
N ASN A 280 -27.07 6.74 1.78
CA ASN A 280 -27.98 7.56 2.59
C ASN A 280 -27.59 7.51 4.10
N THR A 281 -27.35 6.27 4.59
CA THR A 281 -27.02 5.88 5.96
C THR A 281 -25.87 6.68 6.55
N ARG A 282 -24.97 7.17 5.69
CA ARG A 282 -23.75 7.93 6.01
C ARG A 282 -23.95 9.07 7.03
N PHE A 283 -25.10 9.78 6.99
CA PHE A 283 -25.39 10.95 7.82
C PHE A 283 -26.09 10.65 9.15
N ARG A 284 -26.17 9.36 9.52
CA ARG A 284 -26.73 8.94 10.80
C ARG A 284 -25.98 7.74 11.36
N SER A 285 -26.40 7.32 12.58
CA SER A 285 -25.87 6.19 13.36
C SER A 285 -24.38 6.44 13.74
N HIS A 286 -24.12 7.67 14.24
CA HIS A 286 -22.83 8.11 14.77
C HIS A 286 -23.07 8.71 16.15
N PRO A 287 -23.20 7.85 17.17
CA PRO A 287 -23.46 8.35 18.53
C PRO A 287 -22.36 9.25 19.08
N ASP A 288 -21.15 9.12 18.53
CA ASP A 288 -19.95 9.87 18.89
C ASP A 288 -20.05 11.34 18.47
N LEU A 289 -20.69 11.63 17.31
CA LEU A 289 -20.83 12.97 16.77
C LEU A 289 -22.21 13.56 17.07
N ASP A 290 -23.12 12.76 17.66
CA ASP A 290 -24.48 13.23 17.98
C ASP A 290 -24.49 14.03 19.29
N VAL A 291 -24.91 15.28 19.17
CA VAL A 291 -25.01 16.26 20.26
C VAL A 291 -26.01 15.80 21.34
N ASN A 292 -27.11 15.16 20.92
CA ASN A 292 -28.20 14.69 21.76
C ASN A 292 -27.78 13.54 22.67
N SER A 293 -26.90 12.65 22.17
CA SER A 293 -26.40 11.53 22.96
C SER A 293 -25.18 11.95 23.84
N HIS A 294 -25.03 13.28 24.06
CA HIS A 294 -23.96 13.88 24.84
C HIS A 294 -24.54 14.75 25.92
N GLY A 295 -25.80 14.52 26.27
CA GLY A 295 -26.46 15.27 27.34
C GLY A 295 -26.52 16.77 27.12
N LEU A 296 -26.55 17.18 25.84
CA LEU A 296 -26.63 18.55 25.40
C LEU A 296 -27.90 18.69 24.60
N THR A 297 -28.59 19.83 24.73
CA THR A 297 -29.82 20.16 24.03
C THR A 297 -29.71 21.55 23.41
N LEU A 298 -30.74 21.96 22.67
CA LEU A 298 -30.89 23.27 22.03
C LEU A 298 -30.74 24.43 23.07
N TRP A 299 -31.02 24.14 24.37
CA TRP A 299 -30.97 25.09 25.47
C TRP A 299 -29.52 25.49 25.83
N ASP A 300 -28.53 24.71 25.37
CA ASP A 300 -27.11 24.95 25.65
C ASP A 300 -26.40 25.72 24.51
N LEU A 301 -27.09 25.94 23.38
CA LEU A 301 -26.51 26.55 22.19
C LEU A 301 -25.94 27.95 22.42
N ASP A 302 -26.62 28.75 23.25
CA ASP A 302 -26.14 30.10 23.59
C ASP A 302 -25.36 30.09 24.92
N ARG A 303 -25.13 28.90 25.52
CA ARG A 303 -24.35 28.73 26.74
C ARG A 303 -22.87 28.67 26.37
N GLU A 304 -22.00 29.25 27.21
CA GLU A 304 -20.57 29.35 26.91
C GLU A 304 -19.73 28.29 27.61
N PHE A 305 -18.82 27.69 26.84
CA PHE A 305 -18.00 26.56 27.29
C PHE A 305 -16.53 26.82 27.07
N LYS A 306 -15.71 26.41 28.06
CA LYS A 306 -14.26 26.60 28.01
C LYS A 306 -13.66 25.55 27.05
N VAL A 307 -12.88 26.03 26.08
CA VAL A 307 -12.24 25.19 25.05
C VAL A 307 -10.76 25.56 24.99
N ASP A 308 -9.85 24.55 25.08
CA ASP A 308 -8.42 24.78 25.03
C ASP A 308 -7.94 24.83 23.58
N GLY A 309 -6.89 25.60 23.36
CA GLY A 309 -6.29 25.81 22.04
C GLY A 309 -5.02 26.63 22.08
N PHE A 310 -4.75 27.32 20.94
CA PHE A 310 -3.56 28.16 20.69
C PHE A 310 -3.43 29.29 21.71
N ALA A 311 -4.48 30.10 21.87
CA ALA A 311 -4.52 31.22 22.82
C ALA A 311 -4.90 30.74 24.24
N GLY A 312 -4.72 29.44 24.48
CA GLY A 312 -5.08 28.77 25.72
C GLY A 312 -6.59 28.50 25.81
N VAL A 313 -7.13 28.52 27.04
CA VAL A 313 -8.55 28.30 27.31
C VAL A 313 -9.32 29.57 26.91
N GLN A 314 -10.37 29.39 26.08
CA GLN A 314 -11.27 30.43 25.60
C GLN A 314 -12.71 29.97 25.75
N ARG A 315 -13.64 30.89 26.17
CA ARG A 315 -15.07 30.63 26.32
C ARG A 315 -15.79 30.90 25.01
N LYS A 316 -16.49 29.89 24.50
CA LYS A 316 -17.21 29.96 23.23
C LYS A 316 -18.65 29.45 23.35
N LYS A 317 -19.59 30.02 22.56
CA LYS A 317 -20.97 29.55 22.55
C LYS A 317 -21.01 28.18 21.87
N LEU A 318 -21.67 27.16 22.49
CA LEU A 318 -21.77 25.80 21.91
C LEU A 318 -22.21 25.87 20.43
N ARG A 319 -23.16 26.77 20.10
CA ARG A 319 -23.64 27.01 18.73
C ARG A 319 -22.44 27.29 17.79
N ASP A 320 -21.50 28.17 18.22
CA ASP A 320 -20.33 28.55 17.42
C ASP A 320 -19.39 27.39 17.33
N ILE A 321 -19.18 26.69 18.46
CA ILE A 321 -18.34 25.50 18.51
C ILE A 321 -18.81 24.50 17.44
N LEU A 322 -20.11 24.17 17.45
CA LEU A 322 -20.71 23.20 16.53
C LEU A 322 -20.68 23.63 15.09
N SER A 323 -20.91 24.91 14.79
CA SER A 323 -20.93 25.37 13.40
C SER A 323 -19.52 25.35 12.80
N VAL A 324 -18.49 25.69 13.61
CA VAL A 324 -17.10 25.67 13.17
C VAL A 324 -16.73 24.21 12.89
N LEU A 325 -17.10 23.27 13.81
CA LEU A 325 -16.84 21.84 13.65
C LEU A 325 -17.48 21.28 12.39
N ARG A 326 -18.74 21.70 12.08
CA ARG A 326 -19.47 21.27 10.89
C ARG A 326 -18.81 21.77 9.61
N ASP A 327 -18.48 23.08 9.57
CA ASP A 327 -17.85 23.75 8.44
C ASP A 327 -16.49 23.14 8.12
N ALA A 328 -15.73 22.74 9.16
CA ALA A 328 -14.37 22.21 9.07
C ALA A 328 -14.31 20.74 8.74
N TYR A 329 -15.22 19.91 9.32
CA TYR A 329 -15.09 18.48 9.21
C TYR A 329 -16.25 17.73 8.55
N CYS A 330 -17.44 18.34 8.47
CA CYS A 330 -18.62 17.63 7.97
C CYS A 330 -19.29 18.28 6.77
N ARG A 331 -18.62 19.20 6.05
CA ARG A 331 -19.25 19.76 4.86
C ARG A 331 -18.66 19.07 3.61
N HIS A 332 -18.09 19.85 2.65
CA HIS A 332 -17.54 19.32 1.41
C HIS A 332 -16.10 18.84 1.55
N VAL A 333 -15.49 19.00 2.77
CA VAL A 333 -14.11 18.55 3.02
C VAL A 333 -14.02 17.64 4.28
N GLY A 334 -13.57 16.40 4.07
CA GLY A 334 -13.30 15.44 5.11
C GLY A 334 -11.81 15.47 5.40
N VAL A 335 -11.44 15.81 6.64
CA VAL A 335 -10.05 15.94 7.06
C VAL A 335 -9.65 14.78 7.95
N GLU A 336 -8.59 14.05 7.55
CA GLU A 336 -7.94 12.97 8.30
C GLU A 336 -6.54 13.46 8.69
N TYR A 337 -6.30 13.73 9.98
CA TYR A 337 -5.01 14.27 10.40
C TYR A 337 -4.53 13.81 11.78
N THR A 338 -5.44 13.35 12.64
CA THR A 338 -5.14 12.96 14.01
C THR A 338 -4.41 11.59 14.06
N HIS A 339 -3.97 11.06 12.90
CA HIS A 339 -3.16 9.85 12.82
C HIS A 339 -1.67 10.22 12.70
N ILE A 340 -1.40 11.52 12.41
CA ILE A 340 -0.06 12.10 12.23
C ILE A 340 0.61 12.09 13.58
N LEU A 341 1.80 11.48 13.68
CA LEU A 341 2.49 11.36 14.96
C LEU A 341 3.12 12.66 15.41
N GLU A 342 3.46 13.59 14.48
CA GLU A 342 4.09 14.89 14.79
C GLU A 342 3.01 15.89 15.25
N PRO A 343 2.97 16.31 16.54
CA PRO A 343 1.90 17.23 17.01
C PRO A 343 1.84 18.59 16.32
N GLU A 344 3.00 19.18 16.02
CA GLU A 344 3.11 20.45 15.32
C GLU A 344 2.27 20.42 14.03
N GLN A 345 2.37 19.32 13.26
CA GLN A 345 1.68 19.11 11.99
C GLN A 345 0.17 19.00 12.19
N GLN A 346 -0.26 18.34 13.28
CA GLN A 346 -1.69 18.23 13.61
C GLN A 346 -2.27 19.60 13.95
N ARG A 347 -1.54 20.40 14.78
CA ARG A 347 -1.94 21.76 15.17
C ARG A 347 -2.07 22.65 13.93
N TRP A 348 -1.09 22.56 13.01
CA TRP A 348 -1.00 23.30 11.77
C TRP A 348 -2.26 23.12 10.95
N ILE A 349 -2.67 21.86 10.71
CA ILE A 349 -3.88 21.50 9.96
C ILE A 349 -5.09 22.01 10.74
N GLN A 350 -5.18 21.68 12.04
CA GLN A 350 -6.28 22.10 12.92
C GLN A 350 -6.54 23.61 12.85
N GLU A 351 -5.47 24.42 12.95
CA GLU A 351 -5.57 25.87 12.93
C GLU A 351 -6.11 26.36 11.60
N ARG A 352 -5.62 25.82 10.48
CA ARG A 352 -6.04 26.28 9.15
C ARG A 352 -7.46 25.86 8.74
N VAL A 353 -7.88 24.71 9.22
CA VAL A 353 -9.15 24.07 8.89
C VAL A 353 -10.29 24.60 9.81
N GLU A 354 -9.98 25.00 11.06
CA GLU A 354 -10.95 25.47 12.04
C GLU A 354 -11.05 27.02 12.09
N THR A 355 -10.22 27.74 11.34
CA THR A 355 -10.34 29.21 11.31
C THR A 355 -11.42 29.61 10.31
N LYS A 356 -12.02 30.81 10.50
CA LYS A 356 -13.03 31.34 9.59
C LYS A 356 -12.27 31.88 8.37
N HIS A 357 -12.17 31.05 7.31
CA HIS A 357 -11.42 31.40 6.10
C HIS A 357 -12.34 32.12 5.15
N ASP A 358 -11.88 33.32 4.70
CA ASP A 358 -12.59 34.25 3.84
C ASP A 358 -13.09 33.60 2.55
N LYS A 359 -14.32 33.95 2.13
CA LYS A 359 -14.92 33.47 0.89
C LYS A 359 -14.07 33.95 -0.29
N PRO A 360 -13.96 33.20 -1.42
CA PRO A 360 -13.16 33.72 -2.54
C PRO A 360 -13.79 34.98 -3.14
N THR A 361 -12.95 35.80 -3.77
CA THR A 361 -13.42 37.01 -4.43
C THR A 361 -14.20 36.60 -5.68
N VAL A 362 -15.07 37.47 -6.20
CA VAL A 362 -15.87 37.16 -7.39
C VAL A 362 -14.92 36.93 -8.58
N ALA A 363 -13.77 37.64 -8.63
CA ALA A 363 -12.75 37.46 -9.65
C ALA A 363 -12.14 36.05 -9.55
N GLU A 364 -11.96 35.56 -8.30
CA GLU A 364 -11.43 34.24 -8.01
C GLU A 364 -12.46 33.16 -8.38
N GLN A 365 -13.76 33.44 -8.17
CA GLN A 365 -14.85 32.52 -8.52
C GLN A 365 -15.04 32.46 -10.04
N LYS A 366 -14.98 33.64 -10.70
CA LYS A 366 -15.09 33.73 -12.16
C LYS A 366 -13.88 33.04 -12.82
N TYR A 367 -12.71 33.05 -12.15
CA TYR A 367 -11.51 32.38 -12.66
C TYR A 367 -11.67 30.86 -12.56
N ILE A 368 -12.13 30.36 -11.37
CA ILE A 368 -12.40 28.92 -11.16
C ILE A 368 -13.43 28.45 -12.19
N LEU A 369 -14.48 29.26 -12.42
CA LEU A 369 -15.50 28.91 -13.40
C LEU A 369 -14.94 28.93 -14.82
N SER A 370 -14.03 29.87 -15.16
CA SER A 370 -13.42 29.92 -16.51
C SER A 370 -12.61 28.62 -16.80
N LYS A 371 -12.03 28.01 -15.75
CA LYS A 371 -11.25 26.78 -15.81
C LYS A 371 -12.17 25.58 -16.04
N LEU A 372 -13.37 25.59 -15.39
CA LEU A 372 -14.39 24.55 -15.53
C LEU A 372 -14.98 24.61 -16.94
N ASN A 373 -15.13 25.84 -17.49
CA ASN A 373 -15.63 26.11 -18.84
C ASN A 373 -14.68 25.50 -19.86
N ALA A 374 -13.35 25.75 -19.70
CA ALA A 374 -12.29 25.23 -20.55
C ALA A 374 -12.25 23.69 -20.49
N ALA A 375 -12.37 23.14 -19.25
CA ALA A 375 -12.35 21.70 -18.99
C ALA A 375 -13.53 21.00 -19.65
N GLU A 376 -14.75 21.56 -19.47
CA GLU A 376 -15.98 21.00 -20.02
C GLU A 376 -16.02 21.16 -21.54
N ALA A 377 -15.57 22.31 -22.07
CA ALA A 377 -15.51 22.55 -23.51
C ALA A 377 -14.59 21.54 -24.18
N PHE A 378 -13.39 21.34 -23.60
CA PHE A 378 -12.43 20.38 -24.13
C PHE A 378 -13.02 18.99 -24.15
N GLU A 379 -13.71 18.60 -23.06
CA GLU A 379 -14.33 17.27 -22.97
C GLU A 379 -15.42 17.09 -24.03
N THR A 380 -16.30 18.09 -24.18
CA THR A 380 -17.40 18.11 -25.16
C THR A 380 -16.82 17.93 -26.56
N PHE A 381 -15.74 18.66 -26.88
CA PHE A 381 -15.08 18.58 -28.18
C PHE A 381 -14.52 17.19 -28.44
N LEU A 382 -13.78 16.65 -27.48
CA LEU A 382 -13.11 15.36 -27.55
C LEU A 382 -14.08 14.23 -27.92
N GLN A 383 -15.24 14.21 -27.26
CA GLN A 383 -16.25 13.17 -27.48
C GLN A 383 -17.09 13.43 -28.75
N THR A 384 -17.15 14.69 -29.22
CA THR A 384 -17.89 15.06 -30.44
C THR A 384 -17.02 14.83 -31.68
N LYS A 385 -15.82 15.42 -31.72
CA LYS A 385 -14.91 15.36 -32.87
C LYS A 385 -14.18 14.01 -33.04
N TYR A 386 -14.09 13.18 -31.98
CA TYR A 386 -13.37 11.91 -32.12
C TYR A 386 -14.13 10.74 -31.51
N VAL A 387 -13.95 9.56 -32.12
CA VAL A 387 -14.53 8.30 -31.68
C VAL A 387 -13.43 7.45 -31.00
N GLY A 388 -13.82 6.76 -29.93
CA GLY A 388 -12.93 5.93 -29.12
C GLY A 388 -12.24 6.70 -28.00
N GLN A 389 -12.82 7.86 -27.62
CA GLN A 389 -12.31 8.75 -26.58
C GLN A 389 -13.09 8.63 -25.26
N LYS A 390 -14.07 7.71 -25.18
CA LYS A 390 -14.91 7.50 -24.00
C LYS A 390 -14.07 6.99 -22.80
N ARG A 391 -12.92 6.30 -23.05
CA ARG A 391 -12.13 5.75 -21.94
C ARG A 391 -11.30 6.84 -21.23
N PHE A 392 -11.00 7.95 -21.92
CA PHE A 392 -10.20 9.06 -21.37
C PHE A 392 -11.10 10.21 -20.89
N SER A 393 -12.43 10.00 -20.90
CA SER A 393 -13.39 11.00 -20.51
C SER A 393 -13.27 11.39 -19.04
N LEU A 394 -13.19 12.72 -18.80
CA LEU A 394 -13.10 13.37 -17.50
C LEU A 394 -14.49 13.86 -17.11
N GLU A 395 -15.51 13.44 -17.87
CA GLU A 395 -16.89 13.81 -17.63
C GLU A 395 -17.35 13.24 -16.26
N GLY A 396 -17.51 14.14 -15.29
CA GLY A 396 -17.90 13.85 -13.91
C GLY A 396 -16.76 14.19 -12.98
N ALA A 397 -15.53 14.42 -13.54
CA ALA A 397 -14.30 14.71 -12.80
C ALA A 397 -13.58 15.97 -13.27
N GLU A 398 -14.26 16.88 -14.01
CA GLU A 398 -13.66 18.09 -14.60
C GLU A 398 -13.13 19.09 -13.56
N THR A 399 -13.46 18.93 -12.27
CA THR A 399 -12.99 19.82 -11.21
C THR A 399 -11.50 19.57 -10.94
N VAL A 400 -10.96 18.41 -11.38
CA VAL A 400 -9.56 18.10 -11.22
C VAL A 400 -8.73 19.21 -11.91
N ILE A 401 -9.24 19.78 -13.06
CA ILE A 401 -8.56 20.86 -13.81
C ILE A 401 -8.44 22.13 -12.89
N PRO A 402 -9.53 22.80 -12.39
CA PRO A 402 -9.31 23.93 -11.46
C PRO A 402 -8.47 23.54 -10.22
N MET A 403 -8.61 22.30 -9.70
CA MET A 403 -7.83 21.80 -8.55
C MET A 403 -6.31 21.79 -8.83
N MET A 404 -5.91 21.16 -9.95
CA MET A 404 -4.52 21.10 -10.44
C MET A 404 -3.98 22.50 -10.77
N ASP A 405 -4.85 23.40 -11.22
CA ASP A 405 -4.49 24.78 -11.51
C ASP A 405 -4.10 25.49 -10.19
N ALA A 406 -4.91 25.29 -9.10
CA ALA A 406 -4.67 25.87 -7.77
C ALA A 406 -3.35 25.38 -7.21
N VAL A 407 -3.03 24.08 -7.41
CA VAL A 407 -1.78 23.45 -6.95
C VAL A 407 -0.57 24.20 -7.56
N ILE A 408 -0.54 24.29 -8.90
CA ILE A 408 0.53 24.88 -9.70
C ILE A 408 0.64 26.37 -9.43
N ASP A 409 -0.51 27.05 -9.26
CA ASP A 409 -0.50 28.48 -8.94
C ASP A 409 0.13 28.70 -7.55
N GLN A 410 -0.23 27.82 -6.56
CA GLN A 410 0.28 27.92 -5.20
C GLN A 410 1.78 27.62 -5.14
N CYS A 411 2.31 26.75 -6.02
CA CYS A 411 3.74 26.48 -6.11
C CYS A 411 4.44 27.74 -6.66
N ALA A 412 3.81 28.41 -7.67
CA ALA A 412 4.32 29.64 -8.25
C ALA A 412 4.30 30.77 -7.20
N GLU A 413 3.29 30.77 -6.32
CA GLU A 413 3.17 31.74 -5.21
C GLU A 413 4.34 31.60 -4.25
N HIS A 414 4.82 30.37 -4.02
CA HIS A 414 5.97 30.07 -3.16
C HIS A 414 7.31 30.29 -3.90
N GLY A 415 7.22 30.74 -5.16
CA GLY A 415 8.37 31.03 -6.01
C GLY A 415 9.19 29.81 -6.38
N LEU A 416 8.53 28.64 -6.54
CA LEU A 416 9.21 27.39 -6.87
C LEU A 416 9.55 27.34 -8.37
N ASP A 417 10.41 26.40 -8.76
CA ASP A 417 10.94 26.33 -10.13
C ASP A 417 10.08 25.53 -11.12
N GLU A 418 9.62 24.34 -10.73
CA GLU A 418 8.89 23.49 -11.66
C GLU A 418 7.96 22.53 -10.94
N VAL A 419 6.89 22.12 -11.62
CA VAL A 419 5.92 21.10 -11.20
C VAL A 419 5.98 20.01 -12.26
N VAL A 420 6.37 18.80 -11.86
CA VAL A 420 6.46 17.64 -12.76
C VAL A 420 5.27 16.77 -12.39
N ILE A 421 4.41 16.51 -13.38
CA ILE A 421 3.18 15.71 -13.25
C ILE A 421 3.36 14.30 -13.80
N ALA A 422 2.79 13.32 -13.10
CA ALA A 422 2.64 11.92 -13.53
C ALA A 422 1.20 11.59 -13.31
N MET A 423 0.58 10.97 -14.30
CA MET A 423 -0.85 10.67 -14.23
C MET A 423 -1.23 9.51 -15.16
N PRO A 424 -2.39 8.84 -14.90
CA PRO A 424 -2.88 7.86 -15.88
C PRO A 424 -3.45 8.58 -17.14
N HIS A 425 -4.12 7.84 -18.04
CA HIS A 425 -4.67 8.40 -19.29
C HIS A 425 -5.91 9.28 -19.08
N ARG A 426 -6.75 8.99 -18.05
CA ARG A 426 -8.00 9.73 -17.79
C ARG A 426 -7.77 11.25 -17.62
N GLY A 427 -8.19 12.00 -18.63
CA GLY A 427 -8.14 13.45 -18.69
C GLY A 427 -6.82 14.05 -19.13
N ARG A 428 -5.88 13.23 -19.60
CA ARG A 428 -4.52 13.65 -19.96
C ARG A 428 -4.41 14.79 -21.00
N LEU A 429 -5.19 14.73 -22.11
CA LEU A 429 -5.08 15.79 -23.12
C LEU A 429 -5.70 17.09 -22.58
N ASN A 430 -6.66 16.95 -21.64
CA ASN A 430 -7.27 18.10 -20.97
C ASN A 430 -6.23 18.83 -20.12
N VAL A 431 -5.35 18.05 -19.45
CA VAL A 431 -4.24 18.52 -18.62
C VAL A 431 -3.20 19.18 -19.56
N LEU A 432 -2.95 18.59 -20.75
CA LEU A 432 -2.01 19.14 -21.71
C LEU A 432 -2.42 20.54 -22.15
N ALA A 433 -3.72 20.74 -22.42
CA ALA A 433 -4.27 22.00 -22.90
C ALA A 433 -4.45 23.03 -21.82
N ASN A 434 -5.13 22.63 -20.73
CA ASN A 434 -5.54 23.54 -19.68
C ASN A 434 -4.61 23.62 -18.48
N ILE A 435 -3.55 22.81 -18.42
CA ILE A 435 -2.62 22.84 -17.28
C ILE A 435 -1.18 23.03 -17.81
N VAL A 436 -0.73 22.17 -18.76
CA VAL A 436 0.63 22.30 -19.30
C VAL A 436 0.65 23.50 -20.27
N GLY A 437 -0.51 23.84 -20.81
CA GLY A 437 -0.70 24.98 -21.70
C GLY A 437 -0.26 24.78 -23.14
N LYS A 438 -0.16 23.51 -23.59
CA LYS A 438 0.21 23.16 -24.95
C LYS A 438 -0.90 23.60 -25.93
N PRO A 439 -0.56 24.13 -27.15
CA PRO A 439 -1.63 24.53 -28.07
C PRO A 439 -2.32 23.32 -28.72
N TYR A 440 -3.57 23.49 -29.20
CA TYR A 440 -4.36 22.45 -29.86
C TYR A 440 -3.69 21.92 -31.12
N SER A 441 -2.92 22.79 -31.82
CA SER A 441 -2.14 22.48 -33.02
C SER A 441 -1.08 21.40 -32.73
N GLN A 442 -0.47 21.45 -31.53
CA GLN A 442 0.57 20.53 -31.08
C GLN A 442 -0.02 19.25 -30.51
N ILE A 443 -1.14 19.35 -29.77
CA ILE A 443 -1.82 18.20 -29.14
C ILE A 443 -2.42 17.26 -30.21
N PHE A 444 -3.17 17.81 -31.19
CA PHE A 444 -3.89 17.04 -32.18
C PHE A 444 -3.15 16.87 -33.54
N SER A 445 -1.82 17.08 -33.60
CA SER A 445 -1.10 16.89 -34.87
C SER A 445 -1.03 15.38 -35.22
N GLU A 446 -1.85 14.97 -36.24
CA GLU A 446 -2.05 13.61 -36.74
C GLU A 446 -2.75 12.77 -35.66
N PHE A 447 -4.00 13.15 -35.29
CA PHE A 447 -4.74 12.42 -34.27
C PHE A 447 -5.39 11.16 -34.86
N ASP A 461 -4.34 5.92 -28.52
CA ASP A 461 -3.24 6.65 -29.18
C ASP A 461 -2.06 6.87 -28.22
N VAL A 462 -0.86 7.06 -28.81
CA VAL A 462 0.43 7.27 -28.16
C VAL A 462 0.47 8.65 -27.44
N LYS A 463 -0.32 9.66 -27.89
CA LYS A 463 -0.38 11.01 -27.29
C LYS A 463 -0.72 10.96 -25.80
N TYR A 464 -1.43 9.89 -25.37
CA TYR A 464 -1.82 9.62 -23.98
C TYR A 464 -0.68 9.02 -23.15
N HIS A 465 0.52 8.86 -23.75
CA HIS A 465 1.67 8.27 -23.07
C HIS A 465 2.92 9.11 -23.14
N LEU A 466 2.96 10.13 -24.01
CA LEU A 466 4.15 10.98 -24.21
C LEU A 466 4.25 12.13 -23.21
N GLY A 467 5.48 12.59 -22.97
CA GLY A 467 5.77 13.70 -22.07
C GLY A 467 5.61 15.06 -22.71
N ALA A 468 5.55 16.10 -21.88
CA ALA A 468 5.38 17.46 -22.35
C ALA A 468 6.02 18.45 -21.40
N THR A 469 6.28 19.68 -21.87
CA THR A 469 6.85 20.77 -21.09
C THR A 469 6.14 22.04 -21.46
N GLY A 470 5.79 22.81 -20.45
CA GLY A 470 5.14 24.09 -20.61
C GLY A 470 5.57 25.05 -19.54
N THR A 471 5.00 26.22 -19.61
CA THR A 471 5.20 27.29 -18.66
C THR A 471 3.83 27.72 -18.22
N TYR A 472 3.68 27.92 -16.92
CA TYR A 472 2.45 28.39 -16.33
C TYR A 472 2.67 29.83 -15.89
N ILE A 473 1.77 30.74 -16.28
CA ILE A 473 1.83 32.15 -15.87
C ILE A 473 0.71 32.36 -14.85
N GLN A 474 1.00 32.99 -13.70
CA GLN A 474 -0.01 33.28 -12.69
C GLN A 474 -1.05 34.28 -13.23
N MET A 475 -2.31 34.10 -12.81
CA MET A 475 -3.40 34.97 -13.21
C MET A 475 -3.34 36.28 -12.40
N PHE A 476 -3.40 36.16 -11.05
CA PHE A 476 -3.39 37.29 -10.12
C PHE A 476 -1.98 37.63 -9.64
N GLY A 477 -1.17 36.61 -9.40
CA GLY A 477 0.23 36.74 -9.01
C GLY A 477 1.13 37.16 -10.15
N ASP A 478 2.39 37.44 -9.84
CA ASP A 478 3.38 37.95 -10.78
C ASP A 478 4.47 36.91 -11.12
N ASN A 479 4.24 35.63 -10.73
CA ASN A 479 5.21 34.57 -10.96
C ASN A 479 4.83 33.60 -12.11
N ASP A 480 5.83 32.87 -12.61
CA ASP A 480 5.66 31.84 -13.62
C ASP A 480 6.41 30.63 -13.15
N ILE A 481 5.92 29.46 -13.52
CA ILE A 481 6.51 28.20 -13.10
C ILE A 481 6.48 27.24 -14.30
N GLU A 482 7.50 26.38 -14.38
CA GLU A 482 7.58 25.38 -15.44
C GLU A 482 6.65 24.23 -15.08
N VAL A 483 5.91 23.73 -16.06
CA VAL A 483 5.03 22.58 -15.83
C VAL A 483 5.45 21.51 -16.79
N SER A 484 5.61 20.31 -16.31
CA SER A 484 5.99 19.24 -17.22
C SER A 484 5.26 17.95 -16.84
N LEU A 485 4.99 17.13 -17.85
CA LEU A 485 4.31 15.86 -17.71
C LEU A 485 5.24 14.76 -18.18
N THR A 486 5.33 13.68 -17.41
CA THR A 486 6.23 12.57 -17.76
C THR A 486 5.49 11.44 -18.57
N ALA A 487 6.25 10.73 -19.43
CA ALA A 487 5.76 9.58 -20.20
C ALA A 487 5.43 8.42 -19.25
N ASN A 488 4.48 7.57 -19.63
CA ASN A 488 4.06 6.44 -18.79
C ASN A 488 3.37 5.34 -19.61
N PRO A 489 3.41 4.04 -19.18
CA PRO A 489 2.69 3.00 -19.92
C PRO A 489 1.24 2.96 -19.47
N SER A 490 0.53 1.88 -19.88
CA SER A 490 -0.85 1.63 -19.50
C SER A 490 -0.88 0.94 -18.14
N HIS A 491 0.29 0.46 -17.65
CA HIS A 491 0.45 -0.15 -16.30
C HIS A 491 0.29 0.91 -15.27
N LEU A 492 -0.89 0.92 -14.63
CA LEU A 492 -1.30 1.91 -13.63
C LEU A 492 -0.34 1.96 -12.45
N GLU A 493 0.04 3.17 -12.07
CA GLU A 493 0.88 3.47 -10.91
C GLU A 493 2.37 3.13 -11.15
N ALA A 494 2.73 2.43 -12.23
CA ALA A 494 4.14 2.09 -12.50
C ALA A 494 5.06 3.32 -12.60
N VAL A 495 4.50 4.48 -13.01
CA VAL A 495 5.24 5.74 -13.17
C VAL A 495 5.51 6.43 -11.82
N ASP A 496 4.73 6.09 -10.77
CA ASP A 496 4.90 6.72 -9.46
C ASP A 496 6.41 6.83 -9.07
N PRO A 497 7.23 5.73 -9.02
CA PRO A 497 8.64 5.90 -8.63
C PRO A 497 9.47 6.65 -9.69
N VAL A 498 9.08 6.54 -10.98
CA VAL A 498 9.79 7.17 -12.09
C VAL A 498 9.73 8.67 -11.90
N LEU A 499 8.53 9.22 -11.55
CA LEU A 499 8.32 10.65 -11.30
C LEU A 499 9.24 11.16 -10.20
N GLU A 500 9.32 10.39 -9.12
CA GLU A 500 10.13 10.68 -7.95
C GLU A 500 11.60 10.79 -8.31
N GLY A 501 12.08 9.83 -9.11
CA GLY A 501 13.46 9.77 -9.58
C GLY A 501 13.79 10.94 -10.46
N LEU A 502 12.83 11.27 -11.34
CA LEU A 502 12.94 12.38 -12.29
C LEU A 502 12.94 13.74 -11.52
N VAL A 503 12.08 13.91 -10.48
CA VAL A 503 12.05 15.15 -9.68
C VAL A 503 13.35 15.27 -8.88
N ARG A 504 13.84 14.15 -8.33
CA ARG A 504 15.07 14.17 -7.52
C ARG A 504 16.30 14.63 -8.36
N ALA A 505 16.38 14.19 -9.63
CA ALA A 505 17.46 14.53 -10.55
C ALA A 505 17.45 16.02 -10.87
N LYS A 506 16.24 16.61 -11.02
CA LYS A 506 16.03 18.03 -11.30
C LYS A 506 16.39 18.89 -10.08
N GLN A 507 16.03 18.39 -8.87
CA GLN A 507 16.33 19.07 -7.61
C GLN A 507 17.83 19.15 -7.40
N ASP A 508 18.54 18.01 -7.60
CA ASP A 508 19.99 17.92 -7.44
C ASP A 508 20.71 18.87 -8.40
N LEU A 509 20.18 19.02 -9.65
CA LEU A 509 20.72 19.95 -10.65
C LEU A 509 20.52 21.39 -10.24
N LEU A 510 19.40 21.68 -9.57
CA LEU A 510 19.04 23.03 -9.15
C LEU A 510 19.60 23.37 -7.80
N ASP A 511 20.43 22.47 -7.23
CA ASP A 511 21.06 22.65 -5.92
C ASP A 511 19.95 22.94 -4.87
N THR A 512 18.83 22.19 -4.95
CA THR A 512 17.72 22.38 -4.02
C THR A 512 17.37 21.06 -3.31
N GLY A 513 17.05 21.20 -2.03
CA GLY A 513 16.67 20.09 -1.16
C GLY A 513 17.79 19.38 -0.43
N GLU A 514 17.75 18.03 -0.52
CA GLU A 514 18.63 17.09 0.16
C GLU A 514 20.09 17.21 -0.29
N GLU A 515 20.34 17.28 -1.61
CA GLU A 515 21.68 17.43 -2.15
C GLU A 515 21.83 18.88 -2.68
N GLY A 516 21.21 19.80 -1.94
CA GLY A 516 21.21 21.22 -2.24
C GLY A 516 21.41 22.11 -1.02
N SER A 517 21.98 23.30 -1.28
CA SER A 517 22.28 24.33 -0.28
C SER A 517 20.99 24.88 0.36
N ASP A 518 19.86 24.93 -0.39
CA ASP A 518 18.58 25.35 0.19
C ASP A 518 17.74 24.12 0.54
N ASN A 519 16.71 24.30 1.40
CA ASN A 519 15.81 23.22 1.78
C ASN A 519 14.41 23.58 1.30
N ARG A 520 14.30 24.00 0.03
CA ARG A 520 13.04 24.43 -0.58
C ARG A 520 12.39 23.34 -1.39
N PHE A 521 13.21 22.44 -1.99
CA PHE A 521 12.74 21.35 -2.89
C PHE A 521 11.87 22.01 -3.95
N SER A 522 12.46 23.00 -4.65
CA SER A 522 11.80 23.90 -5.59
C SER A 522 11.23 23.19 -6.86
N VAL A 523 11.37 21.85 -6.97
CA VAL A 523 10.76 21.02 -8.01
C VAL A 523 9.72 20.15 -7.30
N VAL A 524 8.45 20.26 -7.69
CA VAL A 524 7.34 19.58 -7.01
C VAL A 524 6.76 18.40 -7.79
N PRO A 525 6.68 17.19 -7.16
CA PRO A 525 5.98 16.08 -7.84
C PRO A 525 4.47 16.22 -7.60
N LEU A 526 3.67 16.16 -8.68
CA LEU A 526 2.20 16.19 -8.65
C LEU A 526 1.79 14.89 -9.30
N MET A 527 1.30 13.95 -8.48
CA MET A 527 1.01 12.61 -8.91
C MET A 527 -0.46 12.32 -8.86
N LEU A 528 -1.09 12.04 -10.03
CA LEU A 528 -2.51 11.67 -10.13
C LEU A 528 -2.65 10.14 -10.11
N HIS A 529 -3.81 9.69 -9.64
CA HIS A 529 -4.16 8.29 -9.48
C HIS A 529 -5.65 8.12 -9.59
N GLY A 530 -6.07 6.88 -9.84
CA GLY A 530 -7.46 6.48 -9.83
C GLY A 530 -7.68 5.76 -8.53
N ASP A 531 -8.95 5.66 -8.08
CA ASP A 531 -9.26 5.04 -6.78
C ASP A 531 -8.90 3.55 -6.67
N ALA A 532 -9.21 2.73 -7.70
CA ALA A 532 -8.90 1.29 -7.62
C ALA A 532 -7.38 0.97 -7.69
N ALA A 533 -6.63 1.66 -8.57
CA ALA A 533 -5.21 1.44 -8.76
C ALA A 533 -4.42 1.89 -7.52
N PHE A 534 -4.80 3.04 -6.91
CA PHE A 534 -4.12 3.56 -5.72
C PHE A 534 -4.18 2.57 -4.55
N ALA A 535 -5.30 1.85 -4.40
CA ALA A 535 -5.53 0.90 -3.31
C ALA A 535 -4.91 -0.48 -3.58
N GLY A 536 -5.01 -0.93 -4.81
CA GLY A 536 -4.56 -2.27 -5.13
C GLY A 536 -3.13 -2.47 -5.58
N GLN A 537 -2.43 -1.41 -6.08
CA GLN A 537 -1.05 -1.55 -6.59
C GLN A 537 0.02 -1.27 -5.50
N GLY A 538 0.86 -2.28 -5.25
CA GLY A 538 1.92 -2.22 -4.24
C GLY A 538 3.01 -1.19 -4.46
N VAL A 539 3.22 -0.76 -5.73
CA VAL A 539 4.25 0.22 -6.04
C VAL A 539 3.93 1.56 -5.33
N VAL A 540 2.62 1.77 -4.94
CA VAL A 540 2.14 2.95 -4.23
C VAL A 540 2.78 2.95 -2.85
N ALA A 541 2.59 1.86 -2.06
CA ALA A 541 3.23 1.76 -0.74
C ALA A 541 4.76 1.85 -0.86
N GLU A 542 5.36 1.17 -1.87
CA GLU A 542 6.80 1.22 -2.11
C GLU A 542 7.31 2.64 -2.39
N THR A 543 6.53 3.45 -3.14
CA THR A 543 6.89 4.83 -3.51
C THR A 543 6.68 5.76 -2.31
N LEU A 544 5.56 5.57 -1.60
CA LEU A 544 5.24 6.34 -0.40
C LEU A 544 6.35 6.15 0.64
N ASN A 545 6.92 4.91 0.71
CA ASN A 545 8.01 4.55 1.60
C ASN A 545 9.31 5.30 1.32
N LEU A 546 9.46 5.89 0.12
CA LEU A 546 10.68 6.63 -0.25
C LEU A 546 10.61 8.10 0.20
N ALA A 547 9.41 8.57 0.54
CA ALA A 547 9.03 9.96 0.85
C ALA A 547 10.04 10.73 1.66
N LEU A 548 10.59 10.15 2.74
CA LEU A 548 11.53 10.84 3.65
C LEU A 548 12.90 10.21 3.70
N LEU A 549 13.24 9.28 2.78
CA LEU A 549 14.58 8.70 2.77
C LEU A 549 15.62 9.70 2.19
N ARG A 550 16.79 9.80 2.81
CA ARG A 550 17.92 10.64 2.37
C ARG A 550 18.16 10.53 0.85
N GLY A 551 18.20 9.30 0.35
CA GLY A 551 18.49 9.01 -1.05
C GLY A 551 17.36 9.18 -2.04
N TYR A 552 16.11 9.28 -1.53
CA TYR A 552 14.93 9.30 -2.40
C TYR A 552 13.98 10.45 -2.16
N ARG A 553 14.08 11.17 -1.04
CA ARG A 553 13.15 12.26 -0.72
C ARG A 553 13.16 13.35 -1.79
N THR A 554 11.97 13.88 -2.12
CA THR A 554 11.75 14.99 -3.06
C THR A 554 11.00 16.14 -2.32
N GLY A 555 11.06 16.10 -0.98
CA GLY A 555 10.45 17.09 -0.10
C GLY A 555 8.93 17.17 -0.15
N GLY A 556 8.27 16.03 -0.35
CA GLY A 556 6.81 15.95 -0.41
C GLY A 556 6.19 15.95 -1.81
N THR A 557 5.29 15.00 -2.03
CA THR A 557 4.55 14.82 -3.26
C THR A 557 3.09 15.21 -3.02
N ILE A 558 2.50 15.91 -3.98
CA ILE A 558 1.08 16.21 -3.87
C ILE A 558 0.38 15.08 -4.62
N HIS A 559 -0.51 14.36 -3.93
CA HIS A 559 -1.26 13.29 -4.55
C HIS A 559 -2.70 13.70 -4.80
N ILE A 560 -3.20 13.52 -6.03
CA ILE A 560 -4.61 13.76 -6.30
C ILE A 560 -5.21 12.43 -6.73
N VAL A 561 -6.19 11.93 -5.97
CA VAL A 561 -6.88 10.70 -6.37
C VAL A 561 -8.21 11.10 -6.98
N VAL A 562 -8.38 10.82 -8.30
CA VAL A 562 -9.62 11.04 -9.04
C VAL A 562 -10.48 9.79 -8.71
N ASN A 563 -11.16 9.88 -7.57
CA ASN A 563 -11.98 8.81 -7.00
C ASN A 563 -13.43 8.89 -7.51
N ASN A 564 -13.70 8.26 -8.67
CA ASN A 564 -15.02 8.20 -9.31
C ASN A 564 -15.85 7.02 -8.76
N GLN A 565 -15.43 6.46 -7.60
CA GLN A 565 -16.08 5.41 -6.83
C GLN A 565 -16.41 4.12 -7.67
N ILE A 566 -15.53 3.86 -8.68
CA ILE A 566 -15.64 2.77 -9.65
C ILE A 566 -14.25 2.47 -10.26
N GLY A 567 -14.04 1.19 -10.58
CA GLY A 567 -12.83 0.70 -11.22
C GLY A 567 -13.26 -0.21 -12.35
N PHE A 568 -13.49 0.39 -13.54
CA PHE A 568 -13.99 -0.27 -14.75
C PHE A 568 -15.43 -0.82 -14.49
N THR A 569 -15.54 -2.07 -13.99
CA THR A 569 -16.79 -2.81 -13.72
C THR A 569 -16.96 -3.07 -12.22
N THR A 570 -15.81 -2.96 -11.48
CA THR A 570 -15.63 -3.28 -10.07
C THR A 570 -16.06 -2.12 -9.19
N ALA A 571 -16.72 -2.47 -8.09
CA ALA A 571 -17.21 -1.60 -7.03
C ALA A 571 -16.16 -1.48 -5.94
N PRO A 572 -16.05 -0.34 -5.22
CA PRO A 572 -15.03 -0.22 -4.15
C PRO A 572 -14.99 -1.38 -3.14
N THR A 573 -16.11 -2.10 -2.82
CA THR A 573 -16.01 -3.23 -1.88
C THR A 573 -15.16 -4.38 -2.40
N ASP A 574 -15.04 -4.53 -3.74
CA ASP A 574 -14.24 -5.59 -4.31
C ASP A 574 -12.81 -5.14 -4.63
N SER A 575 -12.57 -3.84 -4.50
CA SER A 575 -11.30 -3.18 -4.79
C SER A 575 -10.42 -2.90 -3.57
N ARG A 576 -10.99 -2.78 -2.35
CA ARG A 576 -10.17 -2.49 -1.17
C ARG A 576 -10.84 -2.97 0.13
N SER A 577 -10.01 -3.26 1.14
CA SER A 577 -10.47 -3.71 2.45
C SER A 577 -10.45 -2.56 3.47
N SER A 578 -10.62 -1.31 3.01
CA SER A 578 -10.58 -0.16 3.91
C SER A 578 -11.61 0.89 3.48
N GLU A 579 -11.92 1.83 4.39
CA GLU A 579 -12.91 2.87 4.20
C GLU A 579 -12.62 3.72 2.98
N TYR A 580 -11.40 4.28 2.89
CA TYR A 580 -11.01 5.11 1.76
C TYR A 580 -9.96 4.46 0.91
N CYS A 581 -9.91 4.83 -0.38
CA CYS A 581 -8.92 4.33 -1.34
C CYS A 581 -7.52 4.87 -1.03
N THR A 582 -7.46 5.91 -0.19
CA THR A 582 -6.26 6.67 0.22
C THR A 582 -5.64 6.21 1.53
N ASP A 583 -6.26 5.24 2.23
CA ASP A 583 -5.83 4.76 3.54
C ASP A 583 -4.36 4.29 3.57
N VAL A 584 -3.78 3.85 2.42
CA VAL A 584 -2.38 3.44 2.33
C VAL A 584 -1.44 4.60 2.72
N ALA A 585 -1.82 5.88 2.41
CA ALA A 585 -1.05 7.11 2.73
C ALA A 585 -0.82 7.29 4.23
N LYS A 586 -1.64 6.65 5.07
CA LYS A 586 -1.50 6.73 6.53
C LYS A 586 -0.20 6.09 7.02
N MET A 587 0.37 5.18 6.19
CA MET A 587 1.63 4.46 6.37
C MET A 587 2.76 5.46 6.67
N ILE A 588 2.84 6.58 5.93
CA ILE A 588 3.86 7.61 6.17
C ILE A 588 3.30 8.81 7.00
N GLY A 589 2.14 8.64 7.61
CA GLY A 589 1.50 9.70 8.40
C GLY A 589 1.24 10.96 7.60
N ALA A 590 0.73 10.79 6.36
CA ALA A 590 0.44 11.89 5.45
C ALA A 590 -0.97 12.40 5.70
N PRO A 591 -1.22 13.73 5.71
CA PRO A 591 -2.61 14.18 5.88
C PRO A 591 -3.45 13.85 4.65
N ILE A 592 -4.69 13.39 4.87
CA ILE A 592 -5.59 13.05 3.78
C ILE A 592 -6.80 14.00 3.82
N PHE A 593 -7.14 14.59 2.65
CA PHE A 593 -8.28 15.47 2.45
C PHE A 593 -9.22 14.85 1.43
N HIS A 594 -10.44 14.52 1.86
CA HIS A 594 -11.53 13.98 1.05
C HIS A 594 -12.38 15.16 0.67
N VAL A 595 -12.51 15.44 -0.65
CA VAL A 595 -13.20 16.63 -1.09
C VAL A 595 -14.24 16.27 -2.17
N ASN A 596 -15.39 16.98 -2.11
CA ASN A 596 -16.53 16.90 -3.01
C ASN A 596 -16.18 17.53 -4.36
N GLY A 597 -16.05 16.69 -5.38
CA GLY A 597 -15.72 17.09 -6.74
C GLY A 597 -16.72 18.01 -7.42
N ASP A 598 -17.90 18.19 -6.81
CA ASP A 598 -18.94 19.07 -7.31
C ASP A 598 -18.78 20.50 -6.73
N ASP A 599 -17.86 20.68 -5.75
CA ASP A 599 -17.52 21.95 -5.10
C ASP A 599 -16.13 22.40 -5.55
N PRO A 600 -16.00 23.15 -6.67
CA PRO A 600 -14.65 23.53 -7.14
C PRO A 600 -13.93 24.55 -6.26
N GLU A 601 -14.67 25.22 -5.34
CA GLU A 601 -14.08 26.16 -4.40
C GLU A 601 -13.34 25.38 -3.32
N ALA A 602 -13.98 24.33 -2.74
CA ALA A 602 -13.38 23.46 -1.72
C ALA A 602 -12.14 22.71 -2.27
N CYS A 603 -12.23 22.27 -3.54
CA CYS A 603 -11.18 21.57 -4.27
C CYS A 603 -9.94 22.46 -4.49
N ALA A 604 -10.14 23.74 -4.85
CA ALA A 604 -9.05 24.69 -5.03
C ALA A 604 -8.45 25.02 -3.68
N TRP A 605 -9.30 25.30 -2.66
CA TRP A 605 -8.89 25.64 -1.31
C TRP A 605 -7.98 24.54 -0.74
N VAL A 606 -8.39 23.26 -0.87
CA VAL A 606 -7.68 22.06 -0.40
C VAL A 606 -6.32 21.92 -1.12
N ALA A 607 -6.31 22.11 -2.46
CA ALA A 607 -5.12 22.07 -3.31
C ALA A 607 -4.04 23.04 -2.79
N ARG A 608 -4.43 24.30 -2.49
CA ARG A 608 -3.52 25.33 -1.96
C ARG A 608 -3.02 24.96 -0.56
N LEU A 609 -3.92 24.41 0.30
CA LEU A 609 -3.58 23.98 1.65
C LEU A 609 -2.53 22.88 1.56
N ALA A 610 -2.75 21.88 0.67
CA ALA A 610 -1.83 20.77 0.40
C ALA A 610 -0.44 21.32 0.04
N VAL A 611 -0.33 22.25 -0.95
CA VAL A 611 0.94 22.91 -1.32
C VAL A 611 1.58 23.59 -0.09
N ASP A 612 0.80 24.26 0.76
CA ASP A 612 1.34 24.92 1.95
C ASP A 612 1.89 23.94 2.98
N PHE A 613 1.19 22.80 3.22
CA PHE A 613 1.65 21.77 4.15
C PHE A 613 2.98 21.19 3.66
N ARG A 614 3.03 20.76 2.38
CA ARG A 614 4.21 20.23 1.72
C ARG A 614 5.40 21.21 1.86
N GLN A 615 5.15 22.51 1.72
CA GLN A 615 6.22 23.49 1.83
C GLN A 615 6.68 23.65 3.29
N ALA A 616 5.76 23.49 4.24
CA ALA A 616 6.03 23.60 5.66
C ALA A 616 6.72 22.36 6.24
N PHE A 617 6.25 21.16 5.91
CA PHE A 617 6.78 19.96 6.54
C PHE A 617 7.58 19.07 5.61
N LYS A 618 7.68 19.41 4.30
CA LYS A 618 8.43 18.61 3.29
C LYS A 618 7.96 17.13 3.32
N LYS A 619 6.64 16.95 3.42
CA LYS A 619 5.97 15.65 3.54
C LYS A 619 4.79 15.58 2.55
N ASP A 620 4.53 14.37 2.01
CA ASP A 620 3.43 14.06 1.08
C ASP A 620 2.05 14.43 1.63
N VAL A 621 1.13 14.87 0.75
CA VAL A 621 -0.25 15.25 1.04
C VAL A 621 -1.16 14.56 0.04
N VAL A 622 -2.22 13.95 0.51
CA VAL A 622 -3.13 13.24 -0.38
C VAL A 622 -4.51 13.92 -0.37
N ILE A 623 -4.99 14.21 -1.58
CA ILE A 623 -6.31 14.76 -1.84
C ILE A 623 -7.10 13.69 -2.55
N ASP A 624 -8.17 13.21 -1.91
CA ASP A 624 -9.15 12.24 -2.41
C ASP A 624 -10.31 13.05 -3.04
N MET A 625 -10.29 13.24 -4.36
CA MET A 625 -11.37 13.97 -4.98
C MET A 625 -12.47 13.01 -5.37
N LEU A 626 -13.52 12.99 -4.57
CA LEU A 626 -14.71 12.17 -4.83
C LEU A 626 -15.50 12.74 -5.97
N CYS A 627 -15.78 11.91 -6.97
CA CYS A 627 -16.50 12.32 -8.17
C CYS A 627 -17.22 11.11 -8.72
N TYR A 628 -17.50 11.13 -10.03
CA TYR A 628 -18.14 10.01 -10.74
C TYR A 628 -17.66 9.94 -12.20
N ARG A 629 -17.92 8.81 -12.84
CA ARG A 629 -17.60 8.55 -14.23
C ARG A 629 -18.95 8.52 -14.93
N ARG A 630 -19.32 9.62 -15.64
CA ARG A 630 -20.62 9.75 -16.29
C ARG A 630 -20.88 8.70 -17.39
N ARG A 631 -19.84 8.38 -18.16
CA ARG A 631 -19.89 7.47 -19.28
C ARG A 631 -19.52 6.04 -18.85
N GLY A 632 -19.49 5.14 -19.83
CA GLY A 632 -19.05 3.78 -19.63
C GLY A 632 -17.54 3.79 -19.57
N HIS A 633 -16.94 2.64 -19.33
CA HIS A 633 -15.50 2.56 -19.24
C HIS A 633 -14.88 2.73 -20.60
N ASN A 634 -15.48 2.13 -21.64
CA ASN A 634 -15.01 2.20 -23.01
C ASN A 634 -16.22 2.29 -23.96
N GLU A 635 -15.96 2.43 -25.28
CA GLU A 635 -17.02 2.55 -26.27
C GLU A 635 -17.87 1.27 -26.33
N GLY A 636 -19.18 1.48 -26.48
CA GLY A 636 -20.17 0.42 -26.52
C GLY A 636 -20.63 -0.04 -25.15
N ASP A 637 -19.73 0.03 -24.09
CA ASP A 637 -20.04 -0.37 -22.69
C ASP A 637 -21.26 0.37 -22.13
N ASP A 638 -22.21 -0.41 -21.56
CA ASP A 638 -23.42 0.10 -20.87
C ASP A 638 -23.20 -0.15 -19.38
N PRO A 639 -22.64 0.84 -18.64
CA PRO A 639 -22.26 0.58 -17.24
C PRO A 639 -23.44 0.26 -16.30
N SER A 640 -24.69 0.29 -16.79
CA SER A 640 -25.84 -0.07 -15.98
C SER A 640 -26.02 -1.60 -15.94
N MET A 641 -25.21 -2.36 -16.72
CA MET A 641 -25.24 -3.82 -16.77
C MET A 641 -24.80 -4.45 -15.45
N THR A 642 -23.79 -3.82 -14.83
CA THR A 642 -23.10 -4.22 -13.62
C THR A 642 -23.37 -3.24 -12.45
N GLN A 643 -23.55 -1.92 -12.72
CA GLN A 643 -23.82 -0.91 -11.68
C GLN A 643 -25.09 -0.14 -12.01
N PRO A 644 -26.27 -0.80 -11.99
CA PRO A 644 -27.51 -0.10 -12.35
C PRO A 644 -27.87 1.03 -11.38
N TYR A 645 -27.63 0.82 -10.07
CA TYR A 645 -27.98 1.83 -9.07
C TYR A 645 -27.18 3.09 -9.27
N MET A 646 -25.84 2.99 -9.26
CA MET A 646 -24.97 4.14 -9.45
C MET A 646 -25.35 4.93 -10.70
N TYR A 647 -25.65 4.20 -11.81
CA TYR A 647 -25.93 4.86 -13.06
C TYR A 647 -27.35 5.42 -13.16
N ASP A 648 -28.31 4.99 -12.32
CA ASP A 648 -29.63 5.62 -12.32
C ASP A 648 -29.48 7.00 -11.66
N VAL A 649 -28.66 7.08 -10.60
CA VAL A 649 -28.30 8.29 -9.87
C VAL A 649 -27.50 9.25 -10.79
N ILE A 650 -26.42 8.77 -11.46
CA ILE A 650 -25.58 9.55 -12.38
C ILE A 650 -26.41 10.16 -13.53
N ASP A 651 -27.48 9.49 -13.97
CA ASP A 651 -28.30 10.02 -15.06
C ASP A 651 -29.10 11.26 -14.59
N THR A 652 -29.24 11.44 -13.26
CA THR A 652 -29.96 12.59 -12.68
C THR A 652 -28.99 13.74 -12.32
N LYS A 653 -27.68 13.54 -12.52
CA LYS A 653 -26.68 14.55 -12.19
C LYS A 653 -26.43 15.53 -13.30
N ARG A 654 -26.47 16.82 -12.94
CA ARG A 654 -26.08 17.87 -13.86
C ARG A 654 -24.58 18.08 -13.64
N GLY A 655 -23.86 18.51 -14.67
CA GLY A 655 -22.42 18.74 -14.62
C GLY A 655 -21.96 19.77 -13.59
N SER A 656 -20.67 19.69 -13.17
CA SER A 656 -20.02 20.57 -12.19
C SER A 656 -20.14 22.06 -12.59
N ARG A 657 -19.93 22.37 -13.89
CA ARG A 657 -19.99 23.71 -14.44
C ARG A 657 -21.37 24.36 -14.28
N LYS A 658 -22.47 23.64 -14.70
CA LYS A 658 -23.82 24.21 -14.61
C LYS A 658 -24.24 24.36 -13.15
N ALA A 659 -23.87 23.39 -12.27
CA ALA A 659 -24.21 23.45 -10.85
C ALA A 659 -23.45 24.60 -10.13
N TYR A 660 -22.15 24.80 -10.48
CA TYR A 660 -21.33 25.88 -9.93
C TYR A 660 -21.86 27.27 -10.37
N THR A 661 -22.28 27.40 -11.65
CA THR A 661 -22.85 28.67 -12.15
C THR A 661 -24.15 29.00 -11.41
N GLU A 662 -25.02 27.99 -11.22
CA GLU A 662 -26.30 28.11 -10.52
C GLU A 662 -26.09 28.44 -9.03
N ALA A 663 -25.02 27.90 -8.41
CA ALA A 663 -24.65 28.11 -7.01
C ALA A 663 -24.28 29.58 -6.79
N LEU A 664 -23.42 30.10 -7.69
CA LEU A 664 -22.94 31.48 -7.73
C LEU A 664 -24.11 32.45 -7.87
N ILE A 665 -25.09 32.15 -8.76
CA ILE A 665 -26.32 32.95 -8.96
C ILE A 665 -27.15 32.97 -7.68
N GLY A 666 -27.55 31.77 -7.22
CA GLY A 666 -28.37 31.54 -6.03
C GLY A 666 -27.82 32.11 -4.74
N ARG A 667 -26.48 32.30 -4.69
CA ARG A 667 -25.74 32.85 -3.55
C ARG A 667 -25.64 34.37 -3.61
N GLY A 668 -25.83 34.92 -4.80
CA GLY A 668 -25.74 36.34 -5.08
C GLY A 668 -24.31 36.80 -5.24
N ASP A 669 -23.47 35.94 -5.84
CA ASP A 669 -22.06 36.20 -6.09
C ASP A 669 -21.91 36.72 -7.50
N ILE A 670 -22.79 36.28 -8.41
CA ILE A 670 -22.83 36.74 -9.80
C ILE A 670 -24.28 37.10 -10.19
N SER A 671 -24.41 38.08 -11.10
CA SER A 671 -25.68 38.53 -11.68
C SER A 671 -26.02 37.63 -12.86
N MET A 672 -27.27 37.68 -13.35
CA MET A 672 -27.70 36.86 -14.49
C MET A 672 -26.86 37.19 -15.75
N LYS A 673 -26.47 38.48 -15.90
CA LYS A 673 -25.62 38.97 -17.00
C LYS A 673 -24.23 38.33 -16.89
N GLU A 674 -23.64 38.32 -15.67
CA GLU A 674 -22.33 37.72 -15.37
C GLU A 674 -22.35 36.20 -15.68
N ALA A 675 -23.51 35.54 -15.49
CA ALA A 675 -23.71 34.12 -15.77
C ALA A 675 -23.89 33.89 -17.26
N GLU A 676 -24.57 34.82 -17.95
CA GLU A 676 -24.78 34.74 -19.41
C GLU A 676 -23.42 34.87 -20.11
N ASP A 677 -22.51 35.70 -19.56
CA ASP A 677 -21.16 35.90 -20.06
C ASP A 677 -20.35 34.62 -19.87
N ALA A 678 -20.64 33.86 -18.77
CA ALA A 678 -19.99 32.57 -18.46
C ALA A 678 -20.40 31.52 -19.46
N LEU A 679 -21.70 31.50 -19.87
CA LEU A 679 -22.17 30.57 -20.89
C LEU A 679 -21.60 30.99 -22.25
N ARG A 680 -21.46 32.31 -22.46
CA ARG A 680 -20.86 32.89 -23.66
C ARG A 680 -19.37 32.48 -23.75
N ASP A 681 -18.66 32.46 -22.59
CA ASP A 681 -17.26 32.05 -22.50
C ASP A 681 -17.12 30.56 -22.82
N TYR A 682 -17.98 29.70 -22.22
CA TYR A 682 -17.99 28.26 -22.48
C TYR A 682 -18.15 27.98 -23.99
N GLN A 683 -19.12 28.63 -24.66
CA GLN A 683 -19.36 28.45 -26.09
C GLN A 683 -18.16 28.96 -26.92
N GLY A 684 -17.52 30.06 -26.48
CA GLY A 684 -16.36 30.61 -27.15
C GLY A 684 -15.20 29.63 -27.13
N GLN A 685 -14.97 29.02 -25.96
CA GLN A 685 -13.93 28.01 -25.70
C GLN A 685 -14.16 26.80 -26.58
N LEU A 686 -15.43 26.34 -26.64
CA LEU A 686 -15.89 25.20 -27.44
C LEU A 686 -15.72 25.50 -28.93
N GLU A 687 -15.97 26.76 -29.34
CA GLU A 687 -15.80 27.23 -30.72
C GLU A 687 -14.31 27.22 -31.15
N ARG A 688 -13.39 27.84 -30.34
CA ARG A 688 -11.97 27.92 -30.74
C ARG A 688 -11.28 26.58 -30.77
N VAL A 689 -11.73 25.61 -29.94
CA VAL A 689 -11.13 24.28 -29.99
C VAL A 689 -11.54 23.62 -31.33
N PHE A 690 -12.81 23.76 -31.76
CA PHE A 690 -13.26 23.23 -33.06
C PHE A 690 -12.56 23.94 -34.23
N ASN A 691 -12.44 25.28 -34.14
CA ASN A 691 -11.82 26.15 -35.13
C ASN A 691 -10.31 25.93 -35.29
N GLU A 692 -9.57 25.73 -34.18
CA GLU A 692 -8.12 25.55 -34.21
C GLU A 692 -7.74 24.20 -34.81
N VAL A 693 -8.48 23.14 -34.44
CA VAL A 693 -8.25 21.77 -34.89
C VAL A 693 -8.70 21.65 -36.39
N ARG A 694 -9.68 22.47 -36.81
CA ARG A 694 -10.14 22.49 -38.21
C ARG A 694 -9.02 22.98 -39.14
N GLU A 695 -8.31 24.05 -38.73
CA GLU A 695 -7.19 24.68 -39.47
C GLU A 695 -6.00 23.74 -39.62
N LEU A 696 -5.66 23.04 -38.54
CA LEU A 696 -4.57 22.08 -38.45
C LEU A 696 -4.82 20.91 -39.42
N GLU A 697 -6.09 20.50 -39.58
CA GLU A 697 -6.46 19.42 -40.49
C GLU A 697 -6.25 19.84 -41.97
N LYS A 698 -6.32 21.16 -42.25
CA LYS A 698 -6.08 21.74 -43.59
C LYS A 698 -4.56 21.75 -43.89
N HIS A 699 -3.72 22.10 -42.87
CA HIS A 699 -2.26 22.14 -42.99
C HIS A 699 -1.69 20.71 -42.98
N GLU A 700 -1.91 19.93 -41.90
CA GLU A 700 -1.45 18.55 -41.74
C GLU A 700 -2.36 17.57 -42.46
N LEU A 717 36.50 9.06 -28.47
CA LEU A 717 35.96 8.02 -27.60
C LEU A 717 37.05 7.29 -26.75
N ALA A 718 38.04 8.03 -26.16
CA ALA A 718 39.10 7.37 -25.36
C ALA A 718 38.73 7.30 -23.88
N THR A 719 38.71 6.08 -23.32
CA THR A 719 38.31 5.83 -21.92
C THR A 719 39.50 5.57 -20.98
N ALA A 720 40.72 5.40 -21.54
CA ALA A 720 41.95 5.23 -20.78
C ALA A 720 42.23 6.48 -19.95
N VAL A 721 42.87 6.31 -18.77
CA VAL A 721 43.26 7.39 -17.84
C VAL A 721 44.78 7.32 -17.61
N ASP A 722 45.38 8.31 -16.93
CA ASP A 722 46.83 8.21 -16.69
C ASP A 722 47.11 7.57 -15.32
N LYS A 723 48.37 7.14 -15.10
CA LYS A 723 48.85 6.56 -13.84
C LYS A 723 48.48 7.48 -12.67
N ALA A 724 48.66 8.81 -12.87
CA ALA A 724 48.34 9.88 -11.92
C ALA A 724 46.92 9.75 -11.42
N MET A 725 45.95 9.45 -12.32
CA MET A 725 44.54 9.27 -12.00
C MET A 725 44.34 8.07 -11.11
N LEU A 726 44.92 6.89 -11.50
CA LEU A 726 44.84 5.66 -10.72
C LEU A 726 45.38 5.90 -9.31
N GLN A 727 46.58 6.46 -9.24
CA GLN A 727 47.29 6.77 -8.00
C GLN A 727 46.52 7.74 -7.13
N ARG A 728 45.90 8.76 -7.74
CA ARG A 728 45.08 9.74 -7.02
C ARG A 728 43.87 9.04 -6.32
N ILE A 729 43.16 8.13 -7.03
CA ILE A 729 41.98 7.40 -6.51
C ILE A 729 42.43 6.45 -5.39
N GLY A 730 43.61 5.85 -5.55
CA GLY A 730 44.20 4.95 -4.55
C GLY A 730 44.59 5.67 -3.26
N ASP A 731 45.26 6.84 -3.40
CA ASP A 731 45.71 7.68 -2.29
C ASP A 731 44.53 8.25 -1.52
N ALA A 732 43.41 8.50 -2.20
CA ALA A 732 42.17 9.02 -1.62
C ALA A 732 41.62 8.09 -0.52
N HIS A 733 41.88 6.77 -0.64
CA HIS A 733 41.41 5.75 0.28
C HIS A 733 42.13 5.80 1.60
N LEU A 734 43.25 6.53 1.66
CA LEU A 734 44.05 6.71 2.87
C LEU A 734 44.08 8.18 3.32
N ALA A 735 43.49 9.11 2.54
CA ALA A 735 43.42 10.54 2.90
C ALA A 735 42.24 10.78 3.83
N LEU A 736 42.28 10.06 4.96
CA LEU A 736 41.26 10.00 6.00
C LEU A 736 41.13 11.30 6.76
N PRO A 737 39.91 11.66 7.24
CA PRO A 737 39.79 12.90 8.02
C PRO A 737 40.59 12.83 9.32
N GLU A 738 41.00 13.99 9.87
CA GLU A 738 41.76 14.01 11.12
C GLU A 738 40.98 13.29 12.23
N GLY A 739 41.68 12.38 12.92
CA GLY A 739 41.13 11.59 14.02
C GLY A 739 40.10 10.55 13.63
N PHE A 740 40.14 10.03 12.39
CA PHE A 740 39.20 9.02 11.95
C PHE A 740 39.70 7.63 12.33
N THR A 741 38.82 6.80 12.93
CA THR A 741 39.18 5.43 13.33
C THR A 741 38.55 4.46 12.35
N VAL A 742 39.38 3.91 11.47
CA VAL A 742 38.93 2.92 10.49
C VAL A 742 38.68 1.58 11.20
N HIS A 743 37.66 0.84 10.81
CA HIS A 743 37.44 -0.49 11.35
C HIS A 743 38.69 -1.36 11.04
N PRO A 744 39.21 -2.17 12.00
CA PRO A 744 40.41 -2.97 11.73
C PRO A 744 40.31 -3.90 10.54
N ARG A 745 39.08 -4.36 10.13
CA ARG A 745 38.89 -5.23 8.97
C ARG A 745 38.77 -4.42 7.67
N VAL A 746 38.48 -3.10 7.78
CA VAL A 746 38.33 -2.21 6.62
C VAL A 746 39.73 -1.65 6.22
N ARG A 747 40.59 -1.32 7.20
CA ARG A 747 41.91 -0.77 6.96
C ARG A 747 42.70 -1.58 5.90
N PRO A 748 42.87 -2.94 5.98
CA PRO A 748 43.65 -3.63 4.95
C PRO A 748 43.16 -3.42 3.50
N VAL A 749 41.85 -3.17 3.34
CA VAL A 749 41.22 -2.93 2.04
C VAL A 749 41.68 -1.58 1.44
N LEU A 750 41.73 -0.53 2.29
CA LEU A 750 42.15 0.82 1.89
C LEU A 750 43.61 0.79 1.45
N GLU A 751 44.43 0.06 2.22
CA GLU A 751 45.86 -0.14 2.00
C GLU A 751 46.12 -0.94 0.74
N LYS A 752 45.32 -2.00 0.47
CA LYS A 752 45.48 -2.82 -0.75
C LYS A 752 45.14 -1.96 -1.98
N ARG A 753 44.15 -1.07 -1.85
CA ARG A 753 43.75 -0.18 -2.94
C ARG A 753 44.84 0.78 -3.34
N ARG A 754 45.60 1.36 -2.36
CA ARG A 754 46.72 2.26 -2.67
C ARG A 754 47.80 1.46 -3.39
N GLU A 755 48.08 0.23 -2.91
CA GLU A 755 49.05 -0.70 -3.49
C GLU A 755 48.68 -1.03 -4.94
N MET A 756 47.41 -1.41 -5.20
CA MET A 756 46.91 -1.76 -6.52
C MET A 756 47.07 -0.60 -7.52
N ALA A 757 46.79 0.64 -7.09
CA ALA A 757 46.84 1.83 -7.91
C ALA A 757 48.26 2.16 -8.39
N TYR A 758 49.28 1.70 -7.64
CA TYR A 758 50.70 1.93 -7.91
C TYR A 758 51.41 0.69 -8.49
N GLU A 759 51.03 -0.53 -8.04
CA GLU A 759 51.70 -1.79 -8.35
C GLU A 759 50.93 -2.79 -9.27
N GLY A 760 49.68 -2.51 -9.57
CA GLY A 760 48.87 -3.37 -10.43
C GLY A 760 48.08 -4.42 -9.67
N ARG A 761 47.68 -5.49 -10.39
CA ARG A 761 46.86 -6.61 -9.86
C ARG A 761 45.56 -6.03 -9.29
N ILE A 762 44.88 -5.17 -10.10
CA ILE A 762 43.65 -4.47 -9.72
C ILE A 762 42.49 -5.45 -9.77
N ASP A 763 41.79 -5.59 -8.61
CA ASP A 763 40.61 -6.43 -8.51
C ASP A 763 39.39 -5.69 -9.09
N TRP A 764 38.28 -6.42 -9.27
CA TRP A 764 37.01 -5.93 -9.81
C TRP A 764 36.45 -4.76 -8.96
N ALA A 765 36.29 -4.93 -7.65
CA ALA A 765 35.71 -3.92 -6.78
C ALA A 765 36.39 -2.54 -6.91
N PHE A 766 37.75 -2.53 -6.97
CA PHE A 766 38.57 -1.31 -7.10
C PHE A 766 38.46 -0.75 -8.49
N ALA A 767 38.45 -1.62 -9.53
CA ALA A 767 38.32 -1.23 -10.95
C ALA A 767 37.06 -0.42 -11.18
N GLU A 768 35.98 -0.76 -10.44
CA GLU A 768 34.69 -0.11 -10.45
C GLU A 768 34.82 1.30 -9.87
N LEU A 769 35.47 1.43 -8.67
CA LEU A 769 35.68 2.72 -8.02
C LEU A 769 36.68 3.60 -8.81
N LEU A 770 37.60 2.95 -9.55
CA LEU A 770 38.54 3.66 -10.44
C LEU A 770 37.75 4.30 -11.59
N ALA A 771 36.76 3.58 -12.20
CA ALA A 771 35.93 4.13 -13.28
C ALA A 771 35.05 5.28 -12.78
N LEU A 772 34.34 5.08 -11.66
CA LEU A 772 33.46 6.09 -11.05
C LEU A 772 34.25 7.30 -10.56
N GLY A 773 35.39 7.05 -9.90
CA GLY A 773 36.29 8.08 -9.37
C GLY A 773 36.84 9.01 -10.44
N SER A 774 37.28 8.43 -11.56
CA SER A 774 37.82 9.20 -12.69
C SER A 774 36.71 10.03 -13.37
N LEU A 775 35.44 9.50 -13.40
CA LEU A 775 34.31 10.25 -13.93
C LEU A 775 33.99 11.47 -13.04
N ILE A 776 33.96 11.28 -11.70
CA ILE A 776 33.76 12.36 -10.72
C ILE A 776 34.83 13.43 -10.91
N ALA A 777 36.12 13.01 -11.05
CA ALA A 777 37.32 13.87 -11.27
C ALA A 777 37.21 14.66 -12.57
N GLU A 778 36.55 14.10 -13.59
CA GLU A 778 36.30 14.73 -14.89
C GLU A 778 35.00 15.63 -14.85
N GLY A 779 34.45 15.84 -13.66
CA GLY A 779 33.30 16.71 -13.44
C GLY A 779 31.92 16.08 -13.51
N LYS A 780 31.83 14.74 -13.49
CA LYS A 780 30.54 14.05 -13.63
C LYS A 780 29.86 13.75 -12.30
N LEU A 781 28.52 13.84 -12.30
CA LEU A 781 27.68 13.43 -11.16
C LEU A 781 27.55 11.92 -11.24
N VAL A 782 27.86 11.22 -10.16
CA VAL A 782 27.73 9.76 -10.16
C VAL A 782 26.80 9.38 -9.03
N ARG A 783 25.64 8.80 -9.40
CA ARG A 783 24.67 8.28 -8.44
C ARG A 783 24.71 6.76 -8.48
N LEU A 784 25.13 6.16 -7.36
CA LEU A 784 25.19 4.70 -7.14
C LEU A 784 24.31 4.32 -5.95
N SER A 785 23.45 3.30 -6.10
CA SER A 785 22.56 2.82 -5.02
C SER A 785 21.96 1.44 -5.31
N GLY A 786 21.57 0.78 -4.25
CA GLY A 786 20.98 -0.55 -4.25
C GLY A 786 20.96 -1.03 -2.83
N GLN A 787 20.57 -2.30 -2.61
CA GLN A 787 20.51 -2.86 -1.26
C GLN A 787 21.92 -3.13 -0.73
N ASP A 788 22.28 -2.46 0.40
CA ASP A 788 23.59 -2.57 1.07
C ASP A 788 24.73 -2.22 0.08
N THR A 789 24.52 -1.23 -0.80
CA THR A 789 25.46 -0.83 -1.85
C THR A 789 26.62 -0.01 -1.31
N GLN A 790 26.45 0.74 -0.20
CA GLN A 790 27.56 1.53 0.40
C GLN A 790 28.74 0.63 0.78
N ARG A 791 28.49 -0.57 1.34
CA ARG A 791 29.54 -1.55 1.70
C ARG A 791 29.75 -2.58 0.59
N GLY A 792 28.67 -3.01 -0.02
CA GLY A 792 28.64 -4.06 -1.03
C GLY A 792 28.14 -5.34 -0.39
N THR A 793 27.29 -6.07 -1.12
CA THR A 793 26.71 -7.32 -0.65
C THR A 793 27.79 -8.35 -0.29
N PHE A 794 28.91 -8.33 -1.01
CA PHE A 794 29.99 -9.28 -0.81
C PHE A 794 31.18 -8.63 -0.11
N THR A 795 30.92 -7.57 0.72
CA THR A 795 31.88 -6.77 1.52
C THR A 795 33.03 -6.28 0.65
N GLN A 796 32.72 -5.84 -0.56
CA GLN A 796 33.78 -5.50 -1.50
C GLN A 796 33.86 -4.03 -1.88
N ARG A 797 32.76 -3.27 -1.80
CA ARG A 797 32.82 -1.90 -2.28
C ARG A 797 33.50 -0.94 -1.32
N HIS A 798 32.97 -0.81 -0.08
CA HIS A 798 33.46 0.11 0.94
C HIS A 798 33.52 1.56 0.35
N ALA A 799 32.45 1.97 -0.38
CA ALA A 799 32.27 3.31 -0.95
C ALA A 799 32.14 4.32 0.18
N VAL A 800 31.53 3.89 1.28
CA VAL A 800 31.36 4.65 2.52
C VAL A 800 31.99 3.84 3.64
N ILE A 801 32.90 4.45 4.40
CA ILE A 801 33.55 3.78 5.52
C ILE A 801 33.11 4.51 6.82
N VAL A 802 32.65 3.70 7.80
CA VAL A 802 32.12 4.16 9.08
C VAL A 802 33.25 4.18 10.15
N ASP A 803 33.37 5.31 10.90
CA ASP A 803 34.32 5.48 12.00
C ASP A 803 33.93 4.51 13.13
N ARG A 804 34.84 3.59 13.47
CA ARG A 804 34.67 2.55 14.50
C ARG A 804 34.23 3.11 15.86
N LYS A 805 34.75 4.28 16.25
CA LYS A 805 34.51 4.94 17.53
C LYS A 805 33.35 5.94 17.54
N THR A 806 33.03 6.62 16.42
CA THR A 806 32.03 7.70 16.42
C THR A 806 30.84 7.50 15.49
N GLY A 807 30.94 6.54 14.58
CA GLY A 807 29.91 6.27 13.59
C GLY A 807 29.94 7.25 12.45
N GLU A 808 30.90 8.23 12.44
CA GLU A 808 31.00 9.20 11.34
C GLU A 808 31.36 8.51 10.02
N GLU A 809 30.70 8.94 8.94
CA GLU A 809 30.91 8.37 7.60
C GLU A 809 31.97 9.11 6.82
N PHE A 810 32.78 8.36 6.04
CA PHE A 810 33.80 8.92 5.13
C PHE A 810 33.63 8.24 3.74
N THR A 811 33.49 9.06 2.70
CA THR A 811 33.37 8.61 1.31
C THR A 811 34.68 8.98 0.55
N PRO A 812 35.65 8.03 0.46
CA PRO A 812 36.91 8.32 -0.26
C PRO A 812 36.75 8.95 -1.67
N LEU A 813 35.81 8.47 -2.51
CA LEU A 813 35.65 9.02 -3.87
C LEU A 813 35.17 10.48 -3.91
N GLN A 814 34.62 11.00 -2.80
CA GLN A 814 34.17 12.39 -2.80
C GLN A 814 35.37 13.34 -2.90
N LEU A 815 36.55 12.89 -2.48
CA LEU A 815 37.76 13.72 -2.54
C LEU A 815 38.11 14.06 -4.00
N LEU A 816 37.69 13.23 -4.95
CA LEU A 816 37.96 13.42 -6.36
C LEU A 816 37.10 14.53 -6.97
N ALA A 817 36.06 15.00 -6.24
CA ALA A 817 35.18 16.09 -6.67
C ALA A 817 35.91 17.45 -6.62
N THR A 818 37.09 17.49 -5.96
CA THR A 818 37.97 18.65 -5.82
C THR A 818 39.28 18.35 -6.53
N ASN A 819 39.70 19.24 -7.47
CA ASN A 819 40.93 19.13 -8.24
C ASN A 819 42.16 19.26 -7.36
N PRO A 820 43.37 18.80 -7.80
CA PRO A 820 44.59 18.98 -6.98
C PRO A 820 44.85 20.43 -6.55
N ASP A 821 44.46 21.44 -7.40
CA ASP A 821 44.64 22.89 -7.14
C ASP A 821 43.59 23.46 -6.14
N GLY A 822 42.67 22.61 -5.68
CA GLY A 822 41.65 23.00 -4.70
C GLY A 822 40.29 23.34 -5.26
N THR A 823 40.20 23.61 -6.57
CA THR A 823 38.97 24.00 -7.24
C THR A 823 38.02 22.82 -7.41
N PRO A 824 36.68 23.02 -7.31
CA PRO A 824 35.76 21.91 -7.59
C PRO A 824 35.81 21.50 -9.07
N THR A 825 35.65 20.20 -9.33
CA THR A 825 35.67 19.64 -10.68
C THR A 825 34.29 19.77 -11.31
N GLY A 826 33.27 19.84 -10.45
CA GLY A 826 31.86 19.88 -10.84
C GLY A 826 31.20 18.53 -10.60
N GLY A 827 32.02 17.50 -10.35
CA GLY A 827 31.57 16.15 -10.09
C GLY A 827 31.02 15.95 -8.69
N LYS A 828 30.36 14.81 -8.48
CA LYS A 828 29.76 14.46 -7.19
C LYS A 828 29.58 12.96 -7.09
N PHE A 829 29.77 12.42 -5.89
CA PHE A 829 29.51 11.00 -5.65
C PHE A 829 28.36 10.87 -4.66
N LEU A 830 27.21 10.39 -5.17
CA LEU A 830 25.98 10.19 -4.41
C LEU A 830 25.73 8.70 -4.31
N VAL A 831 26.14 8.09 -3.20
CA VAL A 831 26.04 6.65 -2.98
C VAL A 831 25.05 6.39 -1.82
N TYR A 832 24.08 5.49 -2.03
CA TYR A 832 23.05 5.18 -1.04
C TYR A 832 22.75 3.71 -0.93
N ASN A 833 22.31 3.32 0.27
CA ASN A 833 21.75 2.01 0.59
C ASN A 833 20.27 2.16 0.29
N SER A 834 19.68 1.33 -0.57
CA SER A 834 18.27 1.51 -0.89
C SER A 834 17.37 0.90 0.21
N ALA A 835 16.04 1.13 0.10
CA ALA A 835 15.04 0.48 0.94
C ALA A 835 14.90 -0.95 0.34
N LEU A 836 14.22 -1.89 1.05
CA LEU A 836 14.14 -3.25 0.54
C LEU A 836 13.01 -3.37 -0.50
N SER A 837 13.23 -2.75 -1.66
CA SER A 837 12.31 -2.71 -2.79
C SER A 837 13.10 -2.81 -4.10
N GLU A 838 12.49 -3.42 -5.13
CA GLU A 838 13.17 -3.54 -6.45
C GLU A 838 12.44 -2.70 -7.46
N PHE A 839 11.10 -2.76 -7.46
CA PHE A 839 10.21 -2.03 -8.35
C PHE A 839 10.40 -0.51 -8.17
N ALA A 840 10.26 0.04 -6.94
CA ALA A 840 10.39 1.49 -6.70
C ALA A 840 11.84 1.99 -6.93
N ALA A 841 12.84 1.22 -6.48
CA ALA A 841 14.26 1.57 -6.62
C ALA A 841 14.69 1.61 -8.10
N VAL A 842 14.32 0.56 -8.89
CA VAL A 842 14.66 0.50 -10.31
C VAL A 842 13.96 1.65 -11.04
N GLY A 843 12.68 1.87 -10.69
CA GLY A 843 11.87 2.94 -11.25
C GLY A 843 12.46 4.30 -10.95
N PHE A 844 12.87 4.52 -9.69
CA PHE A 844 13.50 5.75 -9.24
C PHE A 844 14.78 6.06 -10.03
N GLU A 845 15.66 5.05 -10.24
CA GLU A 845 16.94 5.26 -10.95
C GLU A 845 16.70 5.50 -12.45
N TYR A 846 15.73 4.77 -13.04
CA TYR A 846 15.34 5.01 -14.43
C TYR A 846 14.96 6.48 -14.57
N GLY A 847 14.09 6.93 -13.67
CA GLY A 847 13.58 8.30 -13.65
C GLY A 847 14.68 9.30 -13.46
N TYR A 848 15.66 8.98 -12.59
CA TYR A 848 16.77 9.87 -12.29
C TYR A 848 17.58 10.19 -13.57
N SER A 849 17.96 9.15 -14.36
CA SER A 849 18.72 9.33 -15.62
C SER A 849 17.97 10.18 -16.67
N VAL A 850 16.63 10.10 -16.64
CA VAL A 850 15.74 10.84 -17.53
C VAL A 850 15.76 12.33 -17.12
N GLY A 851 15.72 12.58 -15.81
CA GLY A 851 15.79 13.91 -15.23
C GLY A 851 17.13 14.60 -15.40
N ASN A 852 18.21 13.80 -15.37
CA ASN A 852 19.55 14.32 -15.56
C ASN A 852 20.34 13.39 -16.51
N PRO A 853 20.33 13.75 -17.81
CA PRO A 853 21.02 12.94 -18.81
C PRO A 853 22.54 12.93 -18.67
N ASP A 854 23.13 13.95 -17.99
CA ASP A 854 24.58 14.08 -17.79
C ASP A 854 25.08 13.35 -16.53
N ALA A 855 24.17 12.69 -15.78
CA ALA A 855 24.53 11.97 -14.59
C ALA A 855 24.77 10.52 -14.93
N MET A 856 25.78 9.93 -14.27
CA MET A 856 26.09 8.51 -14.38
C MET A 856 25.25 7.86 -13.28
N VAL A 857 24.17 7.12 -13.66
CA VAL A 857 23.24 6.51 -12.69
C VAL A 857 23.33 4.99 -12.67
N LEU A 858 23.69 4.41 -11.51
CA LEU A 858 23.81 2.95 -11.35
C LEU A 858 22.91 2.40 -10.24
N TRP A 859 22.16 1.35 -10.56
CA TRP A 859 21.34 0.64 -9.60
C TRP A 859 21.89 -0.75 -9.50
N GLU A 860 22.07 -1.24 -8.26
CA GLU A 860 22.65 -2.56 -8.02
C GLU A 860 21.66 -3.52 -7.35
N ALA A 861 21.54 -4.70 -7.93
CA ALA A 861 20.73 -5.77 -7.35
C ALA A 861 21.53 -6.42 -6.27
N GLN A 862 20.89 -6.94 -5.19
CA GLN A 862 21.59 -7.66 -4.14
C GLN A 862 22.19 -8.92 -4.82
N PHE A 863 21.32 -9.60 -5.60
CA PHE A 863 21.57 -10.72 -6.50
C PHE A 863 20.72 -10.41 -7.70
N GLY A 864 21.23 -10.66 -8.91
CA GLY A 864 20.49 -10.42 -10.15
C GLY A 864 19.15 -11.13 -10.17
N ASP A 865 18.98 -12.13 -9.27
CA ASP A 865 17.80 -12.95 -9.12
C ASP A 865 16.59 -12.19 -8.57
N PHE A 866 16.80 -11.01 -7.97
CA PHE A 866 15.70 -10.28 -7.37
C PHE A 866 15.17 -9.16 -8.27
N VAL A 867 15.90 -8.81 -9.36
CA VAL A 867 15.47 -7.78 -10.31
C VAL A 867 14.14 -8.14 -11.00
N ASN A 868 13.66 -9.40 -10.91
CA ASN A 868 12.37 -9.77 -11.53
C ASN A 868 11.20 -9.09 -10.80
N GLY A 869 11.45 -8.58 -9.60
CA GLY A 869 10.51 -7.79 -8.84
C GLY A 869 10.31 -6.41 -9.46
N ALA A 870 11.15 -6.04 -10.46
CA ALA A 870 11.11 -4.77 -11.19
C ALA A 870 10.81 -4.99 -12.68
N GLN A 871 10.20 -6.14 -13.01
CA GLN A 871 9.87 -6.51 -14.38
C GLN A 871 9.04 -5.47 -15.11
N SER A 872 7.98 -4.88 -14.48
CA SER A 872 7.16 -3.82 -15.11
C SER A 872 8.06 -2.67 -15.55
N ILE A 873 8.97 -2.16 -14.67
CA ILE A 873 9.87 -1.04 -15.00
C ILE A 873 10.75 -1.41 -16.21
N ILE A 874 11.44 -2.58 -16.17
CA ILE A 874 12.31 -3.05 -17.24
C ILE A 874 11.54 -3.14 -18.56
N ASP A 875 10.42 -3.92 -18.58
CA ASP A 875 9.55 -4.13 -19.73
C ASP A 875 8.94 -2.83 -20.27
N GLU A 876 8.37 -2.02 -19.39
CA GLU A 876 7.62 -0.83 -19.81
C GLU A 876 8.43 0.43 -19.98
N PHE A 877 9.56 0.58 -19.25
CA PHE A 877 10.29 1.83 -19.30
C PHE A 877 11.66 1.68 -19.86
N ILE A 878 12.49 0.85 -19.20
CA ILE A 878 13.89 0.71 -19.54
C ILE A 878 14.09 0.17 -20.97
N SER A 879 13.52 -1.01 -21.28
CA SER A 879 13.75 -1.64 -22.57
C SER A 879 13.06 -0.98 -23.76
N SER A 880 11.95 -0.22 -23.54
CA SER A 880 11.07 0.28 -24.60
C SER A 880 10.71 1.80 -24.65
N GLY A 881 11.06 2.58 -23.63
CA GLY A 881 10.75 4.01 -23.57
C GLY A 881 11.20 4.86 -24.75
N GLU A 882 12.38 4.54 -25.32
CA GLU A 882 12.89 5.27 -26.48
C GLU A 882 12.02 5.01 -27.71
N ALA A 883 11.73 3.72 -28.01
CA ALA A 883 10.93 3.33 -29.20
C ALA A 883 9.50 3.82 -29.11
N LYS A 884 8.92 3.77 -27.92
CA LYS A 884 7.55 4.14 -27.69
C LYS A 884 7.33 5.63 -27.54
N TRP A 885 8.20 6.34 -26.78
CA TRP A 885 7.93 7.74 -26.43
C TRP A 885 8.96 8.76 -26.86
N GLY A 886 10.13 8.28 -27.26
CA GLY A 886 11.28 9.13 -27.57
C GLY A 886 11.96 9.53 -26.26
N GLN A 887 11.74 8.78 -25.19
CA GLN A 887 12.31 9.07 -23.89
C GLN A 887 13.55 8.21 -23.71
N LEU A 888 14.68 8.88 -23.58
CA LEU A 888 15.99 8.27 -23.44
C LEU A 888 16.40 8.14 -21.98
N SER A 889 17.10 7.06 -21.63
CA SER A 889 17.64 6.81 -20.28
C SER A 889 19.01 6.17 -20.39
N ASP A 890 19.95 6.56 -19.52
CA ASP A 890 21.32 6.03 -19.53
C ASP A 890 21.56 5.21 -18.25
N VAL A 891 20.48 4.67 -17.66
CA VAL A 891 20.53 3.92 -16.41
C VAL A 891 21.38 2.65 -16.58
N VAL A 892 22.15 2.29 -15.52
CA VAL A 892 22.96 1.09 -15.44
C VAL A 892 22.35 0.18 -14.40
N LEU A 893 22.04 -1.06 -14.79
CA LEU A 893 21.59 -2.06 -13.84
C LEU A 893 22.73 -3.02 -13.60
N LEU A 894 23.21 -3.11 -12.34
CA LEU A 894 24.28 -4.03 -11.92
C LEU A 894 23.62 -5.26 -11.31
N LEU A 895 23.80 -6.42 -11.99
CA LEU A 895 23.13 -7.66 -11.62
C LEU A 895 24.11 -8.78 -11.29
N PRO A 896 24.46 -9.00 -10.00
CA PRO A 896 25.39 -10.11 -9.65
C PRO A 896 24.84 -11.46 -10.16
N HIS A 897 25.66 -12.14 -10.97
CA HIS A 897 25.31 -13.36 -11.68
C HIS A 897 26.46 -14.38 -11.61
N GLY A 898 26.17 -15.66 -11.79
CA GLY A 898 27.15 -16.72 -11.78
C GLY A 898 26.73 -17.98 -11.05
N HIS A 899 26.96 -19.12 -11.67
CA HIS A 899 26.69 -20.42 -11.09
C HIS A 899 27.76 -20.75 -10.09
N GLU A 900 27.40 -20.69 -8.78
CA GLU A 900 28.37 -20.98 -7.71
C GLU A 900 27.87 -22.00 -6.71
N GLY A 901 26.70 -22.60 -6.94
CA GLY A 901 26.16 -23.61 -6.04
C GLY A 901 25.33 -23.10 -4.86
N GLN A 902 24.85 -21.83 -4.93
CA GLN A 902 24.05 -21.16 -3.90
C GLN A 902 22.49 -21.24 -4.11
N GLY A 903 22.04 -21.99 -5.11
CA GLY A 903 20.62 -22.16 -5.33
C GLY A 903 20.00 -21.34 -6.42
N PRO A 904 18.73 -21.67 -6.76
CA PRO A 904 18.01 -20.96 -7.83
C PRO A 904 17.73 -19.45 -7.60
N ASP A 905 17.92 -18.89 -6.41
CA ASP A 905 17.64 -17.47 -6.15
C ASP A 905 18.90 -16.69 -5.85
N HIS A 906 20.09 -17.31 -6.04
CA HIS A 906 21.40 -16.67 -5.85
C HIS A 906 22.33 -17.11 -6.98
N THR A 907 21.79 -17.18 -8.23
CA THR A 907 22.58 -17.66 -9.36
C THR A 907 22.47 -16.80 -10.65
N SER A 908 21.25 -16.48 -11.10
CA SER A 908 20.96 -15.87 -12.39
C SER A 908 20.26 -14.49 -12.37
N GLY A 909 20.69 -13.59 -13.27
CA GLY A 909 20.09 -12.29 -13.52
C GLY A 909 19.19 -12.36 -14.73
N ARG A 910 18.99 -13.58 -15.25
CA ARG A 910 18.15 -13.93 -16.41
C ARG A 910 18.58 -13.17 -17.69
N ILE A 911 19.85 -13.41 -18.10
CA ILE A 911 20.49 -12.89 -19.32
C ILE A 911 19.55 -13.07 -20.54
N GLU A 912 19.02 -14.30 -20.66
CA GLU A 912 18.13 -14.78 -21.68
C GLU A 912 16.88 -13.88 -21.85
N ARG A 913 16.42 -13.30 -20.73
CA ARG A 913 15.24 -12.45 -20.73
C ARG A 913 15.62 -11.09 -21.27
N PHE A 914 16.75 -10.51 -20.82
CA PHE A 914 17.22 -9.22 -21.33
C PHE A 914 17.54 -9.32 -22.82
N LEU A 915 18.22 -10.41 -23.24
CA LEU A 915 18.59 -10.66 -24.64
C LEU A 915 17.33 -10.76 -25.51
N GLN A 916 16.22 -11.24 -24.94
CA GLN A 916 14.93 -11.34 -25.61
C GLN A 916 14.27 -9.96 -25.74
N LEU A 917 14.41 -9.09 -24.72
CA LEU A 917 13.82 -7.73 -24.77
C LEU A 917 14.56 -6.82 -25.76
N TRP A 918 15.82 -7.09 -25.97
CA TRP A 918 16.72 -6.32 -26.80
C TRP A 918 16.29 -6.29 -28.27
N ALA A 919 16.45 -5.11 -28.88
CA ALA A 919 16.27 -4.81 -30.28
C ALA A 919 17.23 -3.71 -30.60
N GLU A 920 17.78 -3.70 -31.85
CA GLU A 920 18.84 -2.79 -32.29
C GLU A 920 18.74 -1.41 -31.65
N GLY A 921 19.73 -1.15 -30.82
CA GLY A 921 19.93 0.13 -30.12
C GLY A 921 18.93 0.45 -29.03
N SER A 922 18.44 -0.56 -28.27
CA SER A 922 17.49 -0.26 -27.21
C SER A 922 18.26 -0.12 -25.93
N MET A 923 19.15 -1.14 -25.68
CA MET A 923 20.02 -1.34 -24.51
C MET A 923 21.37 -1.94 -24.88
N THR A 924 22.34 -1.90 -23.94
CA THR A 924 23.63 -2.57 -24.05
C THR A 924 23.61 -3.64 -22.98
N ILE A 925 23.96 -4.88 -23.33
CA ILE A 925 24.00 -6.01 -22.41
C ILE A 925 25.43 -6.54 -22.44
N ALA A 926 26.11 -6.56 -21.27
CA ALA A 926 27.50 -7.02 -21.16
C ALA A 926 27.74 -7.93 -19.95
N MET A 927 28.75 -8.80 -20.08
CA MET A 927 29.16 -9.72 -19.04
C MET A 927 30.70 -9.71 -19.02
N PRO A 928 31.35 -8.65 -18.44
CA PRO A 928 32.82 -8.60 -18.50
C PRO A 928 33.50 -9.66 -17.61
N SER A 929 34.67 -10.14 -18.08
CA SER A 929 35.44 -11.17 -17.40
C SER A 929 36.70 -10.58 -16.73
N THR A 930 37.00 -9.31 -16.98
CA THR A 930 38.19 -8.69 -16.34
C THR A 930 37.82 -7.35 -15.69
N PRO A 931 38.51 -6.99 -14.57
CA PRO A 931 38.25 -5.69 -13.91
C PRO A 931 38.45 -4.48 -14.84
N ALA A 932 39.51 -4.48 -15.69
CA ALA A 932 39.73 -3.36 -16.63
C ALA A 932 38.65 -3.27 -17.73
N ASN A 933 38.16 -4.42 -18.25
CA ASN A 933 37.12 -4.34 -19.29
C ASN A 933 35.83 -3.78 -18.71
N TYR A 934 35.55 -4.07 -17.43
CA TYR A 934 34.42 -3.50 -16.74
C TYR A 934 34.62 -1.96 -16.60
N PHE A 935 35.86 -1.51 -16.21
CA PHE A 935 36.26 -0.11 -16.07
C PHE A 935 36.00 0.65 -17.39
N HIS A 936 36.45 0.11 -18.53
CA HIS A 936 36.27 0.78 -19.82
C HIS A 936 34.81 0.78 -20.25
N LEU A 937 34.04 -0.26 -19.90
CA LEU A 937 32.61 -0.36 -20.19
C LEU A 937 31.83 0.76 -19.51
N LEU A 938 32.11 1.04 -18.21
CA LEU A 938 31.45 2.09 -17.41
C LEU A 938 31.83 3.48 -17.91
N ARG A 939 33.12 3.66 -18.24
CA ARG A 939 33.65 4.91 -18.75
C ARG A 939 33.06 5.17 -20.12
N ARG A 940 32.99 4.15 -21.00
CA ARG A 940 32.39 4.32 -22.32
C ARG A 940 30.95 4.77 -22.17
N HIS A 941 30.20 4.08 -21.29
CA HIS A 941 28.82 4.36 -20.99
C HIS A 941 28.59 5.83 -20.56
N GLY A 942 29.35 6.30 -19.57
CA GLY A 942 29.24 7.65 -19.06
C GLY A 942 29.68 8.73 -20.01
N LYS A 943 30.60 8.42 -20.96
CA LYS A 943 31.20 9.41 -21.86
C LYS A 943 30.83 9.34 -23.38
N ASP A 944 29.92 8.47 -23.81
CA ASP A 944 29.63 8.28 -25.24
C ASP A 944 28.65 9.30 -25.86
N GLY A 945 27.97 10.10 -25.02
CA GLY A 945 26.99 11.09 -25.47
C GLY A 945 25.69 10.47 -25.95
N ILE A 946 25.52 9.15 -25.69
CA ILE A 946 24.34 8.36 -26.06
C ILE A 946 23.63 8.07 -24.78
N GLN A 947 22.30 8.16 -24.80
CA GLN A 947 21.46 7.86 -23.64
C GLN A 947 20.74 6.56 -23.94
N ARG A 948 21.34 5.45 -23.53
CA ARG A 948 20.88 4.08 -23.79
C ARG A 948 21.17 3.23 -22.55
N PRO A 949 20.21 2.47 -21.98
CA PRO A 949 20.51 1.74 -20.74
C PRO A 949 21.56 0.66 -20.95
N LEU A 950 22.28 0.37 -19.87
CA LEU A 950 23.30 -0.66 -19.84
C LEU A 950 22.95 -1.65 -18.75
N ILE A 951 22.92 -2.93 -19.13
CA ILE A 951 22.67 -4.07 -18.24
C ILE A 951 24.00 -4.81 -18.07
N VAL A 952 24.52 -4.88 -16.82
CA VAL A 952 25.77 -5.56 -16.53
C VAL A 952 25.54 -6.73 -15.61
N PHE A 953 26.09 -7.89 -15.99
CA PHE A 953 26.07 -9.13 -15.23
C PHE A 953 27.41 -9.21 -14.54
N THR A 954 27.39 -8.87 -13.24
CA THR A 954 28.58 -8.66 -12.42
C THR A 954 28.90 -9.93 -11.58
N PRO A 955 30.13 -10.03 -11.01
CA PRO A 955 30.51 -11.25 -10.31
C PRO A 955 30.17 -11.24 -8.83
N LYS A 956 30.45 -12.39 -8.19
CA LYS A 956 30.26 -12.68 -6.78
C LYS A 956 31.58 -13.28 -6.28
N SER A 957 31.85 -14.57 -6.55
CA SER A 957 33.14 -15.18 -6.15
C SER A 957 34.28 -14.71 -7.05
N MET A 958 34.00 -14.30 -8.30
CA MET A 958 35.04 -13.82 -9.21
C MET A 958 35.65 -12.47 -8.71
N LEU A 959 35.03 -11.83 -7.68
CA LEU A 959 35.53 -10.60 -7.07
C LEU A 959 36.85 -10.86 -6.35
N ARG A 960 37.02 -12.08 -5.84
CA ARG A 960 38.16 -12.51 -5.06
C ARG A 960 39.01 -13.56 -5.77
N ASN A 961 38.74 -13.83 -7.06
CA ASN A 961 39.54 -14.73 -7.87
C ASN A 961 40.84 -14.02 -8.15
N LYS A 962 41.97 -14.65 -7.82
CA LYS A 962 43.30 -14.02 -7.98
C LYS A 962 43.74 -13.96 -9.46
N ALA A 963 43.10 -14.73 -10.35
CA ALA A 963 43.40 -14.75 -11.79
C ALA A 963 42.66 -13.63 -12.52
N ALA A 964 41.47 -13.25 -12.00
CA ALA A 964 40.63 -12.18 -12.57
C ALA A 964 41.11 -10.80 -12.07
N VAL A 965 42.41 -10.50 -12.28
CA VAL A 965 43.01 -9.21 -11.90
C VAL A 965 43.58 -8.53 -13.17
N SER A 966 43.69 -7.20 -13.13
CA SER A 966 44.12 -6.44 -14.28
C SER A 966 45.39 -5.64 -14.02
N ASP A 967 46.16 -5.38 -15.09
CA ASP A 967 47.40 -4.60 -15.01
C ASP A 967 47.10 -3.12 -15.17
N ILE A 968 47.97 -2.26 -14.64
CA ILE A 968 47.85 -0.80 -14.82
C ILE A 968 47.74 -0.43 -16.31
N ARG A 969 48.57 -1.04 -17.21
CA ARG A 969 48.54 -0.76 -18.67
C ARG A 969 47.16 -1.07 -19.30
N ASP A 970 46.38 -1.94 -18.67
CA ASP A 970 45.04 -2.28 -19.13
C ASP A 970 44.08 -1.08 -18.91
N PHE A 971 44.41 -0.20 -17.93
CA PHE A 971 43.62 0.99 -17.61
C PHE A 971 44.15 2.24 -18.29
N THR A 972 45.44 2.25 -18.62
CA THR A 972 46.09 3.44 -19.17
C THR A 972 46.41 3.36 -20.65
N GLU A 973 46.47 2.13 -21.21
CA GLU A 973 46.90 1.97 -22.61
C GLU A 973 45.92 1.08 -23.39
N SER A 974 44.66 0.97 -22.94
CA SER A 974 43.69 0.14 -23.63
C SER A 974 42.30 0.81 -23.68
N LYS A 975 41.32 0.09 -24.27
CA LYS A 975 39.93 0.53 -24.44
C LYS A 975 39.03 -0.69 -24.16
N PHE A 976 37.69 -0.51 -24.23
CA PHE A 976 36.77 -1.63 -24.04
C PHE A 976 36.90 -2.58 -25.24
N ARG A 977 37.13 -3.86 -24.93
CA ARG A 977 37.22 -4.92 -25.93
C ARG A 977 35.92 -5.72 -25.84
N SER A 978 35.10 -5.67 -26.89
CA SER A 978 33.81 -6.37 -26.94
C SER A 978 33.97 -7.87 -27.07
N VAL A 979 35.08 -8.30 -27.70
CA VAL A 979 35.49 -9.69 -27.88
C VAL A 979 36.91 -9.80 -27.33
N LEU A 980 37.21 -10.80 -26.46
CA LEU A 980 38.54 -11.00 -25.90
C LEU A 980 39.13 -12.36 -26.26
N GLU A 981 40.42 -12.36 -26.59
CA GLU A 981 41.22 -13.52 -26.91
C GLU A 981 42.05 -13.88 -25.71
N GLU A 982 42.63 -15.09 -25.71
CA GLU A 982 43.51 -15.50 -24.64
C GLU A 982 44.81 -14.68 -24.70
N PRO A 983 45.28 -14.17 -23.55
CA PRO A 983 46.51 -13.35 -23.55
C PRO A 983 47.69 -13.98 -24.28
N MET A 984 47.78 -15.34 -24.30
CA MET A 984 48.87 -16.06 -24.98
C MET A 984 48.93 -15.78 -26.48
N TYR A 985 47.81 -15.41 -27.11
CA TYR A 985 47.78 -15.16 -28.55
C TYR A 985 48.00 -13.66 -28.88
N THR A 986 47.72 -12.78 -27.93
CA THR A 986 47.83 -11.33 -28.10
C THR A 986 49.10 -10.74 -27.46
N ASP A 987 49.64 -11.40 -26.42
CA ASP A 987 50.85 -10.95 -25.72
C ASP A 987 51.89 -12.05 -25.73
N GLY A 988 51.49 -13.24 -25.29
CA GLY A 988 52.36 -14.40 -25.20
C GLY A 988 52.84 -14.98 -26.52
N GLU A 989 53.35 -16.21 -26.43
CA GLU A 989 53.91 -16.91 -27.58
C GLU A 989 53.07 -18.15 -27.92
N GLY A 990 51.78 -17.93 -28.17
CA GLY A 990 50.81 -18.96 -28.53
C GLY A 990 50.51 -18.98 -30.00
N ASP A 991 50.31 -20.18 -30.57
CA ASP A 991 50.04 -20.38 -32.00
C ASP A 991 48.55 -20.57 -32.25
N ARG A 992 47.91 -19.63 -32.97
CA ARG A 992 46.48 -19.72 -33.29
C ARG A 992 46.24 -20.77 -34.39
N ASN A 993 47.27 -21.08 -35.18
CA ASN A 993 47.22 -22.06 -36.27
C ASN A 993 47.13 -23.49 -35.75
N LYS A 994 47.64 -23.74 -34.52
CA LYS A 994 47.59 -25.04 -33.83
C LYS A 994 46.17 -25.40 -33.39
N VAL A 995 45.27 -24.39 -33.29
CA VAL A 995 43.86 -24.49 -32.84
C VAL A 995 42.95 -25.15 -33.91
N THR A 996 42.20 -26.21 -33.48
CA THR A 996 41.21 -26.96 -34.28
C THR A 996 39.83 -26.89 -33.61
N ARG A 997 39.78 -26.51 -32.31
CA ARG A 997 38.53 -26.38 -31.55
C ARG A 997 38.42 -24.99 -30.93
N LEU A 998 37.34 -24.29 -31.23
CA LEU A 998 37.15 -22.97 -30.64
C LEU A 998 35.93 -22.95 -29.71
N LEU A 999 36.17 -22.49 -28.47
CA LEU A 999 35.15 -22.39 -27.43
C LEU A 999 34.78 -20.93 -27.24
N LEU A 1000 33.54 -20.64 -27.50
CA LEU A 1000 33.05 -19.28 -27.33
C LEU A 1000 32.31 -19.20 -26.01
N THR A 1001 32.71 -18.24 -25.21
CA THR A 1001 32.09 -18.13 -23.91
C THR A 1001 31.95 -16.65 -23.49
N SER A 1002 31.57 -16.43 -22.23
CA SER A 1002 31.34 -15.15 -21.59
C SER A 1002 31.35 -15.31 -20.05
N GLY A 1003 32.01 -14.38 -19.35
CA GLY A 1003 32.09 -14.39 -17.90
C GLY A 1003 33.13 -15.28 -17.27
N LYS A 1004 32.86 -15.67 -15.99
CA LYS A 1004 33.79 -16.39 -15.12
C LYS A 1004 34.22 -17.77 -15.60
N ILE A 1005 33.37 -18.53 -16.33
CA ILE A 1005 33.69 -19.89 -16.77
C ILE A 1005 34.99 -19.90 -17.62
N TYR A 1006 35.35 -18.74 -18.23
CA TYR A 1006 36.60 -18.57 -18.97
C TYR A 1006 37.79 -19.03 -18.14
N TYR A 1007 37.85 -18.59 -16.86
CA TYR A 1007 38.95 -18.92 -15.95
C TYR A 1007 39.08 -20.44 -15.71
N GLU A 1008 37.93 -21.17 -15.66
CA GLU A 1008 37.96 -22.62 -15.45
C GLU A 1008 38.42 -23.35 -16.72
N LEU A 1009 37.94 -22.90 -17.89
CA LEU A 1009 38.33 -23.45 -19.20
C LEU A 1009 39.81 -23.15 -19.48
N ALA A 1010 40.30 -21.95 -19.07
CA ALA A 1010 41.69 -21.53 -19.21
C ALA A 1010 42.63 -22.39 -18.34
N ALA A 1011 42.24 -22.61 -17.05
CA ALA A 1011 42.96 -23.45 -16.08
C ALA A 1011 43.10 -24.88 -16.62
N ARG A 1012 41.99 -25.43 -17.11
CA ARG A 1012 41.88 -26.75 -17.70
C ARG A 1012 42.78 -26.88 -18.94
N LYS A 1013 42.76 -25.87 -19.83
CA LYS A 1013 43.59 -25.81 -21.03
C LYS A 1013 45.07 -25.81 -20.63
N ALA A 1014 45.45 -25.02 -19.58
CA ALA A 1014 46.81 -24.91 -19.07
C ALA A 1014 47.27 -26.23 -18.44
N LYS A 1015 46.42 -26.88 -17.61
CA LYS A 1015 46.70 -28.14 -16.92
C LYS A 1015 47.04 -29.22 -17.95
N GLU A 1016 46.05 -29.60 -18.80
CA GLU A 1016 46.16 -30.60 -19.86
C GLU A 1016 47.15 -30.17 -20.97
N ASN A 1017 47.51 -28.86 -21.02
CA ASN A 1017 48.43 -28.21 -21.98
C ASN A 1017 47.92 -28.47 -23.41
N ARG A 1018 46.76 -27.87 -23.74
CA ARG A 1018 46.06 -28.07 -24.99
C ARG A 1018 46.11 -26.86 -25.92
N GLU A 1019 47.05 -26.91 -26.86
CA GLU A 1019 47.32 -25.90 -27.89
C GLU A 1019 46.29 -25.91 -29.01
N ASP A 1020 45.53 -27.01 -29.13
CA ASP A 1020 44.53 -27.25 -30.17
C ASP A 1020 43.17 -26.65 -29.82
N VAL A 1021 43.03 -26.10 -28.60
CA VAL A 1021 41.79 -25.51 -28.09
C VAL A 1021 42.01 -24.01 -27.79
N ALA A 1022 41.10 -23.13 -28.27
CA ALA A 1022 41.15 -21.70 -28.00
C ALA A 1022 39.87 -21.25 -27.35
N ILE A 1023 39.96 -20.28 -26.43
CA ILE A 1023 38.80 -19.75 -25.69
C ILE A 1023 38.66 -18.26 -26.04
N VAL A 1024 37.51 -17.92 -26.67
CA VAL A 1024 37.19 -16.55 -27.08
C VAL A 1024 35.97 -16.09 -26.27
N ARG A 1025 36.08 -14.90 -25.67
CA ARG A 1025 35.02 -14.32 -24.85
C ARG A 1025 34.25 -13.27 -25.56
N ILE A 1026 32.91 -13.29 -25.41
CA ILE A 1026 32.00 -12.26 -25.92
C ILE A 1026 31.66 -11.42 -24.68
N GLU A 1027 32.41 -10.32 -24.51
CA GLU A 1027 32.26 -9.40 -23.37
C GLU A 1027 30.97 -8.61 -23.49
N GLN A 1028 30.65 -8.16 -24.72
CA GLN A 1028 29.43 -7.41 -25.05
C GLN A 1028 28.45 -8.34 -25.76
N LEU A 1029 27.47 -8.84 -25.02
CA LEU A 1029 26.44 -9.77 -25.52
C LEU A 1029 25.48 -9.14 -26.49
N ALA A 1030 25.07 -7.89 -26.22
CA ALA A 1030 24.19 -7.14 -27.10
C ALA A 1030 24.55 -5.65 -27.05
N PRO A 1031 24.70 -4.97 -28.21
CA PRO A 1031 24.59 -5.49 -29.59
C PRO A 1031 25.77 -6.41 -29.91
N LEU A 1032 25.53 -7.52 -30.63
CA LEU A 1032 26.58 -8.46 -30.98
C LEU A 1032 27.74 -7.77 -31.74
N PRO A 1033 28.99 -7.97 -31.27
CA PRO A 1033 30.15 -7.40 -31.96
C PRO A 1033 30.53 -8.20 -33.22
N ARG A 1034 29.59 -8.31 -34.20
CA ARG A 1034 29.66 -9.00 -35.50
C ARG A 1034 31.02 -8.77 -36.21
N ARG A 1035 31.41 -7.51 -36.40
CA ARG A 1035 32.66 -7.24 -37.11
C ARG A 1035 33.90 -7.68 -36.32
N ARG A 1036 33.92 -7.44 -34.97
CA ARG A 1036 35.08 -7.78 -34.14
C ARG A 1036 35.24 -9.28 -33.99
N LEU A 1037 34.09 -9.99 -33.84
CA LEU A 1037 33.98 -11.45 -33.70
C LEU A 1037 34.45 -12.13 -35.00
N ALA A 1038 34.11 -11.56 -36.18
CA ALA A 1038 34.56 -12.07 -37.48
C ALA A 1038 36.06 -11.86 -37.67
N GLU A 1039 36.60 -10.68 -37.26
CA GLU A 1039 38.04 -10.36 -37.33
C GLU A 1039 38.82 -11.38 -36.52
N THR A 1040 38.32 -11.71 -35.31
CA THR A 1040 38.91 -12.66 -34.36
C THR A 1040 38.89 -14.11 -34.91
N LEU A 1041 37.72 -14.63 -35.32
CA LEU A 1041 37.60 -16.02 -35.79
C LEU A 1041 38.44 -16.29 -37.04
N ASP A 1042 38.66 -15.25 -37.87
CA ASP A 1042 39.45 -15.32 -39.09
C ASP A 1042 40.95 -15.58 -38.79
N ARG A 1043 41.38 -15.37 -37.52
CA ARG A 1043 42.76 -15.55 -37.05
C ARG A 1043 43.07 -17.00 -36.69
N TYR A 1044 42.03 -17.85 -36.60
CA TYR A 1044 42.14 -19.27 -36.29
C TYR A 1044 41.75 -20.02 -37.58
N PRO A 1045 42.70 -20.19 -38.54
CA PRO A 1045 42.32 -20.76 -39.84
C PRO A 1045 42.12 -22.27 -39.87
N ASN A 1046 42.59 -23.00 -38.85
CA ASN A 1046 42.44 -24.47 -38.86
C ASN A 1046 41.39 -24.99 -37.89
N VAL A 1047 40.40 -24.16 -37.49
CA VAL A 1047 39.33 -24.61 -36.58
C VAL A 1047 38.39 -25.55 -37.38
N LYS A 1048 38.07 -26.71 -36.78
CA LYS A 1048 37.22 -27.74 -37.35
C LYS A 1048 35.87 -27.85 -36.59
N GLU A 1049 35.74 -27.21 -35.40
CA GLU A 1049 34.51 -27.25 -34.61
C GLU A 1049 34.45 -26.09 -33.63
N LYS A 1050 33.27 -25.45 -33.55
CA LYS A 1050 33.00 -24.33 -32.64
C LYS A 1050 31.88 -24.68 -31.67
N PHE A 1051 32.07 -24.31 -30.39
CA PHE A 1051 31.08 -24.56 -29.35
C PHE A 1051 30.81 -23.32 -28.54
N TRP A 1052 29.53 -23.07 -28.23
CA TRP A 1052 29.16 -22.02 -27.30
C TRP A 1052 29.12 -22.70 -25.91
N VAL A 1053 29.98 -22.23 -24.98
CA VAL A 1053 30.12 -22.80 -23.64
C VAL A 1053 29.53 -21.84 -22.60
N GLN A 1054 28.60 -22.34 -21.79
CA GLN A 1054 27.93 -21.53 -20.78
C GLN A 1054 27.60 -22.37 -19.57
N GLU A 1055 27.53 -21.72 -18.41
CA GLU A 1055 27.20 -22.37 -17.14
C GLU A 1055 25.69 -22.61 -17.02
N GLU A 1056 24.89 -21.73 -17.58
CA GLU A 1056 23.43 -21.72 -17.45
C GLU A 1056 22.70 -22.88 -18.17
N PRO A 1057 21.50 -23.28 -17.67
CA PRO A 1057 20.67 -24.25 -18.42
C PRO A 1057 20.45 -23.90 -19.93
N ALA A 1058 20.28 -24.95 -20.79
CA ALA A 1058 20.17 -24.81 -22.24
C ALA A 1058 19.15 -23.78 -22.67
N ASN A 1059 18.06 -23.64 -21.88
CA ASN A 1059 16.93 -22.71 -22.12
C ASN A 1059 17.20 -21.31 -21.54
N GLN A 1060 18.39 -21.11 -20.96
CA GLN A 1060 18.77 -19.86 -20.32
C GLN A 1060 20.17 -19.40 -20.80
N GLY A 1061 20.67 -18.31 -20.25
CA GLY A 1061 21.97 -17.78 -20.65
C GLY A 1061 21.90 -17.17 -22.03
N ALA A 1062 22.99 -17.19 -22.77
CA ALA A 1062 22.97 -16.60 -24.10
C ALA A 1062 22.63 -17.60 -25.20
N TRP A 1063 22.59 -18.91 -24.91
CA TRP A 1063 22.32 -19.88 -25.97
C TRP A 1063 20.99 -19.66 -26.68
N PRO A 1064 19.81 -19.46 -26.00
CA PRO A 1064 18.54 -19.31 -26.76
C PRO A 1064 18.62 -18.25 -27.86
N SER A 1065 19.38 -17.18 -27.58
CA SER A 1065 19.61 -16.05 -28.45
C SER A 1065 20.67 -16.37 -29.51
N PHE A 1066 21.94 -16.61 -29.04
CA PHE A 1066 23.13 -16.86 -29.86
C PHE A 1066 23.02 -18.07 -30.75
N GLY A 1067 22.39 -19.15 -30.26
CA GLY A 1067 22.18 -20.38 -31.03
C GLY A 1067 21.38 -20.16 -32.31
N LEU A 1068 20.47 -19.17 -32.25
CA LEU A 1068 19.63 -18.77 -33.36
C LEU A 1068 20.26 -17.67 -34.21
N THR A 1069 20.84 -16.64 -33.58
CA THR A 1069 21.35 -15.48 -34.30
C THR A 1069 22.77 -15.64 -34.86
N LEU A 1070 23.74 -16.21 -34.09
CA LEU A 1070 25.11 -16.33 -34.61
C LEU A 1070 25.18 -17.08 -35.97
N PRO A 1071 24.51 -18.25 -36.21
CA PRO A 1071 24.58 -18.86 -37.55
C PRO A 1071 23.81 -18.10 -38.63
N GLU A 1072 23.07 -17.04 -38.26
CA GLU A 1072 22.28 -16.20 -39.17
C GLU A 1072 23.07 -14.95 -39.58
N ILE A 1073 23.61 -14.24 -38.59
CA ILE A 1073 24.41 -13.03 -38.68
C ILE A 1073 25.73 -13.36 -39.43
N LEU A 1074 26.49 -14.39 -38.98
CA LEU A 1074 27.75 -14.83 -39.59
C LEU A 1074 27.67 -16.32 -39.95
N PRO A 1075 26.95 -16.68 -41.05
CA PRO A 1075 26.81 -18.10 -41.43
C PRO A 1075 28.10 -18.79 -41.90
N ASP A 1076 29.09 -18.02 -42.39
CA ASP A 1076 30.36 -18.56 -42.86
C ASP A 1076 31.27 -18.96 -41.69
N HIS A 1077 31.01 -18.40 -40.51
CA HIS A 1077 31.75 -18.72 -39.30
C HIS A 1077 30.98 -19.68 -38.39
N PHE A 1078 29.64 -19.50 -38.22
CA PHE A 1078 28.90 -20.24 -37.21
C PHE A 1078 27.88 -21.28 -37.67
N THR A 1079 27.77 -21.61 -38.99
CA THR A 1079 26.83 -22.71 -39.33
C THR A 1079 27.51 -23.98 -38.82
N GLY A 1080 26.78 -24.70 -37.96
CA GLY A 1080 27.29 -25.91 -37.32
C GLY A 1080 27.72 -25.69 -35.88
N LEU A 1081 27.46 -24.47 -35.33
CA LEU A 1081 27.78 -24.13 -33.94
C LEU A 1081 27.00 -25.04 -32.99
N LYS A 1082 27.75 -25.72 -32.09
CA LYS A 1082 27.16 -26.63 -31.12
C LYS A 1082 27.16 -25.96 -29.73
N ARG A 1083 26.44 -26.54 -28.77
CA ARG A 1083 26.27 -25.99 -27.42
C ARG A 1083 26.80 -26.93 -26.37
N ILE A 1084 27.47 -26.35 -25.34
CA ILE A 1084 27.95 -27.00 -24.14
C ILE A 1084 27.40 -26.16 -22.99
N SER A 1085 26.43 -26.72 -22.24
CA SER A 1085 25.77 -26.06 -21.11
C SER A 1085 25.19 -27.08 -20.15
N ARG A 1086 24.49 -26.58 -19.13
CA ARG A 1086 23.68 -27.39 -18.23
C ARG A 1086 22.42 -27.76 -19.01
N ARG A 1087 21.72 -28.82 -18.60
CA ARG A 1087 20.47 -29.22 -19.23
C ARG A 1087 19.43 -28.11 -19.02
N ALA A 1088 18.41 -28.04 -19.87
CA ALA A 1088 17.32 -27.07 -19.68
C ALA A 1088 16.59 -27.36 -18.35
N MET A 1089 16.31 -26.30 -17.60
CA MET A 1089 15.66 -26.39 -16.28
C MET A 1089 14.51 -25.37 -16.17
N SER A 1090 13.53 -25.70 -15.28
CA SER A 1090 12.38 -24.85 -14.99
C SER A 1090 12.73 -23.82 -13.90
N ALA A 1091 13.97 -23.91 -13.35
CA ALA A 1091 14.58 -23.02 -12.36
C ALA A 1091 15.98 -22.57 -12.88
N PRO A 1092 16.58 -21.47 -12.37
CA PRO A 1092 17.90 -21.04 -12.88
C PRO A 1092 19.06 -22.00 -12.58
N SER A 1093 18.86 -22.92 -11.62
CA SER A 1093 19.88 -23.88 -11.21
C SER A 1093 19.31 -24.94 -10.28
N SER A 1094 20.16 -25.90 -9.93
CA SER A 1094 19.83 -26.93 -8.96
C SER A 1094 19.86 -26.32 -7.55
N GLY A 1095 19.18 -26.97 -6.62
CA GLY A 1095 19.14 -26.53 -5.24
C GLY A 1095 20.28 -27.06 -4.41
N SER A 1096 20.97 -28.13 -4.91
CA SER A 1096 22.10 -28.81 -4.28
C SER A 1096 23.46 -28.32 -4.79
N SER A 1097 24.37 -27.99 -3.86
CA SER A 1097 25.74 -27.59 -4.17
C SER A 1097 26.50 -28.72 -4.85
N LYS A 1098 26.33 -29.97 -4.32
CA LYS A 1098 26.95 -31.20 -4.82
C LYS A 1098 26.55 -31.42 -6.27
N VAL A 1099 25.25 -31.24 -6.61
CA VAL A 1099 24.78 -31.36 -8.00
C VAL A 1099 25.54 -30.33 -8.87
N HIS A 1100 25.49 -29.03 -8.49
CA HIS A 1100 26.17 -27.95 -9.19
C HIS A 1100 27.63 -28.29 -9.55
N ALA A 1101 28.39 -28.80 -8.58
CA ALA A 1101 29.81 -29.15 -8.72
C ALA A 1101 30.02 -30.23 -9.80
N VAL A 1102 29.14 -31.25 -9.83
CA VAL A 1102 29.17 -32.36 -10.78
C VAL A 1102 28.83 -31.83 -12.19
N GLU A 1103 27.81 -30.96 -12.28
CA GLU A 1103 27.37 -30.33 -13.52
C GLU A 1103 28.47 -29.41 -14.09
N GLN A 1104 29.17 -28.68 -13.20
CA GLN A 1104 30.24 -27.75 -13.57
C GLN A 1104 31.43 -28.49 -14.16
N GLN A 1105 31.75 -29.67 -13.58
CA GLN A 1105 32.87 -30.47 -14.07
C GLN A 1105 32.49 -31.15 -15.39
N GLU A 1106 31.19 -31.51 -15.53
CA GLU A 1106 30.65 -32.10 -16.75
C GLU A 1106 30.88 -31.17 -17.94
N ILE A 1107 30.65 -29.84 -17.75
CA ILE A 1107 30.83 -28.80 -18.77
C ILE A 1107 32.29 -28.74 -19.23
N LEU A 1108 33.24 -28.65 -18.28
CA LEU A 1108 34.67 -28.58 -18.59
C LEU A 1108 35.17 -29.83 -19.31
N ASP A 1109 34.73 -31.02 -18.86
CA ASP A 1109 35.10 -32.30 -19.47
C ASP A 1109 34.61 -32.41 -20.91
N THR A 1110 33.39 -31.97 -21.16
CA THR A 1110 32.77 -31.99 -22.50
C THR A 1110 33.52 -31.03 -23.44
N ALA A 1111 33.85 -29.83 -22.92
CA ALA A 1111 34.56 -28.80 -23.66
C ALA A 1111 35.91 -29.28 -24.14
N PHE A 1112 36.60 -30.09 -23.31
CA PHE A 1112 37.92 -30.63 -23.62
C PHE A 1112 37.89 -32.13 -23.96
N GLY A 1113 36.73 -32.65 -24.37
CA GLY A 1113 36.55 -34.04 -24.76
C GLY A 1113 36.52 -34.22 -26.27
N VAL B 14 15.80 17.74 66.79
CA VAL B 14 14.59 17.30 66.11
C VAL B 14 14.31 18.15 64.85
N ARG B 15 13.76 17.51 63.79
CA ARG B 15 13.35 18.17 62.53
C ARG B 15 12.23 17.41 61.83
N ALA B 16 11.11 18.12 61.56
CA ALA B 16 9.95 17.58 60.84
C ALA B 16 10.16 17.80 59.34
N ILE B 17 10.20 16.71 58.55
CA ILE B 17 10.48 16.75 57.11
C ILE B 17 9.31 16.24 56.25
N PRO B 18 8.90 16.98 55.17
CA PRO B 18 7.90 16.42 54.25
C PRO B 18 8.46 15.22 53.45
N ALA B 19 7.88 14.04 53.67
CA ALA B 19 8.35 12.89 52.94
C ALA B 19 7.35 12.51 51.81
N LYS B 20 6.58 13.49 51.29
CA LYS B 20 5.65 13.33 50.15
C LYS B 20 6.41 12.88 48.89
N LEU B 21 7.53 13.54 48.50
CA LEU B 21 8.28 13.13 47.30
C LEU B 21 8.92 11.76 47.47
N MET B 22 9.36 11.48 48.69
CA MET B 22 9.96 10.21 49.11
C MET B 22 8.95 9.07 48.94
N ILE B 23 7.73 9.22 49.52
CA ILE B 23 6.64 8.24 49.44
C ILE B 23 6.27 8.00 47.99
N ASP B 24 6.03 9.09 47.24
CA ASP B 24 5.60 9.05 45.85
C ASP B 24 6.62 8.36 44.95
N ASN B 25 7.91 8.71 45.07
CA ASN B 25 8.91 8.07 44.23
C ASN B 25 9.15 6.60 44.61
N ARG B 26 9.04 6.26 45.91
CA ARG B 26 9.15 4.87 46.37
C ARG B 26 8.06 4.03 45.72
N VAL B 27 6.82 4.57 45.58
CA VAL B 27 5.69 3.88 44.95
C VAL B 27 6.04 3.60 43.49
N VAL B 28 6.56 4.61 42.79
CA VAL B 28 6.99 4.51 41.39
C VAL B 28 8.13 3.49 41.29
N ILE B 29 9.16 3.61 42.13
CA ILE B 29 10.29 2.70 42.16
C ILE B 29 9.79 1.24 42.31
N ASN B 30 9.08 0.93 43.42
CA ASN B 30 8.62 -0.43 43.70
C ASN B 30 7.61 -0.95 42.69
N ASN B 31 6.81 -0.05 42.06
CA ASN B 31 5.87 -0.46 40.99
C ASN B 31 6.66 -0.94 39.80
N HIS B 32 7.76 -0.25 39.46
CA HIS B 32 8.61 -0.64 38.33
C HIS B 32 9.31 -1.98 38.62
N LEU B 33 9.96 -2.07 39.79
CA LEU B 33 10.71 -3.25 40.21
C LEU B 33 9.88 -4.54 40.26
N LYS B 34 8.63 -4.49 40.78
CA LYS B 34 7.72 -5.65 40.90
C LYS B 34 7.43 -6.25 39.51
N ARG B 35 7.38 -5.38 38.48
CA ARG B 35 7.05 -5.76 37.11
C ARG B 35 8.27 -6.30 36.35
N THR B 36 9.48 -5.69 36.54
CA THR B 36 10.70 -6.02 35.80
C THR B 36 11.67 -6.99 36.54
N ARG B 37 12.81 -6.45 37.00
CA ARG B 37 13.95 -7.13 37.63
C ARG B 37 13.74 -7.60 39.08
N GLY B 38 12.78 -7.02 39.79
CA GLY B 38 12.50 -7.38 41.18
C GLY B 38 13.22 -6.57 42.24
N GLY B 39 12.81 -6.76 43.48
CA GLY B 39 13.37 -6.04 44.62
C GLY B 39 12.44 -4.96 45.16
N LYS B 40 12.68 -4.53 46.42
CA LYS B 40 11.86 -3.51 47.06
C LYS B 40 12.73 -2.51 47.79
N ILE B 41 12.61 -1.23 47.40
CA ILE B 41 13.35 -0.13 48.02
C ILE B 41 12.61 0.34 49.25
N SER B 42 13.31 0.43 50.40
CA SER B 42 12.77 0.89 51.67
C SER B 42 13.04 2.39 51.83
N PHE B 43 12.37 3.06 52.80
CA PHE B 43 12.62 4.47 53.12
C PHE B 43 14.03 4.61 53.73
N THR B 44 14.49 3.54 54.37
CA THR B 44 15.79 3.45 55.02
C THR B 44 16.90 3.49 53.96
N HIS B 45 16.68 2.84 52.78
CA HIS B 45 17.63 2.85 51.67
C HIS B 45 17.86 4.27 51.17
N LEU B 46 16.75 5.03 51.03
CA LEU B 46 16.75 6.41 50.55
C LEU B 46 17.35 7.36 51.59
N LEU B 47 16.96 7.19 52.87
CA LEU B 47 17.48 8.04 53.96
C LEU B 47 18.98 7.76 54.24
N GLY B 48 19.36 6.47 54.26
CA GLY B 48 20.75 6.03 54.47
C GLY B 48 21.68 6.54 53.40
N TYR B 49 21.27 6.44 52.12
CA TYR B 49 22.06 6.91 50.98
C TYR B 49 22.22 8.44 51.00
N ALA B 50 21.17 9.16 51.41
CA ALA B 50 21.17 10.61 51.52
C ALA B 50 22.22 11.07 52.54
N ILE B 51 22.23 10.44 53.75
CA ILE B 51 23.18 10.71 54.82
C ILE B 51 24.62 10.67 54.24
N VAL B 52 24.97 9.56 53.54
CA VAL B 52 26.27 9.29 52.89
C VAL B 52 26.63 10.45 51.91
N GLN B 53 25.63 11.01 51.19
CA GLN B 53 25.84 12.13 50.27
C GLN B 53 26.06 13.42 51.04
N THR B 80 34.55 6.23 55.54
CA THR B 80 33.14 6.56 55.26
C THR B 80 32.27 5.29 55.32
N ASN B 81 31.94 4.87 56.57
CA ASN B 81 31.15 3.66 56.88
C ASN B 81 29.91 4.00 57.73
N LEU B 82 28.72 3.74 57.17
CA LEU B 82 27.41 3.99 57.79
C LEU B 82 26.94 2.82 58.66
N GLY B 83 26.74 3.11 59.95
CA GLY B 83 26.21 2.15 60.92
C GLY B 83 24.70 2.04 60.81
N LEU B 84 24.17 0.82 60.85
CA LEU B 84 22.74 0.60 60.71
C LEU B 84 22.21 -0.30 61.83
N ALA B 85 21.28 0.27 62.61
CA ALA B 85 20.61 -0.36 63.74
C ALA B 85 19.50 -1.29 63.27
N VAL B 98 23.19 -3.85 68.18
CA VAL B 98 22.35 -4.22 67.03
C VAL B 98 22.66 -3.26 65.82
N VAL B 99 23.82 -2.56 65.88
CA VAL B 99 24.26 -1.59 64.85
C VAL B 99 25.46 -2.13 64.01
N ALA B 100 25.15 -2.66 62.79
CA ALA B 100 26.10 -3.20 61.82
C ALA B 100 26.43 -2.17 60.73
N ALA B 101 27.73 -2.02 60.39
CA ALA B 101 28.21 -1.02 59.43
C ALA B 101 28.37 -1.51 57.98
N ILE B 102 28.06 -0.61 57.03
CA ILE B 102 28.23 -0.72 55.59
C ILE B 102 29.50 0.05 55.28
N LYS B 103 30.61 -0.65 55.04
CA LYS B 103 31.91 -0.03 54.83
C LYS B 103 32.12 0.49 53.41
N ARG B 104 32.91 1.58 53.28
CA ARG B 104 33.31 2.26 52.03
C ARG B 104 32.09 2.74 51.19
N CYS B 105 31.16 3.48 51.83
CA CYS B 105 29.95 4.01 51.22
C CYS B 105 30.24 5.18 50.27
N GLU B 106 31.34 5.93 50.50
CA GLU B 106 31.69 7.12 49.69
C GLU B 106 32.00 6.80 48.21
N THR B 107 32.46 5.57 47.88
CA THR B 107 32.78 5.17 46.51
C THR B 107 31.68 4.23 45.91
N MET B 108 30.45 4.31 46.48
CA MET B 108 29.31 3.48 46.08
C MET B 108 28.22 4.25 45.34
N ARG B 109 27.71 3.65 44.26
CA ARG B 109 26.57 4.17 43.53
C ARG B 109 25.33 3.62 44.23
N PHE B 110 24.11 4.11 43.90
CA PHE B 110 22.92 3.66 44.61
C PHE B 110 22.77 2.12 44.61
N GLY B 111 22.91 1.48 43.46
CA GLY B 111 22.84 0.02 43.31
C GLY B 111 23.79 -0.77 44.19
N GLN B 112 25.05 -0.31 44.27
CA GLN B 112 26.10 -0.91 45.10
C GLN B 112 25.75 -0.78 46.59
N PHE B 113 25.22 0.41 46.99
CA PHE B 113 24.84 0.72 48.36
C PHE B 113 23.70 -0.19 48.85
N ILE B 114 22.66 -0.39 48.01
CA ILE B 114 21.53 -1.27 48.33
C ILE B 114 22.04 -2.69 48.47
N ALA B 115 22.95 -3.11 47.54
CA ALA B 115 23.55 -4.45 47.52
C ALA B 115 24.32 -4.70 48.81
N ALA B 116 25.16 -3.72 49.22
CA ALA B 116 25.93 -3.75 50.46
C ALA B 116 25.00 -3.77 51.67
N TYR B 117 23.92 -2.93 51.64
CA TYR B 117 22.90 -2.83 52.68
C TYR B 117 22.20 -4.17 52.87
N GLU B 118 21.79 -4.82 51.78
CA GLU B 118 21.10 -6.11 51.86
C GLU B 118 22.08 -7.24 52.17
N ASP B 119 23.41 -7.03 51.95
CA ASP B 119 24.46 -8.01 52.23
C ASP B 119 24.70 -8.09 53.75
N ILE B 120 24.42 -6.99 54.48
CA ILE B 120 24.49 -6.86 55.94
C ILE B 120 23.16 -7.43 56.54
N VAL B 121 22.01 -7.23 55.85
CA VAL B 121 20.70 -7.76 56.24
C VAL B 121 20.76 -9.31 56.18
N ARG B 122 21.41 -9.88 55.12
CA ARG B 122 21.59 -11.33 54.90
C ARG B 122 22.70 -11.91 55.82
N ARG B 123 23.15 -11.12 56.82
CA ARG B 123 24.16 -11.51 57.80
C ARG B 123 23.58 -11.40 59.22
N ALA B 124 22.57 -10.53 59.40
CA ALA B 124 21.86 -10.35 60.67
C ALA B 124 20.74 -11.40 60.76
N ARG B 125 20.02 -11.61 59.62
CA ARG B 125 18.94 -12.59 59.46
C ARG B 125 19.53 -14.01 59.43
N ASP B 126 20.67 -14.19 58.73
CA ASP B 126 21.33 -15.49 58.60
C ASP B 126 22.30 -15.80 59.78
N GLY B 127 22.48 -14.83 60.68
CA GLY B 127 23.36 -14.93 61.85
C GLY B 127 24.82 -15.19 61.48
N LYS B 128 25.38 -14.36 60.59
CA LYS B 128 26.75 -14.50 60.10
C LYS B 128 27.52 -13.17 60.19
N LEU B 129 27.23 -12.35 61.24
CA LEU B 129 27.93 -11.07 61.47
C LEU B 129 29.23 -11.27 62.30
N THR B 130 30.36 -10.70 61.82
CA THR B 130 31.67 -10.76 62.49
C THR B 130 31.95 -9.44 63.20
N ALA B 131 32.98 -9.41 64.08
CA ALA B 131 33.39 -8.24 64.87
C ALA B 131 33.82 -7.06 63.98
N GLU B 132 34.36 -7.37 62.78
CA GLU B 132 34.80 -6.40 61.77
C GLU B 132 33.62 -5.56 61.24
N ASP B 133 32.39 -6.14 61.26
CA ASP B 133 31.15 -5.52 60.80
C ASP B 133 30.63 -4.46 61.77
N PHE B 134 31.16 -4.43 63.01
CA PHE B 134 30.77 -3.48 64.07
C PHE B 134 31.84 -2.42 64.33
N SER B 135 33.09 -2.69 63.87
CA SER B 135 34.26 -1.82 64.06
C SER B 135 34.67 -1.09 62.78
N GLY B 136 34.80 0.24 62.88
CA GLY B 136 35.25 1.11 61.79
C GLY B 136 34.29 2.16 61.31
N VAL B 137 33.09 2.25 61.94
CA VAL B 137 31.95 3.15 61.66
C VAL B 137 32.36 4.66 61.58
N THR B 138 31.53 5.49 60.92
CA THR B 138 31.69 6.95 60.78
C THR B 138 30.43 7.58 61.43
N ILE B 139 29.26 7.49 60.75
CA ILE B 139 27.94 7.96 61.21
C ILE B 139 26.98 6.78 61.23
N SER B 140 25.86 6.89 61.97
CA SER B 140 24.89 5.80 62.02
C SER B 140 23.45 6.30 61.93
N LEU B 141 22.51 5.39 61.63
CA LEU B 141 21.08 5.66 61.51
C LEU B 141 20.28 4.63 62.30
N THR B 142 19.15 5.06 62.91
CA THR B 142 18.20 4.25 63.70
C THR B 142 16.77 4.74 63.39
N ILE B 164 21.00 8.07 64.01
CA ILE B 164 19.97 9.09 63.81
C ILE B 164 18.59 8.42 63.82
N GLY B 165 17.72 8.87 64.73
CA GLY B 165 16.36 8.35 64.89
C GLY B 165 15.43 8.70 63.75
N ALA B 166 14.34 7.93 63.59
CA ALA B 166 13.36 8.12 62.52
C ALA B 166 11.94 7.79 62.99
N GLY B 167 11.09 8.82 62.97
CA GLY B 167 9.68 8.76 63.38
C GLY B 167 8.71 8.47 62.26
N ALA B 168 7.61 7.74 62.57
CA ALA B 168 6.56 7.28 61.66
C ALA B 168 5.82 8.43 60.95
N MET B 169 5.27 8.16 59.74
CA MET B 169 4.58 9.13 58.89
C MET B 169 3.12 9.30 59.31
N GLU B 170 2.80 10.45 59.91
CA GLU B 170 1.44 10.79 60.36
C GLU B 170 0.98 12.14 59.80
N SER B 179 -9.76 13.27 58.07
CA SER B 179 -10.29 12.41 57.00
C SER B 179 -9.24 12.18 55.90
N GLU B 180 -9.19 10.95 55.37
CA GLU B 180 -8.24 10.51 54.33
C GLU B 180 -8.46 11.22 53.00
N GLU B 181 -9.71 11.70 52.74
CA GLU B 181 -10.13 12.41 51.53
C GLU B 181 -10.07 13.94 51.70
N ARG B 182 -10.29 14.45 52.92
CA ARG B 182 -10.24 15.88 53.23
C ARG B 182 -8.80 16.41 53.26
N ILE B 183 -7.80 15.53 53.48
CA ILE B 183 -6.38 15.87 53.56
C ILE B 183 -5.72 16.01 52.15
N ALA B 184 -6.17 15.19 51.19
CA ALA B 184 -5.64 15.17 49.81
C ALA B 184 -5.84 16.50 49.08
N ASP B 185 -7.00 17.14 49.29
CA ASP B 185 -7.39 18.38 48.63
C ASP B 185 -6.68 19.63 49.20
N LEU B 186 -6.42 19.69 50.52
CA LEU B 186 -5.72 20.82 51.15
C LEU B 186 -4.22 20.93 50.75
N GLY B 187 -3.66 19.87 50.16
CA GLY B 187 -2.28 19.80 49.72
C GLY B 187 -1.31 19.61 50.86
N ILE B 188 -1.73 18.86 51.90
CA ILE B 188 -0.94 18.54 53.10
C ILE B 188 -0.39 17.12 52.93
N GLY B 189 0.92 16.99 53.02
CA GLY B 189 1.58 15.70 52.96
C GLY B 189 1.97 15.18 54.33
N LYS B 190 2.35 13.90 54.38
CA LYS B 190 2.82 13.23 55.59
C LYS B 190 4.20 13.74 55.92
N LEU B 191 4.39 13.94 57.23
CA LEU B 191 5.60 14.44 57.83
C LEU B 191 6.27 13.33 58.59
N ILE B 192 7.59 13.22 58.42
CA ILE B 192 8.45 12.24 59.09
C ILE B 192 9.44 13.06 59.96
N THR B 193 9.51 12.73 61.26
CA THR B 193 10.35 13.47 62.21
C THR B 193 11.72 12.78 62.39
N LEU B 194 12.83 13.54 62.23
CA LEU B 194 14.20 13.04 62.39
C LEU B 194 14.89 13.74 63.59
N THR B 195 15.88 13.04 64.23
CA THR B 195 16.58 13.50 65.47
C THR B 195 18.11 13.24 65.47
N SER B 196 18.77 13.34 66.67
CA SER B 196 20.20 13.14 66.94
C SER B 196 20.45 12.82 68.45
N GLY B 205 25.76 20.79 67.45
CA GLY B 205 24.36 21.14 67.62
C GLY B 205 23.72 21.90 66.46
N ALA B 206 24.42 22.94 65.96
CA ALA B 206 23.99 23.71 64.79
C ALA B 206 24.23 22.89 63.51
N GLU B 207 25.45 22.30 63.37
CA GLU B 207 25.88 21.44 62.28
C GLU B 207 25.06 20.15 62.28
N SER B 208 24.49 19.79 63.45
CA SER B 208 23.59 18.65 63.63
C SER B 208 22.21 19.06 63.06
N GLY B 209 21.80 20.30 63.33
CA GLY B 209 20.54 20.88 62.85
C GLY B 209 20.60 21.19 61.36
N ASP B 210 21.85 21.34 60.82
CA ASP B 210 22.17 21.63 59.41
C ASP B 210 22.24 20.32 58.60
N PHE B 211 22.64 19.24 59.27
CA PHE B 211 22.75 17.91 58.69
C PHE B 211 21.36 17.36 58.44
N LEU B 212 20.41 17.68 59.34
CA LEU B 212 18.99 17.32 59.19
C LEU B 212 18.35 18.16 58.08
N ARG B 213 18.92 19.36 57.77
CA ARG B 213 18.51 20.30 56.70
C ARG B 213 19.08 19.85 55.34
N THR B 214 20.30 19.25 55.32
CA THR B 214 20.92 18.72 54.10
C THR B 214 20.18 17.41 53.66
N ILE B 215 19.66 16.64 54.65
CA ILE B 215 18.87 15.42 54.49
C ILE B 215 17.53 15.81 53.84
N HIS B 216 16.88 16.85 54.42
CA HIS B 216 15.62 17.48 54.02
C HIS B 216 15.66 17.89 52.55
N GLN B 217 16.75 18.58 52.15
CA GLN B 217 17.03 19.09 50.82
C GLN B 217 17.17 17.95 49.79
N LEU B 218 17.78 16.80 50.18
CA LEU B 218 18.02 15.64 49.29
C LEU B 218 16.76 14.86 48.91
N LEU B 219 15.81 14.68 49.86
CA LEU B 219 14.55 13.95 49.64
C LEU B 219 13.53 14.74 48.75
N LEU B 220 13.84 16.01 48.42
CA LEU B 220 13.03 16.88 47.55
C LEU B 220 13.94 17.40 46.41
N ASP B 221 14.98 16.60 46.04
CA ASP B 221 15.98 16.92 45.02
C ASP B 221 15.83 16.05 43.79
N ASP B 222 15.86 16.68 42.60
CA ASP B 222 15.70 16.05 41.29
C ASP B 222 16.80 15.04 41.00
N ASP B 223 18.03 15.53 40.81
CA ASP B 223 19.26 14.81 40.45
C ASP B 223 19.52 13.56 41.31
N PHE B 224 19.07 13.57 42.60
CA PHE B 224 19.16 12.45 43.56
C PHE B 224 18.24 11.32 43.09
N PHE B 225 16.95 11.65 42.84
CA PHE B 225 15.96 10.70 42.36
C PHE B 225 16.23 10.37 40.91
N ASP B 226 16.87 11.30 40.18
CA ASP B 226 17.31 11.06 38.79
C ASP B 226 18.33 9.92 38.77
N GLU B 227 19.37 9.96 39.65
CA GLU B 227 20.42 8.94 39.68
C GLU B 227 19.98 7.60 40.27
N ILE B 228 19.12 7.62 41.32
CA ILE B 228 18.52 6.43 41.95
C ILE B 228 17.81 5.61 40.86
N PHE B 229 16.98 6.28 40.03
CA PHE B 229 16.22 5.64 38.94
C PHE B 229 17.16 5.04 37.87
N ARG B 230 18.19 5.80 37.41
CA ARG B 230 19.16 5.35 36.40
C ARG B 230 19.96 4.15 36.91
N GLU B 231 20.19 4.09 38.23
CA GLU B 231 20.89 3.01 38.90
C GLU B 231 20.02 1.76 38.98
N LEU B 232 18.68 1.95 39.06
CA LEU B 232 17.71 0.85 39.13
C LEU B 232 17.14 0.49 37.75
N GLY B 233 17.63 1.15 36.70
CA GLY B 233 17.24 0.91 35.31
C GLY B 233 15.86 1.39 34.92
N ILE B 234 15.26 2.26 35.77
CA ILE B 234 13.93 2.82 35.54
C ILE B 234 14.08 3.87 34.43
N PRO B 235 13.38 3.68 33.28
CA PRO B 235 13.52 4.64 32.18
C PRO B 235 12.68 5.92 32.30
N TYR B 236 11.73 5.97 33.26
CA TYR B 236 10.84 7.12 33.43
C TYR B 236 11.41 8.21 34.33
N GLU B 237 10.85 9.41 34.20
CA GLU B 237 11.21 10.58 34.98
C GLU B 237 10.61 10.45 36.36
N PRO B 238 11.39 10.70 37.43
CA PRO B 238 10.81 10.62 38.78
C PRO B 238 9.75 11.69 39.05
N VAL B 239 8.92 11.45 40.07
CA VAL B 239 7.96 12.41 40.60
C VAL B 239 8.82 13.60 41.09
N ARG B 240 8.45 14.82 40.68
CA ARG B 240 9.20 16.04 41.03
C ARG B 240 8.57 16.81 42.16
N TRP B 241 9.42 17.50 42.94
CA TRP B 241 8.95 18.40 43.98
C TRP B 241 8.76 19.72 43.32
N ARG B 242 7.51 19.99 42.97
CA ARG B 242 7.09 21.20 42.31
C ARG B 242 6.03 21.84 43.21
N THR B 243 5.77 23.15 43.00
CA THR B 243 4.75 23.86 43.77
C THR B 243 3.37 23.52 43.20
N ASP B 244 2.38 23.30 44.09
CA ASP B 244 1.00 22.95 43.72
C ASP B 244 0.41 24.02 42.79
N ASN B 245 -0.07 23.57 41.61
CA ASN B 245 -0.71 24.44 40.62
C ASN B 245 -1.94 25.08 41.25
N PRO B 246 -2.09 26.42 41.15
CA PRO B 246 -3.19 27.09 41.87
C PRO B 246 -4.57 26.96 41.22
N ASP B 247 -4.64 26.41 39.97
CA ASP B 247 -5.88 26.22 39.22
C ASP B 247 -6.84 25.25 39.91
N SER B 248 -8.14 25.43 39.63
CA SER B 248 -9.26 24.65 40.16
C SER B 248 -9.21 23.19 39.67
N ILE B 249 -9.95 22.32 40.35
CA ILE B 249 -10.09 20.89 40.07
C ILE B 249 -10.71 20.66 38.68
N GLU B 250 -11.72 21.46 38.32
CA GLU B 250 -12.42 21.36 37.03
C GLU B 250 -11.47 21.67 35.87
N ASP B 251 -10.62 22.71 36.03
CA ASP B 251 -9.63 23.15 35.03
C ASP B 251 -8.54 22.11 34.83
N LYS B 252 -8.07 21.50 35.95
CA LYS B 252 -7.06 20.44 36.00
C LYS B 252 -7.63 19.15 35.39
N ASN B 253 -8.91 18.84 35.70
CA ASN B 253 -9.63 17.66 35.20
C ASN B 253 -9.59 17.64 33.70
N ALA B 254 -9.75 18.81 33.07
CA ALA B 254 -9.72 19.00 31.61
C ALA B 254 -8.33 18.64 31.08
N ARG B 255 -7.27 19.14 31.77
CA ARG B 255 -5.88 18.84 31.39
C ARG B 255 -5.52 17.36 31.62
N VAL B 256 -6.16 16.70 32.62
CA VAL B 256 -6.05 15.26 32.92
C VAL B 256 -6.63 14.46 31.73
N ILE B 257 -7.81 14.90 31.23
CA ILE B 257 -8.54 14.23 30.15
C ILE B 257 -7.75 14.36 28.82
N GLU B 258 -7.02 15.48 28.67
CA GLU B 258 -6.16 15.72 27.51
C GLU B 258 -5.00 14.73 27.58
N LEU B 259 -4.44 14.55 28.79
CA LEU B 259 -3.33 13.66 29.09
C LEU B 259 -3.70 12.16 28.87
N ILE B 260 -4.92 11.72 29.27
CA ILE B 260 -5.45 10.35 29.06
C ILE B 260 -5.49 10.06 27.54
N ALA B 261 -6.00 11.01 26.75
CA ALA B 261 -6.08 10.90 25.30
C ALA B 261 -4.69 10.81 24.69
N ALA B 262 -3.72 11.59 25.24
CA ALA B 262 -2.33 11.64 24.81
C ALA B 262 -1.65 10.28 24.94
N TYR B 263 -1.89 9.57 26.06
CA TYR B 263 -1.32 8.24 26.31
C TYR B 263 -1.95 7.21 25.38
N ARG B 264 -3.30 7.24 25.27
CA ARG B 264 -4.05 6.33 24.44
C ARG B 264 -3.63 6.43 22.99
N ASN B 265 -3.48 7.67 22.46
CA ASN B 265 -3.09 7.92 21.07
C ASN B 265 -1.60 7.77 20.78
N ARG B 266 -0.71 8.41 21.58
CA ARG B 266 0.74 8.54 21.34
C ARG B 266 1.68 7.95 22.43
N GLY B 267 1.15 7.18 23.38
CA GLY B 267 1.96 6.62 24.46
C GLY B 267 2.99 5.60 24.00
N HIS B 268 2.73 4.97 22.85
CA HIS B 268 3.60 3.94 22.24
C HIS B 268 4.96 4.57 21.86
N LEU B 269 4.96 5.88 21.54
CA LEU B 269 6.17 6.64 21.18
C LEU B 269 7.14 6.82 22.37
N MET B 270 6.72 6.39 23.58
CA MET B 270 7.49 6.51 24.79
C MET B 270 7.64 5.17 25.55
N ALA B 271 7.10 4.06 24.99
CA ALA B 271 7.19 2.74 25.62
C ALA B 271 8.60 2.15 25.55
N ASP B 272 8.93 1.32 26.55
CA ASP B 272 10.19 0.63 26.74
C ASP B 272 10.13 -0.65 25.90
N ILE B 273 10.11 -0.48 24.58
CA ILE B 273 9.95 -1.63 23.68
C ILE B 273 11.28 -2.11 23.10
N ASP B 274 12.35 -1.30 23.25
CA ASP B 274 13.65 -1.63 22.68
C ASP B 274 14.55 -2.34 23.70
N PRO B 275 14.81 -3.66 23.54
CA PRO B 275 15.72 -4.35 24.48
C PRO B 275 17.15 -3.76 24.54
N LEU B 276 17.60 -3.09 23.49
CA LEU B 276 18.93 -2.48 23.44
C LEU B 276 18.96 -1.04 23.99
N ARG B 277 17.79 -0.34 24.05
CA ARG B 277 17.70 1.06 24.52
C ARG B 277 18.75 1.92 23.77
N LEU B 278 18.80 1.81 22.42
CA LEU B 278 19.76 2.56 21.59
C LEU B 278 19.49 4.06 21.62
N ASP B 279 18.21 4.47 21.60
CA ASP B 279 17.81 5.89 21.64
C ASP B 279 17.46 6.34 23.08
N ASN B 280 18.44 6.99 23.74
CA ASN B 280 18.36 7.52 25.11
C ASN B 280 17.20 8.54 25.23
N THR B 281 17.16 9.50 24.27
CA THR B 281 16.22 10.61 24.13
C THR B 281 14.75 10.19 24.25
N ARG B 282 14.46 8.92 23.92
CA ARG B 282 13.13 8.31 23.88
C ARG B 282 12.19 8.67 25.07
N PHE B 283 12.73 8.64 26.30
CA PHE B 283 11.93 8.87 27.48
C PHE B 283 11.89 10.34 27.95
N ARG B 284 12.37 11.28 27.13
CA ARG B 284 12.35 12.70 27.45
C ARG B 284 11.62 13.53 26.37
N SER B 285 11.76 13.11 25.10
CA SER B 285 11.26 13.73 23.86
C SER B 285 9.77 14.20 23.81
N HIS B 286 8.90 13.87 24.80
CA HIS B 286 7.49 14.20 24.58
C HIS B 286 6.81 15.07 25.64
N PRO B 287 6.60 16.37 25.30
CA PRO B 287 5.86 17.27 26.22
C PRO B 287 4.37 16.92 26.25
N ASP B 288 3.88 16.26 25.18
CA ASP B 288 2.50 15.80 24.99
C ASP B 288 2.11 14.76 26.07
N LEU B 289 3.08 13.92 26.49
CA LEU B 289 2.85 12.88 27.51
C LEU B 289 3.30 13.30 28.90
N ASP B 290 3.94 14.48 29.04
CA ASP B 290 4.50 14.95 30.30
C ASP B 290 3.46 15.59 31.19
N VAL B 291 3.31 15.04 32.39
CA VAL B 291 2.37 15.46 33.43
C VAL B 291 2.64 16.89 33.89
N ASN B 292 3.92 17.27 33.98
CA ASN B 292 4.40 18.56 34.46
C ASN B 292 4.04 19.70 33.51
N SER B 293 4.05 19.42 32.19
CA SER B 293 3.70 20.41 31.16
C SER B 293 2.16 20.44 30.92
N HIS B 294 1.40 19.93 31.90
CA HIS B 294 -0.06 19.87 31.89
C HIS B 294 -0.61 20.50 33.15
N GLY B 295 0.18 21.34 33.78
CA GLY B 295 -0.24 22.04 34.99
C GLY B 295 -0.68 21.15 36.14
N LEU B 296 -0.10 19.95 36.20
CA LEU B 296 -0.36 18.95 37.23
C LEU B 296 0.94 18.69 37.93
N THR B 297 0.88 18.44 39.25
CA THR B 297 2.04 18.14 40.11
C THR B 297 1.73 16.94 41.02
N LEU B 298 2.72 16.53 41.87
CA LEU B 298 2.57 15.42 42.84
C LEU B 298 1.42 15.68 43.84
N TRP B 299 1.03 16.95 43.97
CA TRP B 299 -0.03 17.36 44.90
C TRP B 299 -1.40 16.95 44.42
N ASP B 300 -1.52 16.59 43.14
CA ASP B 300 -2.77 16.16 42.50
C ASP B 300 -2.92 14.61 42.46
N LEU B 301 -1.84 13.83 42.71
CA LEU B 301 -1.84 12.36 42.69
C LEU B 301 -2.98 11.71 43.52
N ASP B 302 -3.26 12.24 44.73
CA ASP B 302 -4.32 11.70 45.59
C ASP B 302 -5.63 12.45 45.39
N ARG B 303 -5.65 13.43 44.47
CA ARG B 303 -6.85 14.19 44.11
C ARG B 303 -7.66 13.36 43.12
N GLU B 304 -8.99 13.30 43.32
CA GLU B 304 -9.93 12.54 42.47
C GLU B 304 -10.32 13.37 41.25
N PHE B 305 -10.40 12.73 40.07
CA PHE B 305 -10.79 13.36 38.79
C PHE B 305 -11.84 12.53 38.08
N LYS B 306 -12.84 13.21 37.50
CA LYS B 306 -13.90 12.54 36.78
C LYS B 306 -13.38 12.08 35.40
N VAL B 307 -13.57 10.79 35.11
CA VAL B 307 -13.13 10.13 33.86
C VAL B 307 -14.32 9.31 33.33
N ASP B 308 -14.64 9.46 32.04
CA ASP B 308 -15.74 8.74 31.39
C ASP B 308 -15.27 7.36 30.91
N GLY B 309 -16.21 6.41 30.88
CA GLY B 309 -15.94 5.05 30.45
C GLY B 309 -17.17 4.22 30.16
N PHE B 310 -16.96 2.88 30.08
CA PHE B 310 -17.95 1.84 29.81
C PHE B 310 -19.12 1.89 30.83
N ALA B 311 -18.79 1.86 32.13
CA ALA B 311 -19.77 1.89 33.22
C ALA B 311 -20.20 3.33 33.60
N GLY B 312 -19.84 4.30 32.76
CA GLY B 312 -20.15 5.71 32.99
C GLY B 312 -19.01 6.48 33.64
N VAL B 313 -19.19 7.79 33.77
CA VAL B 313 -18.18 8.71 34.32
C VAL B 313 -18.03 8.42 35.83
N GLN B 314 -16.79 8.02 36.23
CA GLN B 314 -16.38 7.64 37.58
C GLN B 314 -15.19 8.49 38.09
N ARG B 315 -15.12 8.74 39.43
CA ARG B 315 -14.03 9.53 40.02
C ARG B 315 -12.83 8.63 40.37
N LYS B 316 -11.62 8.96 39.87
CA LYS B 316 -10.38 8.18 40.09
C LYS B 316 -9.22 9.05 40.58
N LYS B 317 -8.32 8.49 41.41
CA LYS B 317 -7.13 9.22 41.87
C LYS B 317 -6.16 9.38 40.70
N LEU B 318 -5.57 10.58 40.53
CA LEU B 318 -4.62 10.85 39.43
C LEU B 318 -3.50 9.80 39.37
N ARG B 319 -2.95 9.38 40.54
CA ARG B 319 -1.86 8.35 40.62
C ARG B 319 -2.33 7.02 40.05
N ASP B 320 -3.62 6.64 40.30
CA ASP B 320 -4.25 5.44 39.79
C ASP B 320 -4.37 5.58 38.29
N ILE B 321 -4.89 6.74 37.81
CA ILE B 321 -5.03 7.05 36.38
C ILE B 321 -3.67 6.89 35.69
N LEU B 322 -2.63 7.54 36.22
CA LEU B 322 -1.30 7.55 35.62
C LEU B 322 -0.62 6.20 35.61
N SER B 323 -0.76 5.42 36.70
CA SER B 323 -0.09 4.11 36.78
C SER B 323 -0.76 3.13 35.80
N VAL B 324 -2.09 3.20 35.63
CA VAL B 324 -2.80 2.34 34.68
C VAL B 324 -2.33 2.70 33.26
N LEU B 325 -2.26 4.01 32.94
CA LEU B 325 -1.81 4.52 31.64
C LEU B 325 -0.39 4.05 31.31
N ARG B 326 0.54 4.13 32.29
CA ARG B 326 1.91 3.69 32.14
C ARG B 326 1.99 2.17 31.90
N ASP B 327 1.31 1.36 32.74
CA ASP B 327 1.26 -0.10 32.65
C ASP B 327 0.73 -0.55 31.31
N ALA B 328 -0.25 0.17 30.74
CA ALA B 328 -0.92 -0.16 29.49
C ALA B 328 -0.19 0.31 28.24
N TYR B 329 0.42 1.50 28.28
CA TYR B 329 0.94 2.11 27.06
C TYR B 329 2.42 2.44 27.01
N CYS B 330 3.12 2.48 28.16
CA CYS B 330 4.50 2.90 28.25
C CYS B 330 5.49 1.88 28.88
N ARG B 331 5.05 0.64 29.14
CA ARG B 331 5.97 -0.35 29.66
C ARG B 331 6.57 -1.13 28.47
N HIS B 332 6.45 -2.47 28.46
CA HIS B 332 7.01 -3.30 27.40
C HIS B 332 6.07 -3.51 26.21
N VAL B 333 4.87 -2.92 26.22
CA VAL B 333 3.93 -3.05 25.11
C VAL B 333 3.45 -1.66 24.66
N GLY B 334 3.71 -1.36 23.38
CA GLY B 334 3.26 -0.15 22.70
C GLY B 334 2.02 -0.51 21.91
N VAL B 335 0.88 0.12 22.23
CA VAL B 335 -0.39 -0.17 21.58
C VAL B 335 -0.79 0.95 20.64
N GLU B 336 -0.95 0.63 19.35
CA GLU B 336 -1.48 1.55 18.36
C GLU B 336 -2.90 1.09 17.99
N TYR B 337 -3.94 1.86 18.34
CA TYR B 337 -5.30 1.40 18.03
C TYR B 337 -6.28 2.54 17.71
N THR B 338 -5.98 3.80 18.11
CA THR B 338 -6.91 4.92 17.95
C THR B 338 -7.14 5.34 16.49
N HIS B 339 -6.42 4.67 15.56
CA HIS B 339 -6.52 4.88 14.12
C HIS B 339 -7.63 4.00 13.52
N ILE B 340 -8.12 3.00 14.30
CA ILE B 340 -9.17 2.06 13.90
C ILE B 340 -10.47 2.84 13.80
N LEU B 341 -11.15 2.78 12.65
CA LEU B 341 -12.38 3.54 12.44
C LEU B 341 -13.60 2.93 13.15
N GLU B 342 -13.57 1.61 13.43
CA GLU B 342 -14.68 0.91 14.11
C GLU B 342 -14.58 1.13 15.64
N PRO B 343 -15.54 1.86 16.27
CA PRO B 343 -15.44 2.14 17.72
C PRO B 343 -15.43 0.92 18.64
N GLU B 344 -16.25 -0.11 18.30
CA GLU B 344 -16.41 -1.33 19.09
C GLU B 344 -15.06 -2.09 19.21
N GLN B 345 -14.17 -1.92 18.21
CA GLN B 345 -12.83 -2.50 18.15
C GLN B 345 -11.86 -1.72 19.02
N GLN B 346 -11.99 -0.38 19.03
CA GLN B 346 -11.14 0.47 19.86
C GLN B 346 -11.44 0.22 21.35
N ARG B 347 -12.75 0.15 21.72
CA ARG B 347 -13.20 -0.11 23.10
C ARG B 347 -12.68 -1.45 23.57
N TRP B 348 -12.78 -2.48 22.70
CA TRP B 348 -12.37 -3.85 22.94
C TRP B 348 -10.90 -3.89 23.37
N ILE B 349 -10.01 -3.27 22.58
CA ILE B 349 -8.57 -3.17 22.84
C ILE B 349 -8.38 -2.37 24.14
N GLN B 350 -8.97 -1.16 24.23
CA GLN B 350 -8.88 -0.30 25.40
C GLN B 350 -9.20 -1.04 26.71
N GLU B 351 -10.30 -1.79 26.73
CA GLU B 351 -10.75 -2.53 27.90
C GLU B 351 -9.75 -3.59 28.31
N ARG B 352 -9.22 -4.36 27.35
CA ARG B 352 -8.30 -5.45 27.64
C ARG B 352 -6.89 -4.98 28.06
N VAL B 353 -6.45 -3.86 27.52
CA VAL B 353 -5.13 -3.29 27.71
C VAL B 353 -5.06 -2.41 28.98
N GLU B 354 -6.18 -1.77 29.39
CA GLU B 354 -6.26 -0.90 30.56
C GLU B 354 -6.78 -1.61 31.82
N THR B 355 -7.15 -2.90 31.74
CA THR B 355 -7.56 -3.64 32.94
C THR B 355 -6.32 -4.16 33.65
N LYS B 356 -6.41 -4.41 34.97
CA LYS B 356 -5.29 -4.92 35.76
C LYS B 356 -5.14 -6.40 35.46
N HIS B 357 -4.06 -6.72 34.72
CA HIS B 357 -3.74 -8.10 34.33
C HIS B 357 -3.19 -8.85 35.49
N ASP B 358 -3.64 -10.11 35.66
CA ASP B 358 -3.07 -11.00 36.67
C ASP B 358 -1.71 -11.52 36.12
N LYS B 359 -0.70 -11.57 37.00
CA LYS B 359 0.62 -12.08 36.66
C LYS B 359 0.50 -13.56 36.26
N PRO B 360 1.34 -14.08 35.33
CA PRO B 360 1.24 -15.51 34.99
C PRO B 360 1.62 -16.39 36.19
N THR B 361 1.12 -17.62 36.18
CA THR B 361 1.43 -18.57 37.23
C THR B 361 2.90 -19.00 37.06
N VAL B 362 3.54 -19.50 38.12
CA VAL B 362 4.93 -19.95 38.05
C VAL B 362 5.01 -21.12 37.03
N ALA B 363 3.95 -21.97 36.90
CA ALA B 363 3.87 -23.04 35.91
C ALA B 363 3.88 -22.46 34.49
N GLU B 364 3.19 -21.33 34.32
CA GLU B 364 3.10 -20.62 33.05
C GLU B 364 4.44 -19.95 32.73
N GLN B 365 5.17 -19.44 33.75
CA GLN B 365 6.48 -18.81 33.59
C GLN B 365 7.54 -19.87 33.31
N LYS B 366 7.49 -21.00 34.02
CA LYS B 366 8.39 -22.13 33.79
C LYS B 366 8.16 -22.73 32.39
N TYR B 367 6.89 -22.69 31.88
CA TYR B 367 6.58 -23.18 30.54
C TYR B 367 7.19 -22.24 29.49
N ILE B 368 7.01 -20.90 29.65
CA ILE B 368 7.58 -19.90 28.75
C ILE B 368 9.09 -20.04 28.73
N LEU B 369 9.70 -20.24 29.91
CA LEU B 369 11.13 -20.41 30.01
C LEU B 369 11.58 -21.74 29.35
N SER B 370 10.80 -22.83 29.48
CA SER B 370 11.13 -24.11 28.84
C SER B 370 11.21 -23.97 27.29
N LYS B 371 10.38 -23.08 26.72
CA LYS B 371 10.30 -22.79 25.28
C LYS B 371 11.53 -21.99 24.84
N LEU B 372 11.99 -21.04 25.70
CA LEU B 372 13.18 -20.23 25.48
C LEU B 372 14.43 -21.10 25.55
N ASN B 373 14.42 -22.11 26.46
CA ASN B 373 15.48 -23.10 26.66
C ASN B 373 15.65 -23.92 25.39
N ALA B 374 14.52 -24.43 24.83
CA ALA B 374 14.47 -25.21 23.60
C ALA B 374 14.95 -24.38 22.41
N ALA B 375 14.50 -23.11 22.33
CA ALA B 375 14.85 -22.17 21.28
C ALA B 375 16.34 -21.85 21.29
N GLU B 376 16.90 -21.54 22.49
CA GLU B 376 18.32 -21.19 22.66
C GLU B 376 19.19 -22.42 22.47
N ALA B 377 18.77 -23.60 22.96
CA ALA B 377 19.52 -24.84 22.79
C ALA B 377 19.63 -25.19 21.31
N PHE B 378 18.50 -25.11 20.56
CA PHE B 378 18.49 -25.37 19.13
C PHE B 378 19.43 -24.42 18.41
N GLU B 379 19.42 -23.12 18.77
CA GLU B 379 20.28 -22.13 18.15
C GLU B 379 21.76 -22.43 18.43
N THR B 380 22.12 -22.72 19.69
CA THR B 380 23.48 -23.06 20.12
C THR B 380 23.97 -24.28 19.31
N PHE B 381 23.13 -25.30 19.15
CA PHE B 381 23.47 -26.50 18.41
C PHE B 381 23.75 -26.18 16.94
N LEU B 382 22.84 -25.43 16.31
CA LEU B 382 22.90 -25.04 14.90
C LEU B 382 24.22 -24.34 14.57
N GLN B 383 24.66 -23.40 15.41
CA GLN B 383 25.89 -22.66 15.17
C GLN B 383 27.15 -23.46 15.57
N THR B 384 27.01 -24.47 16.45
CA THR B 384 28.12 -25.33 16.86
C THR B 384 28.33 -26.47 15.86
N LYS B 385 27.27 -27.26 15.58
CA LYS B 385 27.33 -28.43 14.71
C LYS B 385 27.39 -28.09 13.20
N TYR B 386 27.02 -26.88 12.76
CA TYR B 386 27.05 -26.55 11.33
C TYR B 386 27.65 -25.17 11.06
N VAL B 387 28.33 -25.03 9.94
CA VAL B 387 28.88 -23.75 9.49
C VAL B 387 28.10 -23.31 8.23
N GLY B 388 27.84 -22.01 8.12
CA GLY B 388 27.03 -21.44 7.06
C GLY B 388 25.59 -21.20 7.50
N GLN B 389 25.23 -21.73 8.74
CA GLN B 389 23.92 -21.66 9.41
C GLN B 389 23.83 -20.46 10.39
N LYS B 390 24.62 -19.38 10.08
CA LYS B 390 24.69 -18.06 10.78
C LYS B 390 23.78 -17.07 10.05
N ARG B 391 23.50 -17.39 8.74
CA ARG B 391 22.65 -16.69 7.80
C ARG B 391 21.20 -16.59 8.31
N PHE B 392 20.79 -17.57 9.12
CA PHE B 392 19.42 -17.66 9.61
C PHE B 392 19.38 -17.85 11.14
N SER B 393 20.36 -17.25 11.86
CA SER B 393 20.35 -17.35 13.31
C SER B 393 19.25 -16.48 13.89
N LEU B 394 18.61 -17.02 14.90
CA LEU B 394 17.54 -16.39 15.66
C LEU B 394 18.12 -15.84 16.96
N GLU B 395 19.46 -15.84 17.05
CA GLU B 395 20.17 -15.34 18.21
C GLU B 395 19.89 -13.85 18.38
N GLY B 396 19.09 -13.58 19.39
CA GLY B 396 18.66 -12.24 19.74
C GLY B 396 17.19 -12.04 19.47
N ALA B 397 16.52 -13.04 18.85
CA ALA B 397 15.10 -13.05 18.51
C ALA B 397 14.39 -14.34 18.94
N GLU B 398 14.98 -15.13 19.85
CA GLU B 398 14.45 -16.44 20.28
C GLU B 398 13.08 -16.37 20.98
N THR B 399 12.60 -15.16 21.36
CA THR B 399 11.29 -15.00 22.03
C THR B 399 10.16 -15.23 21.01
N VAL B 400 10.48 -15.16 19.70
CA VAL B 400 9.50 -15.40 18.66
C VAL B 400 8.92 -16.83 18.86
N ILE B 401 9.76 -17.81 19.34
CA ILE B 401 9.34 -19.20 19.59
C ILE B 401 8.24 -19.21 20.69
N PRO B 402 8.46 -18.79 21.98
CA PRO B 402 7.33 -18.74 22.93
C PRO B 402 6.14 -17.92 22.42
N MET B 403 6.37 -16.81 21.67
CA MET B 403 5.31 -15.96 21.10
C MET B 403 4.41 -16.75 20.12
N MET B 404 5.02 -17.44 19.14
CA MET B 404 4.37 -18.30 18.15
C MET B 404 3.68 -19.48 18.81
N ASP B 405 4.24 -19.97 19.90
CA ASP B 405 3.65 -21.06 20.67
C ASP B 405 2.31 -20.56 21.28
N ALA B 406 2.30 -19.33 21.88
CA ALA B 406 1.11 -18.71 22.48
C ALA B 406 0.03 -18.50 21.44
N VAL B 407 0.41 -18.10 20.21
CA VAL B 407 -0.52 -17.88 19.09
C VAL B 407 -1.29 -19.19 18.79
N ILE B 408 -0.54 -20.28 18.52
CA ILE B 408 -1.04 -21.60 18.14
C ILE B 408 -1.82 -22.22 19.28
N ASP B 409 -1.37 -22.02 20.52
CA ASP B 409 -2.09 -22.52 21.69
C ASP B 409 -3.45 -21.82 21.80
N GLN B 410 -3.48 -20.48 21.57
CA GLN B 410 -4.69 -19.68 21.66
C GLN B 410 -5.68 -20.04 20.55
N CYS B 411 -5.20 -20.45 19.37
CA CYS B 411 -6.06 -20.91 18.27
C CYS B 411 -6.67 -22.24 18.69
N ALA B 412 -5.87 -23.14 19.34
CA ALA B 412 -6.34 -24.44 19.85
C ALA B 412 -7.36 -24.22 20.97
N GLU B 413 -7.19 -23.17 21.79
CA GLU B 413 -8.12 -22.79 22.86
C GLU B 413 -9.49 -22.43 22.27
N HIS B 414 -9.51 -21.79 21.10
CA HIS B 414 -10.73 -21.41 20.38
C HIS B 414 -11.29 -22.59 19.57
N GLY B 415 -10.64 -23.76 19.68
CA GLY B 415 -11.02 -24.99 19.00
C GLY B 415 -10.97 -24.92 17.50
N LEU B 416 -9.98 -24.18 16.95
CA LEU B 416 -9.81 -24.02 15.51
C LEU B 416 -9.13 -25.27 14.90
N ASP B 417 -9.17 -25.39 13.57
CA ASP B 417 -8.68 -26.59 12.89
C ASP B 417 -7.18 -26.60 12.56
N GLU B 418 -6.65 -25.49 12.02
CA GLU B 418 -5.26 -25.47 11.59
C GLU B 418 -4.68 -24.07 11.58
N VAL B 419 -3.34 -23.98 11.76
CA VAL B 419 -2.55 -22.76 11.64
C VAL B 419 -1.55 -23.00 10.52
N VAL B 420 -1.64 -22.22 9.45
CA VAL B 420 -0.73 -22.30 8.30
C VAL B 420 0.23 -21.13 8.42
N ILE B 421 1.51 -21.43 8.53
CA ILE B 421 2.59 -20.45 8.67
C ILE B 421 3.34 -20.19 7.36
N ALA B 422 3.68 -18.93 7.12
CA ALA B 422 4.57 -18.47 6.05
C ALA B 422 5.58 -17.59 6.73
N MET B 423 6.83 -17.79 6.42
CA MET B 423 7.91 -17.02 7.04
C MET B 423 9.16 -16.95 6.15
N PRO B 424 10.07 -15.98 6.41
CA PRO B 424 11.37 -16.02 5.71
C PRO B 424 12.27 -17.14 6.30
N HIS B 425 13.55 -17.18 5.95
CA HIS B 425 14.49 -18.22 6.39
C HIS B 425 14.92 -18.07 7.86
N ARG B 426 15.00 -16.82 8.39
CA ARG B 426 15.45 -16.55 9.76
C ARG B 426 14.61 -17.30 10.84
N GLY B 427 15.25 -18.31 11.42
CA GLY B 427 14.69 -19.15 12.49
C GLY B 427 13.80 -20.29 12.06
N ARG B 428 13.74 -20.56 10.74
CA ARG B 428 12.85 -21.56 10.16
C ARG B 428 12.98 -23.00 10.73
N LEU B 429 14.22 -23.53 10.91
CA LEU B 429 14.37 -24.89 11.41
C LEU B 429 14.00 -24.93 12.90
N ASN B 430 14.14 -23.78 13.59
CA ASN B 430 13.76 -23.66 14.99
C ASN B 430 12.23 -23.79 15.13
N VAL B 431 11.50 -23.21 14.15
CA VAL B 431 10.04 -23.23 14.04
C VAL B 431 9.62 -24.65 13.69
N LEU B 432 10.38 -25.34 12.82
CA LEU B 432 10.10 -26.74 12.44
C LEU B 432 10.12 -27.65 13.66
N ALA B 433 11.13 -27.47 14.53
CA ALA B 433 11.34 -28.29 15.70
C ALA B 433 10.43 -27.94 16.85
N ASN B 434 10.41 -26.67 17.21
CA ASN B 434 9.73 -26.21 18.41
C ASN B 434 8.30 -25.69 18.20
N ILE B 435 7.82 -25.59 16.96
CA ILE B 435 6.48 -25.09 16.68
C ILE B 435 5.71 -26.13 15.83
N VAL B 436 6.28 -26.56 14.67
CA VAL B 436 5.60 -27.56 13.82
C VAL B 436 5.72 -28.93 14.50
N GLY B 437 6.75 -29.09 15.34
CA GLY B 437 6.99 -30.30 16.11
C GLY B 437 7.61 -31.45 15.34
N LYS B 438 8.28 -31.16 14.22
CA LYS B 438 8.98 -32.17 13.42
C LYS B 438 10.18 -32.73 14.22
N PRO B 439 10.49 -34.05 14.14
CA PRO B 439 11.65 -34.56 14.89
C PRO B 439 12.97 -34.15 14.23
N TYR B 440 14.08 -34.13 15.01
CA TYR B 440 15.43 -33.79 14.55
C TYR B 440 15.91 -34.72 13.45
N SER B 441 15.48 -36.01 13.50
CA SER B 441 15.77 -37.05 12.51
C SER B 441 15.26 -36.67 11.12
N GLN B 442 14.07 -36.01 11.06
CA GLN B 442 13.41 -35.58 9.82
C GLN B 442 13.97 -34.25 9.32
N ILE B 443 14.28 -33.31 10.25
CA ILE B 443 14.80 -31.98 9.91
C ILE B 443 16.22 -32.08 9.31
N PHE B 444 17.12 -32.82 9.97
CA PHE B 444 18.52 -32.90 9.56
C PHE B 444 18.88 -34.11 8.64
N SER B 445 17.97 -34.53 7.74
CA SER B 445 18.26 -35.60 6.80
C SER B 445 18.09 -35.16 5.35
N ASP B 461 20.71 -24.03 2.09
CA ASP B 461 20.07 -25.32 1.83
C ASP B 461 18.56 -25.16 1.48
N VAL B 462 18.01 -26.18 0.79
CA VAL B 462 16.62 -26.30 0.32
C VAL B 462 15.65 -26.47 1.52
N LYS B 463 16.11 -27.07 2.66
CA LYS B 463 15.31 -27.30 3.87
C LYS B 463 14.65 -26.01 4.39
N TYR B 464 15.30 -24.85 4.12
CA TYR B 464 14.83 -23.51 4.48
C TYR B 464 13.75 -22.97 3.52
N HIS B 465 13.32 -23.80 2.54
CA HIS B 465 12.32 -23.40 1.55
C HIS B 465 11.18 -24.37 1.42
N LEU B 466 11.29 -25.60 1.95
CA LEU B 466 10.26 -26.65 1.85
C LEU B 466 9.17 -26.54 2.93
N GLY B 467 7.99 -27.06 2.60
CA GLY B 467 6.84 -27.08 3.49
C GLY B 467 6.84 -28.22 4.49
N ALA B 468 6.00 -28.12 5.52
CA ALA B 468 5.90 -29.13 6.56
C ALA B 468 4.51 -29.15 7.16
N THR B 469 4.16 -30.26 7.84
CA THR B 469 2.87 -30.45 8.53
C THR B 469 3.13 -31.16 9.82
N GLY B 470 2.47 -30.66 10.85
CA GLY B 470 2.56 -31.22 12.19
C GLY B 470 1.25 -31.08 12.91
N THR B 471 1.26 -31.52 14.15
CA THR B 471 0.14 -31.43 15.07
C THR B 471 0.69 -30.81 16.33
N TYR B 472 -0.06 -29.87 16.89
CA TYR B 472 0.28 -29.21 18.13
C TYR B 472 -0.68 -29.72 19.20
N ILE B 473 -0.15 -30.16 20.36
CA ILE B 473 -0.96 -30.60 21.52
C ILE B 473 -0.82 -29.53 22.59
N GLN B 474 -1.94 -29.10 23.20
CA GLN B 474 -1.93 -28.09 24.25
C GLN B 474 -1.22 -28.59 25.53
N MET B 475 -0.54 -27.68 26.25
CA MET B 475 0.17 -27.99 27.50
C MET B 475 -0.85 -28.07 28.66
N PHE B 476 -1.57 -26.96 28.90
CA PHE B 476 -2.55 -26.84 29.98
C PHE B 476 -3.97 -27.20 29.49
N GLY B 477 -4.30 -26.82 28.27
CA GLY B 477 -5.58 -27.14 27.64
C GLY B 477 -5.68 -28.59 27.16
N ASP B 478 -6.88 -28.95 26.68
CA ASP B 478 -7.20 -30.32 26.27
C ASP B 478 -7.38 -30.47 24.75
N ASN B 479 -6.99 -29.42 23.99
CA ASN B 479 -7.14 -29.39 22.54
C ASN B 479 -5.85 -29.64 21.76
N ASP B 480 -6.06 -29.92 20.49
CA ASP B 480 -5.13 -30.30 19.45
C ASP B 480 -5.37 -29.40 18.20
N ILE B 481 -4.29 -29.00 17.50
CA ILE B 481 -4.45 -28.19 16.28
C ILE B 481 -3.36 -28.57 15.27
N GLU B 482 -3.72 -28.55 13.99
CA GLU B 482 -2.76 -28.85 12.93
C GLU B 482 -1.89 -27.63 12.68
N VAL B 483 -0.59 -27.84 12.51
CA VAL B 483 0.32 -26.74 12.22
C VAL B 483 1.00 -27.05 10.92
N SER B 484 1.03 -26.10 10.01
CA SER B 484 1.70 -26.37 8.75
C SER B 484 2.48 -25.14 8.27
N LEU B 485 3.58 -25.38 7.56
CA LEU B 485 4.45 -24.33 7.05
C LEU B 485 4.50 -24.46 5.54
N THR B 486 4.37 -23.34 4.83
CA THR B 486 4.35 -23.37 3.36
C THR B 486 5.76 -23.11 2.72
N ALA B 487 6.00 -23.68 1.53
CA ALA B 487 7.23 -23.47 0.76
C ALA B 487 7.32 -22.00 0.31
N ASN B 488 8.54 -21.48 0.14
CA ASN B 488 8.72 -20.09 -0.27
C ASN B 488 10.11 -19.86 -0.91
N PRO B 489 10.29 -18.86 -1.80
CA PRO B 489 11.63 -18.59 -2.34
C PRO B 489 12.39 -17.66 -1.39
N SER B 490 13.53 -17.14 -1.86
CA SER B 490 14.36 -16.20 -1.13
C SER B 490 13.80 -14.78 -1.32
N HIS B 491 12.90 -14.62 -2.34
CA HIS B 491 12.21 -13.38 -2.63
C HIS B 491 11.35 -13.08 -1.43
N LEU B 492 11.81 -12.16 -0.60
CA LEU B 492 11.14 -11.80 0.64
C LEU B 492 9.76 -11.25 0.41
N GLU B 493 8.80 -11.69 1.25
CA GLU B 493 7.39 -11.32 1.31
C GLU B 493 6.57 -11.92 0.17
N ALA B 494 7.17 -12.43 -0.92
CA ALA B 494 6.42 -12.95 -2.08
C ALA B 494 5.41 -14.05 -1.70
N VAL B 495 5.66 -14.80 -0.63
CA VAL B 495 4.77 -15.88 -0.16
C VAL B 495 3.51 -15.32 0.50
N ASP B 496 3.52 -14.03 0.89
CA ASP B 496 2.41 -13.44 1.63
C ASP B 496 1.07 -13.74 0.95
N PRO B 497 0.88 -13.45 -0.37
CA PRO B 497 -0.42 -13.78 -0.99
C PRO B 497 -0.63 -15.29 -1.18
N VAL B 498 0.44 -16.06 -1.33
CA VAL B 498 0.39 -17.50 -1.55
C VAL B 498 -0.24 -18.14 -0.30
N LEU B 499 0.21 -17.73 0.91
CA LEU B 499 -0.33 -18.20 2.20
C LEU B 499 -1.82 -17.98 2.31
N GLU B 500 -2.26 -16.78 1.92
CA GLU B 500 -3.64 -16.34 1.93
C GLU B 500 -4.50 -17.22 1.04
N GLY B 501 -4.02 -17.50 -0.18
CA GLY B 501 -4.68 -18.33 -1.16
C GLY B 501 -4.80 -19.75 -0.67
N LEU B 502 -3.73 -20.24 -0.05
CA LEU B 502 -3.65 -21.59 0.50
C LEU B 502 -4.60 -21.73 1.72
N VAL B 503 -4.69 -20.72 2.62
CA VAL B 503 -5.60 -20.75 3.77
C VAL B 503 -7.05 -20.68 3.27
N ARG B 504 -7.31 -19.86 2.25
CA ARG B 504 -8.67 -19.70 1.72
C ARG B 504 -9.20 -21.04 1.13
N ALA B 505 -8.32 -21.80 0.43
CA ALA B 505 -8.67 -23.10 -0.16
C ALA B 505 -9.01 -24.12 0.90
N LYS B 506 -8.30 -24.09 2.04
CA LYS B 506 -8.50 -24.99 3.18
C LYS B 506 -9.79 -24.63 3.91
N GLN B 507 -10.09 -23.31 4.03
CA GLN B 507 -11.31 -22.83 4.67
C GLN B 507 -12.52 -23.26 3.88
N ASP B 508 -12.48 -23.08 2.54
CA ASP B 508 -13.57 -23.45 1.64
C ASP B 508 -13.86 -24.95 1.70
N LEU B 509 -12.80 -25.79 1.82
CA LEU B 509 -12.91 -27.24 1.96
C LEU B 509 -13.53 -27.63 3.30
N LEU B 510 -13.26 -26.85 4.35
CA LEU B 510 -13.74 -27.13 5.70
C LEU B 510 -15.08 -26.49 5.95
N ASP B 511 -15.67 -25.88 4.90
CA ASP B 511 -16.98 -25.22 4.98
C ASP B 511 -16.94 -24.17 6.12
N THR B 512 -15.83 -23.41 6.20
CA THR B 512 -15.68 -22.38 7.24
C THR B 512 -15.39 -21.01 6.61
N GLY B 513 -15.98 -19.99 7.23
CA GLY B 513 -15.83 -18.60 6.82
C GLY B 513 -16.80 -18.08 5.76
N GLU B 514 -16.23 -17.41 4.74
CA GLU B 514 -16.91 -16.71 3.65
C GLU B 514 -17.72 -17.67 2.76
N GLU B 515 -17.11 -18.81 2.35
CA GLU B 515 -17.80 -19.80 1.53
C GLU B 515 -18.12 -21.03 2.42
N GLY B 516 -18.46 -20.74 3.68
CA GLY B 516 -18.80 -21.72 4.68
C GLY B 516 -19.99 -21.35 5.53
N SER B 517 -20.68 -22.40 6.04
CA SER B 517 -21.87 -22.31 6.90
C SER B 517 -21.55 -21.64 8.24
N ASP B 518 -20.32 -21.80 8.77
CA ASP B 518 -19.93 -21.10 10.00
C ASP B 518 -19.10 -19.86 9.65
N ASN B 519 -18.96 -18.93 10.61
CA ASN B 519 -18.15 -17.72 10.41
C ASN B 519 -16.99 -17.75 11.41
N ARG B 520 -16.32 -18.90 11.49
CA ARG B 520 -15.21 -19.12 12.44
C ARG B 520 -13.87 -18.91 11.81
N PHE B 521 -13.73 -19.20 10.47
CA PHE B 521 -12.47 -19.12 9.73
C PHE B 521 -11.46 -19.95 10.49
N SER B 522 -11.83 -21.22 10.72
CA SER B 522 -11.12 -22.18 11.58
C SER B 522 -9.68 -22.55 11.09
N VAL B 523 -9.23 -21.98 9.94
CA VAL B 523 -7.87 -22.10 9.42
C VAL B 523 -7.24 -20.71 9.55
N VAL B 524 -6.13 -20.59 10.31
CA VAL B 524 -5.51 -19.29 10.61
C VAL B 524 -4.20 -19.05 9.87
N PRO B 525 -4.06 -17.90 9.14
CA PRO B 525 -2.76 -17.56 8.55
C PRO B 525 -1.88 -16.90 9.64
N LEU B 526 -0.65 -17.41 9.82
CA LEU B 526 0.36 -16.85 10.74
C LEU B 526 1.52 -16.50 9.86
N MET B 527 1.70 -15.21 9.61
CA MET B 527 2.68 -14.71 8.66
C MET B 527 3.78 -13.97 9.37
N LEU B 528 5.04 -14.50 9.26
CA LEU B 528 6.23 -13.83 9.81
C LEU B 528 6.89 -12.95 8.74
N HIS B 529 7.61 -11.93 9.21
CA HIS B 529 8.27 -10.94 8.38
C HIS B 529 9.45 -10.37 9.11
N GLY B 530 10.36 -9.73 8.37
CA GLY B 530 11.50 -9.01 8.91
C GLY B 530 11.11 -7.56 8.79
N ASP B 531 11.72 -6.68 9.57
CA ASP B 531 11.37 -5.27 9.58
C ASP B 531 11.63 -4.53 8.26
N ALA B 532 12.78 -4.75 7.59
CA ALA B 532 13.08 -4.02 6.32
C ALA B 532 12.16 -4.47 5.17
N ALA B 533 11.90 -5.79 5.02
CA ALA B 533 11.09 -6.36 3.96
C ALA B 533 9.61 -5.95 4.12
N PHE B 534 9.09 -5.94 5.35
CA PHE B 534 7.70 -5.58 5.64
C PHE B 534 7.39 -4.15 5.20
N ALA B 535 8.36 -3.24 5.35
CA ALA B 535 8.19 -1.82 5.02
C ALA B 535 8.43 -1.53 3.53
N GLY B 536 9.43 -2.18 2.96
CA GLY B 536 9.85 -1.92 1.60
C GLY B 536 9.17 -2.66 0.49
N GLN B 537 8.57 -3.83 0.73
CA GLN B 537 7.95 -4.66 -0.32
C GLN B 537 6.44 -4.38 -0.48
N GLY B 538 6.07 -3.96 -1.68
CA GLY B 538 4.69 -3.63 -2.05
C GLY B 538 3.68 -4.76 -1.97
N VAL B 539 4.13 -6.03 -2.09
CA VAL B 539 3.23 -7.17 -2.05
C VAL B 539 2.53 -7.24 -0.66
N VAL B 540 3.14 -6.61 0.39
CA VAL B 540 2.62 -6.51 1.75
C VAL B 540 1.32 -5.66 1.68
N ALA B 541 1.38 -4.43 1.14
CA ALA B 541 0.18 -3.59 1.00
C ALA B 541 -0.85 -4.29 0.12
N GLU B 542 -0.42 -4.92 -1.00
CA GLU B 542 -1.32 -5.66 -1.90
C GLU B 542 -2.03 -6.80 -1.19
N THR B 543 -1.35 -7.52 -0.30
CA THR B 543 -1.90 -8.67 0.44
C THR B 543 -2.80 -8.17 1.55
N LEU B 544 -2.37 -7.10 2.27
CA LEU B 544 -3.15 -6.49 3.34
C LEU B 544 -4.47 -6.00 2.77
N ASN B 545 -4.45 -5.49 1.52
CA ASN B 545 -5.63 -5.01 0.80
C ASN B 545 -6.67 -6.11 0.51
N LEU B 546 -6.28 -7.39 0.59
CA LEU B 546 -7.20 -8.51 0.35
C LEU B 546 -7.96 -8.94 1.61
N ALA B 547 -7.48 -8.50 2.77
CA ALA B 547 -7.90 -8.86 4.12
C ALA B 547 -9.40 -9.03 4.30
N LEU B 548 -10.22 -8.10 3.79
CA LEU B 548 -11.68 -8.11 3.98
C LEU B 548 -12.46 -8.27 2.68
N LEU B 549 -11.81 -8.61 1.56
CA LEU B 549 -12.53 -8.78 0.30
C LEU B 549 -13.28 -10.14 0.30
N ARG B 550 -14.51 -10.16 -0.21
CA ARG B 550 -15.35 -11.35 -0.34
C ARG B 550 -14.57 -12.54 -0.91
N GLY B 551 -13.83 -12.29 -2.01
CA GLY B 551 -13.09 -13.31 -2.73
C GLY B 551 -11.77 -13.73 -2.15
N TYR B 552 -11.23 -12.96 -1.21
CA TYR B 552 -9.88 -13.17 -0.69
C TYR B 552 -9.77 -13.24 0.83
N ARG B 553 -10.80 -12.82 1.58
CA ARG B 553 -10.73 -12.80 3.05
C ARG B 553 -10.49 -14.21 3.62
N THR B 554 -9.63 -14.28 4.67
CA THR B 554 -9.31 -15.50 5.41
C THR B 554 -9.66 -15.26 6.92
N GLY B 555 -10.50 -14.26 7.19
CA GLY B 555 -10.96 -13.90 8.52
C GLY B 555 -9.87 -13.43 9.48
N GLY B 556 -8.87 -12.72 8.96
CA GLY B 556 -7.78 -12.18 9.75
C GLY B 556 -6.50 -12.98 9.79
N THR B 557 -5.40 -12.31 9.53
CA THR B 557 -4.05 -12.87 9.55
C THR B 557 -3.30 -12.36 10.78
N ILE B 558 -2.57 -13.25 11.46
CA ILE B 558 -1.75 -12.80 12.56
C ILE B 558 -0.39 -12.51 11.95
N HIS B 559 0.10 -11.29 12.11
CA HIS B 559 1.41 -10.91 11.59
C HIS B 559 2.41 -10.78 12.72
N ILE B 560 3.55 -11.46 12.60
CA ILE B 560 4.63 -11.26 13.57
C ILE B 560 5.82 -10.66 12.81
N VAL B 561 6.24 -9.45 13.19
CA VAL B 561 7.41 -8.86 12.58
C VAL B 561 8.57 -9.05 13.56
N VAL B 562 9.59 -9.84 13.14
CA VAL B 562 10.84 -10.07 13.87
C VAL B 562 11.71 -8.85 13.54
N ASN B 563 11.61 -7.84 14.37
CA ASN B 563 12.24 -6.54 14.20
C ASN B 563 13.53 -6.44 14.94
N ASN B 564 14.60 -6.86 14.30
CA ASN B 564 15.94 -6.81 14.86
C ASN B 564 16.61 -5.43 14.60
N GLN B 565 15.81 -4.43 14.14
CA GLN B 565 16.24 -3.02 13.97
C GLN B 565 17.42 -2.83 12.96
N ILE B 566 17.59 -3.77 12.02
CA ILE B 566 18.62 -3.80 10.98
C ILE B 566 18.08 -4.64 9.79
N GLY B 567 18.59 -4.32 8.60
CA GLY B 567 18.26 -4.99 7.35
C GLY B 567 19.57 -5.21 6.63
N PHE B 568 20.27 -6.29 7.04
CA PHE B 568 21.59 -6.65 6.56
C PHE B 568 22.61 -5.61 7.12
N THR B 569 23.00 -4.57 6.34
CA THR B 569 23.92 -3.52 6.77
C THR B 569 23.13 -2.21 6.85
N THR B 570 21.86 -2.21 6.40
CA THR B 570 21.01 -1.02 6.30
C THR B 570 20.26 -0.74 7.61
N ALA B 571 20.29 0.54 8.01
CA ALA B 571 19.66 1.07 9.22
C ALA B 571 18.22 1.43 8.93
N PRO B 572 17.30 1.31 9.93
CA PRO B 572 15.88 1.68 9.67
C PRO B 572 15.65 3.06 9.01
N THR B 573 16.48 4.08 9.22
CA THR B 573 16.25 5.36 8.55
C THR B 573 16.38 5.28 7.05
N ASP B 574 17.17 4.32 6.53
CA ASP B 574 17.33 4.18 5.08
C ASP B 574 16.33 3.16 4.47
N SER B 575 15.61 2.44 5.36
CA SER B 575 14.67 1.40 5.04
C SER B 575 13.20 1.84 5.03
N ARG B 576 12.82 2.91 5.76
CA ARG B 576 11.42 3.35 5.78
C ARG B 576 11.28 4.81 6.12
N SER B 577 10.18 5.43 5.65
CA SER B 577 9.87 6.84 5.87
C SER B 577 8.83 7.01 7.00
N SER B 578 8.74 6.04 7.90
CA SER B 578 7.77 6.10 8.99
C SER B 578 8.36 5.60 10.30
N GLU B 579 7.70 5.92 11.40
CA GLU B 579 8.13 5.60 12.75
C GLU B 579 8.37 4.10 12.93
N TYR B 580 7.38 3.28 12.62
CA TYR B 580 7.48 1.84 12.76
C TYR B 580 7.49 1.13 11.40
N CYS B 581 8.10 -0.06 11.35
CA CYS B 581 8.16 -0.88 10.15
C CYS B 581 6.78 -1.47 9.80
N THR B 582 5.84 -1.39 10.75
CA THR B 582 4.48 -1.94 10.69
C THR B 582 3.41 -0.94 10.28
N ASP B 583 3.79 0.33 10.06
CA ASP B 583 2.87 1.42 9.76
C ASP B 583 1.99 1.17 8.53
N VAL B 584 2.45 0.32 7.57
CA VAL B 584 1.65 -0.05 6.37
C VAL B 584 0.32 -0.74 6.79
N ALA B 585 0.30 -1.50 7.91
CA ALA B 585 -0.89 -2.19 8.45
C ALA B 585 -2.02 -1.22 8.80
N LYS B 586 -1.72 0.06 9.02
CA LYS B 586 -2.70 1.09 9.34
C LYS B 586 -3.69 1.33 8.16
N MET B 587 -3.26 0.99 6.94
CA MET B 587 -3.98 1.03 5.69
C MET B 587 -5.34 0.29 5.84
N ILE B 588 -5.36 -0.89 6.47
CA ILE B 588 -6.61 -1.63 6.69
C ILE B 588 -7.18 -1.42 8.13
N GLY B 589 -6.65 -0.43 8.86
CA GLY B 589 -7.05 -0.15 10.23
C GLY B 589 -6.87 -1.34 11.16
N ALA B 590 -5.69 -2.00 11.04
CA ALA B 590 -5.34 -3.17 11.84
C ALA B 590 -4.67 -2.71 13.14
N PRO B 591 -5.00 -3.33 14.31
CA PRO B 591 -4.29 -2.91 15.54
C PRO B 591 -2.85 -3.37 15.49
N ILE B 592 -1.93 -2.51 15.97
CA ILE B 592 -0.51 -2.83 15.99
C ILE B 592 -0.03 -2.84 17.42
N PHE B 593 0.69 -3.90 17.80
CA PHE B 593 1.31 -4.10 19.13
C PHE B 593 2.80 -4.21 18.97
N HIS B 594 3.53 -3.24 19.55
CA HIS B 594 4.99 -3.20 19.59
C HIS B 594 5.39 -3.76 20.92
N VAL B 595 6.16 -4.87 20.91
CA VAL B 595 6.49 -5.57 22.14
C VAL B 595 7.99 -5.81 22.26
N ASN B 596 8.50 -5.71 23.50
CA ASN B 596 9.89 -5.96 23.89
C ASN B 596 10.22 -7.47 23.79
N GLY B 597 11.06 -7.83 22.83
CA GLY B 597 11.48 -9.22 22.62
C GLY B 597 12.19 -9.82 23.79
N ASP B 598 12.75 -8.99 24.69
CA ASP B 598 13.44 -9.44 25.92
C ASP B 598 12.46 -9.77 27.04
N ASP B 599 11.13 -9.46 26.89
CA ASP B 599 10.09 -9.81 27.85
C ASP B 599 9.18 -10.85 27.22
N PRO B 600 9.47 -12.14 27.44
CA PRO B 600 8.65 -13.20 26.83
C PRO B 600 7.22 -13.34 27.40
N GLU B 601 6.96 -12.74 28.57
CA GLU B 601 5.63 -12.75 29.16
C GLU B 601 4.70 -11.79 28.37
N ALA B 602 5.18 -10.55 28.10
CA ALA B 602 4.46 -9.53 27.31
C ALA B 602 4.20 -10.05 25.87
N CYS B 603 5.19 -10.76 25.29
CA CYS B 603 5.15 -11.35 23.96
C CYS B 603 4.08 -12.44 23.84
N ALA B 604 3.97 -13.30 24.84
CA ALA B 604 2.95 -14.35 24.88
C ALA B 604 1.59 -13.72 25.10
N TRP B 605 1.49 -12.78 26.06
CA TRP B 605 0.24 -12.08 26.36
C TRP B 605 -0.33 -11.39 25.11
N VAL B 606 0.51 -10.66 24.36
CA VAL B 606 0.16 -9.95 23.13
C VAL B 606 -0.28 -10.93 22.03
N ALA B 607 0.44 -12.05 21.84
CA ALA B 607 0.13 -13.13 20.91
C ALA B 607 -1.31 -13.65 21.13
N ARG B 608 -1.68 -13.94 22.38
CA ARG B 608 -3.02 -14.43 22.76
C ARG B 608 -4.08 -13.35 22.51
N LEU B 609 -3.77 -12.07 22.84
CA LEU B 609 -4.66 -10.94 22.62
C LEU B 609 -4.94 -10.81 21.12
N ALA B 610 -3.87 -10.89 20.27
CA ALA B 610 -3.94 -10.85 18.81
C ALA B 610 -4.92 -11.93 18.30
N VAL B 611 -4.74 -13.21 18.71
CA VAL B 611 -5.65 -14.32 18.38
C VAL B 611 -7.11 -14.01 18.80
N ASP B 612 -7.31 -13.40 19.97
CA ASP B 612 -8.66 -13.06 20.44
C ASP B 612 -9.31 -11.96 19.60
N PHE B 613 -8.55 -10.92 19.22
CA PHE B 613 -9.05 -9.84 18.36
C PHE B 613 -9.48 -10.41 17.00
N ARG B 614 -8.57 -11.15 16.35
CA ARG B 614 -8.80 -11.82 15.08
C ARG B 614 -10.09 -12.69 15.13
N GLN B 615 -10.30 -13.38 16.24
CA GLN B 615 -11.49 -14.23 16.36
C GLN B 615 -12.75 -13.39 16.54
N ALA B 616 -12.63 -12.24 17.22
CA ALA B 616 -13.73 -11.30 17.49
C ALA B 616 -14.11 -10.49 16.27
N PHE B 617 -13.14 -9.91 15.54
CA PHE B 617 -13.46 -8.99 14.47
C PHE B 617 -13.12 -9.52 13.08
N LYS B 618 -12.53 -10.75 12.97
CA LYS B 618 -12.15 -11.36 11.68
C LYS B 618 -11.28 -10.38 10.85
N LYS B 619 -10.35 -9.73 11.54
CA LYS B 619 -9.46 -8.70 10.98
C LYS B 619 -8.02 -8.96 11.39
N ASP B 620 -7.04 -8.64 10.49
CA ASP B 620 -5.60 -8.78 10.70
C ASP B 620 -5.11 -8.03 11.94
N VAL B 621 -4.11 -8.61 12.63
CA VAL B 621 -3.44 -8.05 13.81
C VAL B 621 -1.93 -8.12 13.58
N VAL B 622 -1.23 -7.04 13.87
CA VAL B 622 0.21 -7.01 13.66
C VAL B 622 0.91 -6.86 15.00
N ILE B 623 1.88 -7.75 15.25
CA ILE B 623 2.76 -7.74 16.39
C ILE B 623 4.15 -7.43 15.88
N ASP B 624 4.69 -6.30 16.31
CA ASP B 624 6.06 -5.83 16.06
C ASP B 624 6.94 -6.30 17.23
N MET B 625 7.65 -7.45 17.11
CA MET B 625 8.51 -7.93 18.19
C MET B 625 9.91 -7.37 18.01
N LEU B 626 10.26 -6.39 18.87
CA LEU B 626 11.54 -5.70 18.88
C LEU B 626 12.60 -6.55 19.53
N CYS B 627 13.66 -6.78 18.79
CA CYS B 627 14.73 -7.62 19.26
C CYS B 627 16.02 -7.12 18.64
N TYR B 628 16.97 -8.04 18.43
CA TYR B 628 18.26 -7.68 17.84
C TYR B 628 18.86 -8.92 17.16
N ARG B 629 19.84 -8.68 16.28
CA ARG B 629 20.63 -9.67 15.55
C ARG B 629 22.00 -9.71 16.20
N ARG B 630 22.26 -10.72 17.05
CA ARG B 630 23.51 -10.83 17.80
C ARG B 630 24.76 -10.99 16.92
N ARG B 631 24.63 -11.78 15.86
CA ARG B 631 25.73 -12.07 14.95
C ARG B 631 25.69 -11.15 13.73
N GLY B 632 26.52 -11.43 12.73
CA GLY B 632 26.45 -10.73 11.45
C GLY B 632 25.25 -11.25 10.68
N HIS B 633 24.96 -10.67 9.49
CA HIS B 633 23.80 -11.06 8.67
C HIS B 633 23.96 -12.52 8.16
N ASN B 634 25.20 -12.93 7.83
CA ASN B 634 25.51 -14.28 7.38
C ASN B 634 26.85 -14.77 8.01
N GLU B 635 27.82 -15.25 7.18
CA GLU B 635 29.12 -15.76 7.64
C GLU B 635 30.26 -14.86 7.16
N GLY B 636 31.22 -14.63 8.07
CA GLY B 636 32.37 -13.78 7.82
C GLY B 636 32.06 -12.31 8.06
N ASP B 637 30.74 -11.98 8.10
CA ASP B 637 30.16 -10.64 8.30
C ASP B 637 30.50 -10.10 9.68
N ASP B 638 31.32 -9.01 9.74
CA ASP B 638 31.58 -8.25 10.96
C ASP B 638 30.62 -7.05 10.90
N PRO B 639 29.43 -7.15 11.55
CA PRO B 639 28.44 -6.08 11.46
C PRO B 639 28.91 -4.76 12.08
N SER B 640 29.96 -4.77 12.92
CA SER B 640 30.41 -3.53 13.50
C SER B 640 31.18 -2.70 12.47
N MET B 641 31.32 -3.17 11.20
CA MET B 641 32.01 -2.41 10.14
C MET B 641 31.18 -1.22 9.69
N THR B 642 29.84 -1.42 9.69
CA THR B 642 28.80 -0.49 9.24
C THR B 642 27.92 -0.02 10.42
N GLN B 643 27.68 -0.87 11.45
CA GLN B 643 26.85 -0.50 12.64
C GLN B 643 27.67 -0.68 13.94
N PRO B 644 28.78 0.11 14.13
CA PRO B 644 29.62 -0.11 15.32
C PRO B 644 28.89 0.19 16.63
N TYR B 645 28.02 1.23 16.65
CA TYR B 645 27.29 1.61 17.86
C TYR B 645 26.36 0.48 18.31
N MET B 646 25.44 0.05 17.44
CA MET B 646 24.51 -1.02 17.76
C MET B 646 25.24 -2.25 18.29
N TYR B 647 26.36 -2.60 17.65
CA TYR B 647 27.09 -3.80 18.03
C TYR B 647 27.96 -3.65 19.28
N ASP B 648 28.28 -2.42 19.73
CA ASP B 648 28.99 -2.26 21.00
C ASP B 648 27.99 -2.55 22.11
N VAL B 649 26.74 -2.10 21.93
CA VAL B 649 25.60 -2.30 22.81
C VAL B 649 25.23 -3.81 22.86
N ILE B 650 25.06 -4.47 21.69
CA ILE B 650 24.71 -5.90 21.56
C ILE B 650 25.77 -6.80 22.24
N ASP B 651 27.03 -6.37 22.26
CA ASP B 651 28.08 -7.17 22.90
C ASP B 651 27.91 -7.18 24.43
N THR B 652 27.16 -6.20 24.97
CA THR B 652 26.88 -6.10 26.42
C THR B 652 25.54 -6.80 26.79
N LYS B 653 24.81 -7.34 25.80
CA LYS B 653 23.53 -7.98 26.06
C LYS B 653 23.67 -9.44 26.40
N ARG B 654 23.05 -9.85 27.52
CA ARG B 654 22.93 -11.24 27.91
C ARG B 654 21.64 -11.69 27.22
N GLY B 655 21.62 -12.93 26.71
CA GLY B 655 20.45 -13.44 25.99
C GLY B 655 19.13 -13.41 26.73
N SER B 656 18.02 -13.56 25.98
CA SER B 656 16.63 -13.53 26.50
C SER B 656 16.40 -14.54 27.63
N ARG B 657 16.94 -15.77 27.48
CA ARG B 657 16.86 -16.89 28.40
C ARG B 657 17.56 -16.57 29.75
N LYS B 658 18.84 -16.10 29.71
CA LYS B 658 19.56 -15.73 30.94
C LYS B 658 18.83 -14.57 31.60
N ALA B 659 18.41 -13.57 30.78
CA ALA B 659 17.72 -12.36 31.19
C ALA B 659 16.41 -12.66 31.92
N TYR B 660 15.60 -13.56 31.34
CA TYR B 660 14.31 -14.00 31.87
C TYR B 660 14.49 -14.83 33.14
N THR B 661 15.50 -15.73 33.20
CA THR B 661 15.78 -16.53 34.40
C THR B 661 16.16 -15.62 35.59
N GLU B 662 17.01 -14.61 35.33
CA GLU B 662 17.47 -13.63 36.31
C GLU B 662 16.32 -12.74 36.81
N ALA B 663 15.36 -12.36 35.91
CA ALA B 663 14.23 -11.53 36.31
C ALA B 663 13.29 -12.33 37.23
N LEU B 664 13.02 -13.62 36.88
CA LEU B 664 12.21 -14.54 37.67
C LEU B 664 12.79 -14.68 39.07
N ILE B 665 14.13 -14.83 39.20
CA ILE B 665 14.84 -14.92 40.48
C ILE B 665 14.66 -13.62 41.28
N GLY B 666 14.95 -12.47 40.64
CA GLY B 666 14.87 -11.13 41.21
C GLY B 666 13.50 -10.77 41.77
N ARG B 667 12.45 -11.09 40.99
CA ARG B 667 11.05 -10.88 41.36
C ARG B 667 10.57 -11.82 42.49
N GLY B 668 11.29 -12.92 42.71
CA GLY B 668 10.93 -13.91 43.71
C GLY B 668 9.82 -14.82 43.21
N ASP B 669 9.88 -15.17 41.91
CA ASP B 669 8.92 -16.04 41.22
C ASP B 669 9.48 -17.44 41.24
N ILE B 670 10.81 -17.57 41.19
CA ILE B 670 11.51 -18.85 41.26
C ILE B 670 12.65 -18.75 42.28
N SER B 671 12.94 -19.88 42.96
CA SER B 671 14.05 -20.05 43.90
C SER B 671 15.32 -20.34 43.10
N MET B 672 16.50 -20.25 43.74
CA MET B 672 17.78 -20.56 43.09
C MET B 672 17.82 -22.01 42.58
N LYS B 673 17.17 -22.94 43.33
CA LYS B 673 17.06 -24.36 42.99
C LYS B 673 16.21 -24.51 41.72
N GLU B 674 15.06 -23.80 41.65
CA GLU B 674 14.15 -23.77 40.50
C GLU B 674 14.86 -23.23 39.24
N ALA B 675 15.83 -22.29 39.43
CA ALA B 675 16.64 -21.72 38.36
C ALA B 675 17.73 -22.68 37.93
N GLU B 676 18.32 -23.42 38.89
CA GLU B 676 19.34 -24.42 38.62
C GLU B 676 18.72 -25.55 37.78
N ASP B 677 17.46 -25.90 38.05
CA ASP B 677 16.68 -26.89 37.30
C ASP B 677 16.45 -26.43 35.88
N ALA B 678 16.27 -25.08 35.69
CA ALA B 678 16.07 -24.43 34.39
C ALA B 678 17.33 -24.50 33.55
N LEU B 679 18.52 -24.33 34.20
CA LEU B 679 19.80 -24.47 33.51
C LEU B 679 20.04 -25.94 33.20
N ARG B 680 19.58 -26.82 34.09
CA ARG B 680 19.65 -28.28 33.93
C ARG B 680 18.78 -28.71 32.72
N ASP B 681 17.58 -28.08 32.55
CA ASP B 681 16.67 -28.32 31.45
C ASP B 681 17.30 -27.86 30.13
N TYR B 682 17.87 -26.62 30.10
CA TYR B 682 18.57 -26.08 28.91
C TYR B 682 19.66 -27.04 28.46
N GLN B 683 20.46 -27.53 29.43
CA GLN B 683 21.57 -28.47 29.22
C GLN B 683 21.07 -29.82 28.66
N GLY B 684 19.90 -30.29 29.12
CA GLY B 684 19.28 -31.52 28.65
C GLY B 684 18.81 -31.41 27.22
N GLN B 685 18.18 -30.27 26.90
CA GLN B 685 17.66 -29.95 25.57
C GLN B 685 18.80 -29.89 24.56
N LEU B 686 19.91 -29.23 24.95
CA LEU B 686 21.12 -29.08 24.15
C LEU B 686 21.78 -30.46 23.93
N GLU B 687 21.72 -31.34 24.95
CA GLU B 687 22.24 -32.69 24.89
C GLU B 687 21.44 -33.57 23.88
N ARG B 688 20.09 -33.62 24.00
CA ARG B 688 19.28 -34.48 23.12
C ARG B 688 19.31 -34.05 21.67
N VAL B 689 19.51 -32.75 21.39
CA VAL B 689 19.59 -32.30 19.99
C VAL B 689 20.94 -32.84 19.41
N PHE B 690 22.05 -32.78 20.19
CA PHE B 690 23.33 -33.33 19.75
C PHE B 690 23.27 -34.86 19.62
N ASN B 691 22.61 -35.54 20.59
CA ASN B 691 22.44 -37.00 20.66
C ASN B 691 21.55 -37.56 19.54
N GLU B 692 20.45 -36.85 19.19
CA GLU B 692 19.50 -37.33 18.17
C GLU B 692 20.11 -37.20 16.76
N VAL B 693 20.82 -36.09 16.50
CA VAL B 693 21.44 -35.83 15.20
C VAL B 693 22.68 -36.73 15.03
N ARG B 694 23.33 -37.14 16.16
CA ARG B 694 24.48 -38.05 16.15
C ARG B 694 24.07 -39.43 15.63
N GLU B 695 22.88 -39.93 16.08
CA GLU B 695 22.30 -41.23 15.69
C GLU B 695 22.12 -41.33 14.16
N LEU B 696 21.94 -40.19 13.47
CA LEU B 696 21.74 -40.12 12.01
C LEU B 696 23.05 -40.36 11.26
N ALA B 718 -11.23 -39.09 -21.35
CA ALA B 718 -12.21 -38.56 -22.31
C ALA B 718 -12.87 -37.29 -21.77
N THR B 719 -12.78 -36.18 -22.55
CA THR B 719 -13.27 -34.87 -22.15
C THR B 719 -14.60 -34.49 -22.82
N ALA B 720 -15.04 -35.28 -23.82
CA ALA B 720 -16.31 -35.08 -24.51
C ALA B 720 -17.48 -35.25 -23.51
N VAL B 721 -18.58 -34.50 -23.72
CA VAL B 721 -19.80 -34.55 -22.90
C VAL B 721 -21.00 -34.92 -23.82
N ASP B 722 -22.20 -35.17 -23.25
CA ASP B 722 -23.34 -35.47 -24.11
C ASP B 722 -24.13 -34.18 -24.40
N LYS B 723 -25.00 -34.24 -25.42
CA LYS B 723 -25.88 -33.14 -25.83
C LYS B 723 -26.66 -32.64 -24.60
N ALA B 724 -27.14 -33.56 -23.75
CA ALA B 724 -27.88 -33.30 -22.52
C ALA B 724 -27.13 -32.31 -21.63
N MET B 725 -25.78 -32.49 -21.50
CA MET B 725 -24.90 -31.63 -20.72
C MET B 725 -24.86 -30.22 -21.30
N LEU B 726 -24.62 -30.10 -22.63
CA LEU B 726 -24.60 -28.81 -23.33
C LEU B 726 -25.92 -28.07 -23.13
N GLN B 727 -27.01 -28.76 -23.38
CA GLN B 727 -28.36 -28.26 -23.27
C GLN B 727 -28.69 -27.82 -21.84
N ARG B 728 -28.24 -28.59 -20.84
CA ARG B 728 -28.45 -28.26 -19.44
C ARG B 728 -27.78 -26.90 -19.09
N ILE B 729 -26.52 -26.69 -19.53
CA ILE B 729 -25.74 -25.46 -19.27
C ILE B 729 -26.39 -24.26 -19.98
N GLY B 730 -26.94 -24.51 -21.18
CA GLY B 730 -27.64 -23.50 -21.96
C GLY B 730 -28.95 -23.05 -21.32
N ASP B 731 -29.76 -24.04 -20.86
CA ASP B 731 -31.06 -23.82 -20.22
C ASP B 731 -30.90 -23.08 -18.89
N ALA B 732 -29.77 -23.32 -18.20
CA ALA B 732 -29.42 -22.67 -16.92
C ALA B 732 -29.36 -21.13 -17.03
N HIS B 733 -29.02 -20.62 -18.23
CA HIS B 733 -28.86 -19.19 -18.50
C HIS B 733 -30.19 -18.49 -18.56
N LEU B 734 -31.29 -19.26 -18.66
CA LEU B 734 -32.64 -18.73 -18.70
C LEU B 734 -33.45 -19.15 -17.47
N ALA B 735 -32.91 -20.04 -16.61
CA ALA B 735 -33.58 -20.50 -15.38
C ALA B 735 -33.37 -19.47 -14.26
N LEU B 736 -33.83 -18.25 -14.55
CA LEU B 736 -33.72 -17.05 -13.72
C LEU B 736 -34.56 -17.13 -12.46
N PRO B 737 -34.12 -16.50 -11.35
CA PRO B 737 -34.94 -16.53 -10.13
C PRO B 737 -36.27 -15.81 -10.35
N GLU B 738 -37.31 -16.16 -9.57
CA GLU B 738 -38.61 -15.52 -9.73
C GLU B 738 -38.49 -14.00 -9.52
N GLY B 739 -39.08 -13.25 -10.44
CA GLY B 739 -39.07 -11.79 -10.44
C GLY B 739 -37.73 -11.14 -10.72
N PHE B 740 -36.83 -11.83 -11.46
CA PHE B 740 -35.52 -11.25 -11.78
C PHE B 740 -35.61 -10.40 -13.04
N THR B 741 -35.06 -9.18 -13.01
CA THR B 741 -35.08 -8.28 -14.18
C THR B 741 -33.69 -8.25 -14.81
N VAL B 742 -33.54 -8.94 -15.94
CA VAL B 742 -32.28 -8.99 -16.68
C VAL B 742 -32.07 -7.65 -17.39
N HIS B 743 -30.83 -7.17 -17.45
CA HIS B 743 -30.54 -5.95 -18.20
C HIS B 743 -30.92 -6.21 -19.70
N PRO B 744 -31.59 -5.25 -20.38
CA PRO B 744 -31.99 -5.49 -21.78
C PRO B 744 -30.85 -5.85 -22.73
N ARG B 745 -29.57 -5.45 -22.42
CA ARG B 745 -28.41 -5.79 -23.26
C ARG B 745 -27.84 -7.16 -22.90
N VAL B 746 -28.16 -7.66 -21.70
CA VAL B 746 -27.68 -8.96 -21.22
C VAL B 746 -28.65 -10.08 -21.72
N ARG B 747 -29.97 -9.83 -21.74
CA ARG B 747 -30.96 -10.82 -22.15
C ARG B 747 -30.59 -11.49 -23.50
N PRO B 748 -30.28 -10.78 -24.63
CA PRO B 748 -29.96 -11.47 -25.88
C PRO B 748 -28.82 -12.48 -25.78
N VAL B 749 -27.89 -12.27 -24.84
CA VAL B 749 -26.73 -13.14 -24.60
C VAL B 749 -27.18 -14.48 -23.98
N LEU B 750 -28.10 -14.42 -23.00
CA LEU B 750 -28.63 -15.61 -22.32
C LEU B 750 -29.38 -16.47 -23.32
N GLU B 751 -30.17 -15.81 -24.16
CA GLU B 751 -31.00 -16.41 -25.21
C GLU B 751 -30.13 -17.04 -26.30
N LYS B 752 -29.03 -16.39 -26.70
CA LYS B 752 -28.13 -16.92 -27.72
C LYS B 752 -27.43 -18.18 -27.19
N ARG B 753 -27.12 -18.19 -25.88
CA ARG B 753 -26.48 -19.35 -25.23
C ARG B 753 -27.36 -20.58 -25.23
N ARG B 754 -28.69 -20.43 -24.99
CA ARG B 754 -29.61 -21.58 -25.06
C ARG B 754 -29.66 -22.11 -26.49
N GLU B 755 -29.72 -21.19 -27.48
CA GLU B 755 -29.73 -21.48 -28.91
C GLU B 755 -28.46 -22.26 -29.31
N MET B 756 -27.29 -21.77 -28.90
CA MET B 756 -26.00 -22.39 -29.20
C MET B 756 -25.90 -23.81 -28.67
N ALA B 757 -26.41 -24.06 -27.45
CA ALA B 757 -26.35 -25.36 -26.75
C ALA B 757 -27.18 -26.43 -27.47
N TYR B 758 -28.19 -26.00 -28.26
CA TYR B 758 -29.12 -26.86 -29.00
C TYR B 758 -28.83 -26.89 -30.51
N GLU B 759 -28.40 -25.76 -31.09
CA GLU B 759 -28.24 -25.54 -32.55
C GLU B 759 -26.79 -25.42 -33.07
N GLY B 760 -25.80 -25.32 -32.18
CA GLY B 760 -24.41 -25.18 -32.58
C GLY B 760 -23.94 -23.76 -32.72
N ARG B 761 -22.85 -23.57 -33.49
CA ARG B 761 -22.19 -22.26 -33.72
C ARG B 761 -21.81 -21.65 -32.35
N ILE B 762 -21.15 -22.47 -31.51
CA ILE B 762 -20.76 -22.11 -30.14
C ILE B 762 -19.55 -21.17 -30.20
N ASP B 763 -19.71 -19.96 -29.61
CA ASP B 763 -18.65 -18.97 -29.51
C ASP B 763 -17.71 -19.36 -28.38
N TRP B 764 -16.53 -18.67 -28.32
CA TRP B 764 -15.48 -18.87 -27.31
C TRP B 764 -16.01 -18.66 -25.88
N ALA B 765 -16.63 -17.52 -25.58
CA ALA B 765 -17.12 -17.18 -24.26
C ALA B 765 -18.02 -18.28 -23.64
N PHE B 766 -18.95 -18.86 -24.46
CA PHE B 766 -19.88 -19.91 -24.05
C PHE B 766 -19.16 -21.25 -23.92
N ALA B 767 -18.21 -21.54 -24.82
CA ALA B 767 -17.41 -22.77 -24.81
C ALA B 767 -16.68 -22.92 -23.50
N GLU B 768 -16.23 -21.76 -22.93
CA GLU B 768 -15.53 -21.65 -21.66
C GLU B 768 -16.47 -22.02 -20.51
N LEU B 769 -17.70 -21.43 -20.51
CA LEU B 769 -18.71 -21.71 -19.48
C LEU B 769 -19.26 -23.14 -19.61
N LEU B 770 -19.23 -23.71 -20.84
CA LEU B 770 -19.61 -25.10 -21.07
C LEU B 770 -18.59 -26.04 -20.39
N ALA B 771 -17.27 -25.75 -20.52
CA ALA B 771 -16.22 -26.55 -19.87
C ALA B 771 -16.30 -26.46 -18.33
N LEU B 772 -16.42 -25.23 -17.77
CA LEU B 772 -16.52 -24.99 -16.34
C LEU B 772 -17.81 -25.56 -15.76
N GLY B 773 -18.94 -25.37 -16.48
CA GLY B 773 -20.26 -25.85 -16.09
C GLY B 773 -20.34 -27.36 -15.97
N SER B 774 -19.77 -28.08 -16.95
CA SER B 774 -19.74 -29.54 -16.98
C SER B 774 -18.86 -30.08 -15.85
N LEU B 775 -17.76 -29.36 -15.52
CA LEU B 775 -16.89 -29.73 -14.38
C LEU B 775 -17.65 -29.60 -13.05
N ILE B 776 -18.38 -28.48 -12.84
CA ILE B 776 -19.20 -28.22 -11.65
C ILE B 776 -20.24 -29.36 -11.52
N ALA B 777 -20.91 -29.71 -12.64
CA ALA B 777 -21.94 -30.75 -12.75
C ALA B 777 -21.38 -32.15 -12.40
N GLU B 778 -20.09 -32.39 -12.70
CA GLU B 778 -19.37 -33.62 -12.39
C GLU B 778 -18.80 -33.58 -10.91
N GLY B 779 -19.17 -32.55 -10.13
CA GLY B 779 -18.81 -32.42 -8.73
C GLY B 779 -17.54 -31.63 -8.41
N LYS B 780 -17.02 -30.88 -9.37
CA LYS B 780 -15.77 -30.12 -9.15
C LYS B 780 -15.98 -28.69 -8.67
N LEU B 781 -15.06 -28.23 -7.77
CA LEU B 781 -15.02 -26.85 -7.32
C LEU B 781 -14.35 -26.04 -8.41
N VAL B 782 -14.97 -24.94 -8.86
CA VAL B 782 -14.35 -24.13 -9.89
C VAL B 782 -14.24 -22.70 -9.35
N ARG B 783 -13.01 -22.24 -9.20
CA ARG B 783 -12.71 -20.88 -8.77
C ARG B 783 -12.16 -20.10 -9.95
N LEU B 784 -12.92 -19.08 -10.39
CA LEU B 784 -12.57 -18.18 -11.48
C LEU B 784 -12.51 -16.74 -10.95
N SER B 785 -11.45 -15.98 -11.26
CA SER B 785 -11.31 -14.58 -10.83
C SER B 785 -10.21 -13.84 -11.59
N GLY B 786 -10.33 -12.53 -11.60
CA GLY B 786 -9.42 -11.61 -12.26
C GLY B 786 -10.10 -10.26 -12.28
N GLN B 787 -9.51 -9.28 -12.97
CA GLN B 787 -10.06 -7.93 -13.03
C GLN B 787 -11.27 -7.91 -13.93
N ASP B 788 -12.44 -7.53 -13.38
CA ASP B 788 -13.73 -7.45 -14.08
C ASP B 788 -14.08 -8.81 -14.76
N THR B 789 -13.75 -9.93 -14.09
CA THR B 789 -13.94 -11.29 -14.60
C THR B 789 -15.40 -11.73 -14.56
N GLN B 790 -16.22 -11.23 -13.60
CA GLN B 790 -17.64 -11.62 -13.50
C GLN B 790 -18.40 -11.29 -14.82
N ARG B 791 -18.11 -10.13 -15.44
CA ARG B 791 -18.72 -9.73 -16.72
C ARG B 791 -17.84 -10.09 -17.91
N GLY B 792 -16.53 -9.90 -17.74
CA GLY B 792 -15.53 -10.11 -18.77
C GLY B 792 -15.10 -8.75 -19.29
N THR B 793 -13.79 -8.58 -19.52
CA THR B 793 -13.18 -7.34 -20.00
C THR B 793 -13.79 -6.92 -21.33
N PHE B 794 -14.16 -7.90 -22.17
CA PHE B 794 -14.70 -7.62 -23.50
C PHE B 794 -16.23 -7.90 -23.54
N THR B 795 -16.92 -7.75 -22.37
CA THR B 795 -18.38 -7.93 -22.16
C THR B 795 -18.85 -9.28 -22.69
N GLN B 796 -18.05 -10.32 -22.46
CA GLN B 796 -18.37 -11.60 -23.07
C GLN B 796 -18.74 -12.72 -22.07
N ARG B 797 -18.28 -12.65 -20.82
CA ARG B 797 -18.52 -13.78 -19.92
C ARG B 797 -19.93 -13.83 -19.36
N HIS B 798 -20.35 -12.76 -18.63
CA HIS B 798 -21.64 -12.67 -17.96
C HIS B 798 -21.86 -13.91 -17.04
N ALA B 799 -20.80 -14.29 -16.26
CA ALA B 799 -20.81 -15.36 -15.27
C ALA B 799 -21.75 -15.00 -14.12
N VAL B 800 -21.84 -13.70 -13.83
CA VAL B 800 -22.73 -13.11 -12.83
C VAL B 800 -23.56 -12.07 -13.56
N ILE B 801 -24.88 -12.15 -13.44
CA ILE B 801 -25.78 -11.18 -14.06
C ILE B 801 -26.49 -10.41 -12.93
N VAL B 802 -26.49 -9.08 -13.05
CA VAL B 802 -27.02 -8.13 -12.07
C VAL B 802 -28.48 -7.72 -12.43
N ASP B 803 -29.41 -7.82 -11.44
CA ASP B 803 -30.82 -7.44 -11.61
C ASP B 803 -30.89 -5.92 -11.86
N ARG B 804 -31.45 -5.54 -13.02
CA ARG B 804 -31.58 -4.15 -13.47
C ARG B 804 -32.30 -3.25 -12.45
N LYS B 805 -33.30 -3.79 -11.74
CA LYS B 805 -34.15 -3.08 -10.78
C LYS B 805 -33.66 -3.14 -9.32
N THR B 806 -32.99 -4.23 -8.89
CA THR B 806 -32.62 -4.40 -7.47
C THR B 806 -31.14 -4.55 -7.17
N GLY B 807 -30.34 -4.76 -8.20
CA GLY B 807 -28.91 -4.97 -8.03
C GLY B 807 -28.58 -6.38 -7.57
N GLU B 808 -29.59 -7.27 -7.39
CA GLU B 808 -29.34 -8.65 -6.95
C GLU B 808 -28.58 -9.43 -8.02
N GLU B 809 -27.62 -10.24 -7.58
CA GLU B 809 -26.78 -11.03 -8.47
C GLU B 809 -27.32 -12.43 -8.71
N PHE B 810 -27.16 -12.95 -9.95
CA PHE B 810 -27.53 -14.32 -10.33
C PHE B 810 -26.35 -14.95 -11.10
N THR B 811 -25.92 -16.13 -10.66
CA THR B 811 -24.82 -16.90 -11.28
C THR B 811 -25.43 -18.16 -11.97
N PRO B 812 -25.70 -18.09 -13.30
CA PRO B 812 -26.29 -19.27 -13.99
C PRO B 812 -25.55 -20.61 -13.76
N LEU B 813 -24.20 -20.64 -13.77
CA LEU B 813 -23.47 -21.91 -13.61
C LEU B 813 -23.63 -22.55 -12.22
N GLN B 814 -24.09 -21.79 -11.22
CA GLN B 814 -24.29 -22.35 -9.88
C GLN B 814 -25.41 -23.38 -9.89
N LEU B 815 -26.34 -23.27 -10.83
CA LEU B 815 -27.45 -24.21 -10.95
C LEU B 815 -26.96 -25.63 -11.25
N LEU B 816 -25.78 -25.74 -11.87
CA LEU B 816 -25.18 -27.02 -12.22
C LEU B 816 -24.59 -27.76 -11.02
N ALA B 817 -24.46 -27.07 -9.86
CA ALA B 817 -23.96 -27.65 -8.60
C ALA B 817 -25.02 -28.62 -7.98
N THR B 818 -26.27 -28.58 -8.49
CA THR B 818 -27.39 -29.42 -8.08
C THR B 818 -27.79 -30.28 -9.26
N ASN B 819 -27.86 -31.62 -9.05
CA ASN B 819 -28.23 -32.61 -10.06
C ASN B 819 -29.70 -32.46 -10.46
N PRO B 820 -30.14 -33.01 -11.64
CA PRO B 820 -31.55 -32.93 -12.01
C PRO B 820 -32.52 -33.47 -10.94
N ASP B 821 -32.10 -34.51 -10.16
CA ASP B 821 -32.91 -35.15 -9.09
C ASP B 821 -32.96 -34.30 -7.78
N GLY B 822 -32.26 -33.16 -7.76
CA GLY B 822 -32.26 -32.23 -6.63
C GLY B 822 -31.06 -32.34 -5.70
N THR B 823 -30.32 -33.45 -5.77
CA THR B 823 -29.17 -33.72 -4.90
C THR B 823 -27.96 -32.87 -5.29
N PRO B 824 -27.13 -32.42 -4.32
CA PRO B 824 -25.90 -31.69 -4.70
C PRO B 824 -24.92 -32.61 -5.43
N THR B 825 -24.19 -32.05 -6.40
CA THR B 825 -23.19 -32.78 -7.18
C THR B 825 -21.86 -32.81 -6.42
N GLY B 826 -21.67 -31.83 -5.53
CA GLY B 826 -20.44 -31.62 -4.78
C GLY B 826 -19.65 -30.46 -5.36
N GLY B 827 -20.02 -30.03 -6.58
CA GLY B 827 -19.37 -28.94 -7.27
C GLY B 827 -19.76 -27.57 -6.77
N LYS B 828 -19.03 -26.54 -7.20
CA LYS B 828 -19.27 -25.15 -6.79
C LYS B 828 -18.66 -24.21 -7.78
N PHE B 829 -19.34 -23.06 -8.02
CA PHE B 829 -18.79 -22.04 -8.90
C PHE B 829 -18.54 -20.77 -8.08
N LEU B 830 -17.25 -20.47 -7.88
CA LEU B 830 -16.79 -19.32 -7.10
C LEU B 830 -16.11 -18.36 -8.06
N VAL B 831 -16.87 -17.35 -8.50
CA VAL B 831 -16.39 -16.37 -9.49
C VAL B 831 -16.31 -14.99 -8.82
N TYR B 832 -15.15 -14.30 -9.00
CA TYR B 832 -14.91 -13.01 -8.38
C TYR B 832 -14.24 -12.02 -9.29
N ASN B 833 -14.50 -10.74 -9.01
CA ASN B 833 -13.82 -9.60 -9.60
C ASN B 833 -12.67 -9.35 -8.67
N SER B 834 -11.42 -9.31 -9.17
CA SER B 834 -10.28 -9.13 -8.26
C SER B 834 -10.08 -7.64 -7.92
N ALA B 835 -9.15 -7.36 -6.98
CA ALA B 835 -8.72 -6.00 -6.66
C ALA B 835 -7.73 -5.63 -7.80
N LEU B 836 -7.33 -4.34 -7.93
CA LEU B 836 -6.46 -3.97 -9.04
C LEU B 836 -4.99 -4.26 -8.70
N SER B 837 -4.69 -5.56 -8.63
CA SER B 837 -3.35 -6.11 -8.35
C SER B 837 -3.10 -7.35 -9.21
N GLU B 838 -1.84 -7.59 -9.57
CA GLU B 838 -1.47 -8.76 -10.38
C GLU B 838 -0.66 -9.73 -9.54
N PHE B 839 0.32 -9.18 -8.77
CA PHE B 839 1.22 -9.92 -7.91
C PHE B 839 0.44 -10.66 -6.82
N ALA B 840 -0.39 -9.97 -6.00
CA ALA B 840 -1.17 -10.61 -4.92
C ALA B 840 -2.25 -11.60 -5.48
N ALA B 841 -2.96 -11.22 -6.56
CA ALA B 841 -4.01 -12.03 -7.18
C ALA B 841 -3.45 -13.34 -7.77
N VAL B 842 -2.32 -13.25 -8.53
CA VAL B 842 -1.69 -14.43 -9.13
C VAL B 842 -1.17 -15.32 -8.02
N GLY B 843 -0.54 -14.70 -7.00
CA GLY B 843 -0.03 -15.39 -5.81
C GLY B 843 -1.13 -16.11 -5.06
N PHE B 844 -2.24 -15.41 -4.83
CA PHE B 844 -3.43 -15.97 -4.17
C PHE B 844 -3.97 -17.21 -4.90
N GLU B 845 -4.09 -17.16 -6.23
CA GLU B 845 -4.65 -18.29 -7.02
C GLU B 845 -3.66 -19.46 -7.05
N TYR B 846 -2.37 -19.17 -7.16
CA TYR B 846 -1.34 -20.19 -7.09
C TYR B 846 -1.52 -20.94 -5.77
N GLY B 847 -1.61 -20.18 -4.68
CA GLY B 847 -1.76 -20.70 -3.33
C GLY B 847 -3.03 -21.50 -3.19
N TYR B 848 -4.13 -21.03 -3.80
CA TYR B 848 -5.42 -21.70 -3.74
C TYR B 848 -5.32 -23.14 -4.28
N SER B 849 -4.74 -23.33 -5.51
CA SER B 849 -4.57 -24.67 -6.12
C SER B 849 -3.71 -25.63 -5.27
N VAL B 850 -2.76 -25.08 -4.51
CA VAL B 850 -1.86 -25.81 -3.64
C VAL B 850 -2.67 -26.30 -2.40
N GLY B 851 -3.54 -25.43 -1.88
CA GLY B 851 -4.42 -25.73 -0.75
C GLY B 851 -5.52 -26.70 -1.09
N ASN B 852 -5.98 -26.67 -2.33
CA ASN B 852 -7.01 -27.59 -2.81
C ASN B 852 -6.65 -28.11 -4.22
N PRO B 853 -5.96 -29.27 -4.26
CA PRO B 853 -5.53 -29.86 -5.54
C PRO B 853 -6.69 -30.33 -6.42
N ASP B 854 -7.88 -30.56 -5.83
CA ASP B 854 -9.07 -31.03 -6.56
C ASP B 854 -9.92 -29.88 -7.12
N ALA B 855 -9.48 -28.63 -6.91
CA ALA B 855 -10.19 -27.47 -7.40
C ALA B 855 -9.65 -27.05 -8.73
N MET B 856 -10.55 -26.62 -9.63
CA MET B 856 -10.19 -26.04 -10.93
C MET B 856 -10.02 -24.53 -10.65
N VAL B 857 -8.78 -24.03 -10.64
CA VAL B 857 -8.49 -22.62 -10.30
C VAL B 857 -8.01 -21.82 -11.51
N LEU B 858 -8.75 -20.76 -11.89
CA LEU B 858 -8.39 -19.90 -13.03
C LEU B 858 -8.23 -18.44 -12.63
N TRP B 859 -7.13 -17.84 -13.06
CA TRP B 859 -6.88 -16.43 -12.87
C TRP B 859 -6.81 -15.81 -14.25
N GLU B 860 -7.50 -14.66 -14.42
CA GLU B 860 -7.59 -14.00 -15.70
C GLU B 860 -6.95 -12.61 -15.69
N ALA B 861 -6.07 -12.36 -16.64
CA ALA B 861 -5.48 -11.05 -16.81
C ALA B 861 -6.47 -10.16 -17.54
N GLN B 862 -6.45 -8.84 -17.30
CA GLN B 862 -7.33 -7.92 -18.02
C GLN B 862 -6.88 -7.98 -19.49
N PHE B 863 -5.56 -7.89 -19.67
CA PHE B 863 -4.77 -8.05 -20.88
C PHE B 863 -3.54 -8.81 -20.42
N GLY B 864 -3.09 -9.76 -21.21
CA GLY B 864 -1.90 -10.54 -20.86
C GLY B 864 -0.68 -9.66 -20.62
N ASP B 865 -0.75 -8.40 -21.08
CA ASP B 865 0.30 -7.40 -20.96
C ASP B 865 0.56 -6.94 -19.51
N PHE B 866 -0.38 -7.19 -18.60
CA PHE B 866 -0.24 -6.75 -17.22
C PHE B 866 0.27 -7.83 -16.28
N VAL B 867 0.29 -9.12 -16.72
CA VAL B 867 0.79 -10.24 -15.92
C VAL B 867 2.29 -10.08 -15.57
N ASN B 868 3.04 -9.15 -16.21
CA ASN B 868 4.45 -8.93 -15.86
C ASN B 868 4.58 -8.33 -14.45
N GLY B 869 3.49 -7.80 -13.92
CA GLY B 869 3.41 -7.30 -12.56
C GLY B 869 3.42 -8.44 -11.55
N ALA B 870 3.29 -9.70 -12.03
CA ALA B 870 3.28 -10.94 -11.22
C ALA B 870 4.49 -11.83 -11.58
N GLN B 871 5.53 -11.25 -12.15
CA GLN B 871 6.72 -11.96 -12.58
C GLN B 871 7.36 -12.79 -11.44
N SER B 872 7.46 -12.24 -10.21
CA SER B 872 8.04 -12.99 -9.09
C SER B 872 7.24 -14.27 -8.82
N ILE B 873 5.89 -14.22 -8.92
CA ILE B 873 5.05 -15.40 -8.70
C ILE B 873 5.23 -16.40 -9.83
N ILE B 874 5.34 -15.90 -11.08
CA ILE B 874 5.53 -16.79 -12.23
C ILE B 874 6.89 -17.48 -12.14
N ASP B 875 7.96 -16.71 -11.94
CA ASP B 875 9.34 -17.16 -11.87
C ASP B 875 9.63 -18.03 -10.65
N GLU B 876 9.19 -17.59 -9.47
CA GLU B 876 9.52 -18.26 -8.23
C GLU B 876 8.56 -19.36 -7.79
N PHE B 877 7.29 -19.31 -8.19
CA PHE B 877 6.34 -20.30 -7.68
C PHE B 877 5.78 -21.14 -8.76
N ILE B 878 5.10 -20.52 -9.74
CA ILE B 878 4.35 -21.24 -10.77
C ILE B 878 5.27 -22.10 -11.65
N SER B 879 6.30 -21.47 -12.28
CA SER B 879 7.15 -22.17 -13.25
C SER B 879 8.12 -23.15 -12.63
N SER B 880 8.50 -22.99 -11.32
CA SER B 880 9.56 -23.75 -10.65
C SER B 880 9.27 -24.47 -9.29
N GLY B 881 8.12 -24.25 -8.68
CA GLY B 881 7.80 -24.86 -7.39
C GLY B 881 7.91 -26.38 -7.31
N GLU B 882 7.49 -27.07 -8.37
CA GLU B 882 7.59 -28.52 -8.43
C GLU B 882 9.05 -28.99 -8.39
N ALA B 883 9.93 -28.43 -9.27
CA ALA B 883 11.35 -28.79 -9.37
C ALA B 883 12.10 -28.45 -8.11
N LYS B 884 11.79 -27.31 -7.51
CA LYS B 884 12.48 -26.83 -6.33
C LYS B 884 12.01 -27.45 -5.02
N TRP B 885 10.69 -27.60 -4.81
CA TRP B 885 10.17 -27.99 -3.51
C TRP B 885 9.31 -29.24 -3.48
N GLY B 886 8.92 -29.71 -4.66
CA GLY B 886 8.00 -30.83 -4.81
C GLY B 886 6.58 -30.34 -4.60
N GLN B 887 6.35 -29.03 -4.75
CA GLN B 887 5.05 -28.41 -4.57
C GLN B 887 4.37 -28.27 -5.90
N LEU B 888 3.26 -28.99 -6.02
CA LEU B 888 2.45 -29.04 -7.24
C LEU B 888 1.32 -28.02 -7.20
N SER B 889 1.00 -27.42 -8.36
CA SER B 889 -0.09 -26.46 -8.54
C SER B 889 -0.76 -26.72 -9.90
N ASP B 890 -2.09 -26.63 -9.95
CA ASP B 890 -2.84 -26.84 -11.19
C ASP B 890 -3.50 -25.52 -11.65
N VAL B 891 -2.88 -24.37 -11.27
CA VAL B 891 -3.40 -23.05 -11.57
C VAL B 891 -3.43 -22.83 -13.09
N VAL B 892 -4.48 -22.10 -13.56
CA VAL B 892 -4.65 -21.68 -14.94
C VAL B 892 -4.53 -20.19 -15.02
N LEU B 893 -3.63 -19.70 -15.88
CA LEU B 893 -3.53 -18.27 -16.13
C LEU B 893 -4.12 -18.00 -17.49
N LEU B 894 -5.18 -17.15 -17.53
CA LEU B 894 -5.85 -16.74 -18.77
C LEU B 894 -5.30 -15.39 -19.16
N LEU B 895 -4.59 -15.33 -20.30
CA LEU B 895 -3.91 -14.12 -20.75
C LEU B 895 -4.41 -13.61 -22.11
N PRO B 896 -5.36 -12.63 -22.16
CA PRO B 896 -5.83 -12.08 -23.46
C PRO B 896 -4.66 -11.46 -24.24
N HIS B 897 -4.40 -12.06 -25.41
CA HIS B 897 -3.28 -11.88 -26.33
C HIS B 897 -3.74 -11.61 -27.76
N GLY B 898 -2.94 -10.86 -28.52
CA GLY B 898 -3.20 -10.63 -29.95
C GLY B 898 -2.87 -9.29 -30.55
N HIS B 899 -2.32 -9.31 -31.78
CA HIS B 899 -2.00 -8.07 -32.54
C HIS B 899 -3.27 -7.51 -33.21
N GLU B 900 -3.89 -6.47 -32.59
CA GLU B 900 -5.11 -5.85 -33.12
C GLU B 900 -4.96 -4.34 -33.32
N GLY B 901 -3.77 -3.78 -33.12
CA GLY B 901 -3.53 -2.34 -33.30
C GLY B 901 -3.85 -1.45 -32.11
N GLN B 902 -3.93 -2.05 -30.89
CA GLN B 902 -4.25 -1.33 -29.65
C GLN B 902 -2.98 -0.88 -28.83
N GLY B 903 -1.78 -1.06 -29.37
CA GLY B 903 -0.57 -0.62 -28.70
C GLY B 903 0.23 -1.68 -27.98
N PRO B 904 1.45 -1.30 -27.54
CA PRO B 904 2.34 -2.25 -26.82
C PRO B 904 1.83 -2.77 -25.45
N ASP B 905 0.77 -2.18 -24.85
CA ASP B 905 0.27 -2.67 -23.54
C ASP B 905 -1.10 -3.32 -23.65
N HIS B 906 -1.60 -3.58 -24.89
CA HIS B 906 -2.87 -4.26 -25.15
C HIS B 906 -2.68 -5.22 -26.32
N THR B 907 -1.54 -5.94 -26.36
CA THR B 907 -1.24 -6.83 -27.49
C THR B 907 -0.70 -8.22 -27.07
N SER B 908 0.35 -8.26 -26.22
CA SER B 908 1.09 -9.48 -25.90
C SER B 908 1.06 -9.95 -24.42
N GLY B 909 0.96 -11.28 -24.23
CA GLY B 909 1.06 -11.94 -22.93
C GLY B 909 2.47 -12.48 -22.75
N ARG B 910 3.39 -12.13 -23.67
CA ARG B 910 4.80 -12.50 -23.73
C ARG B 910 4.99 -14.03 -23.73
N ILE B 911 4.43 -14.68 -24.78
CA ILE B 911 4.53 -16.11 -25.09
C ILE B 911 5.97 -16.60 -24.97
N GLU B 912 6.88 -15.83 -25.59
CA GLU B 912 8.33 -16.03 -25.66
C GLU B 912 8.96 -16.16 -24.27
N ARG B 913 8.38 -15.49 -23.26
CA ARG B 913 8.89 -15.50 -21.91
C ARG B 913 8.45 -16.80 -21.26
N PHE B 914 7.16 -17.18 -21.41
CA PHE B 914 6.67 -18.43 -20.85
C PHE B 914 7.39 -19.63 -21.46
N LEU B 915 7.57 -19.60 -22.82
CA LEU B 915 8.27 -20.65 -23.56
C LEU B 915 9.70 -20.79 -23.10
N GLN B 916 10.31 -19.68 -22.63
CA GLN B 916 11.67 -19.66 -22.08
C GLN B 916 11.71 -20.25 -20.68
N LEU B 917 10.66 -20.02 -19.86
CA LEU B 917 10.64 -20.57 -18.50
C LEU B 917 10.40 -22.07 -18.48
N TRP B 918 9.71 -22.57 -19.50
CA TRP B 918 9.29 -23.94 -19.67
C TRP B 918 10.48 -24.91 -19.75
N ALA B 919 10.32 -26.04 -19.10
CA ALA B 919 11.19 -27.21 -19.12
C ALA B 919 10.29 -28.41 -18.94
N GLU B 920 10.63 -29.55 -19.58
CA GLU B 920 9.80 -30.76 -19.61
C GLU B 920 9.00 -30.98 -18.33
N GLY B 921 7.71 -30.83 -18.50
CA GLY B 921 6.72 -31.07 -17.45
C GLY B 921 6.65 -30.05 -16.36
N SER B 922 6.97 -28.78 -16.64
CA SER B 922 6.83 -27.76 -15.59
C SER B 922 5.43 -27.15 -15.68
N MET B 923 5.02 -26.76 -16.91
CA MET B 923 3.77 -26.13 -17.28
C MET B 923 3.25 -26.60 -18.65
N THR B 924 1.99 -26.27 -18.96
CA THR B 924 1.40 -26.47 -20.28
C THR B 924 1.15 -25.06 -20.81
N ILE B 925 1.56 -24.80 -22.05
CA ILE B 925 1.38 -23.51 -22.72
C ILE B 925 0.57 -23.77 -23.99
N ALA B 926 -0.61 -23.12 -24.12
CA ALA B 926 -1.49 -23.32 -25.27
C ALA B 926 -2.06 -21.98 -25.82
N MET B 927 -2.38 -21.96 -27.11
CA MET B 927 -2.96 -20.83 -27.80
C MET B 927 -4.08 -21.38 -28.70
N PRO B 928 -5.27 -21.77 -28.15
CA PRO B 928 -6.31 -22.39 -29.00
C PRO B 928 -6.93 -21.39 -29.98
N SER B 929 -7.29 -21.90 -31.18
CA SER B 929 -7.89 -21.10 -32.25
C SER B 929 -9.40 -21.38 -32.38
N THR B 930 -9.93 -22.39 -31.65
CA THR B 930 -11.36 -22.70 -31.72
C THR B 930 -11.99 -22.82 -30.33
N PRO B 931 -13.29 -22.45 -30.18
CA PRO B 931 -13.96 -22.57 -28.88
C PRO B 931 -13.97 -24.00 -28.33
N ALA B 932 -14.20 -25.04 -29.16
CA ALA B 932 -14.19 -26.45 -28.69
C ALA B 932 -12.79 -26.90 -28.24
N ASN B 933 -11.72 -26.47 -28.94
CA ASN B 933 -10.39 -26.91 -28.54
C ASN B 933 -10.03 -26.31 -27.17
N TYR B 934 -10.50 -25.09 -26.91
CA TYR B 934 -10.34 -24.45 -25.62
C TYR B 934 -11.11 -25.26 -24.53
N PHE B 935 -12.36 -25.67 -24.85
CA PHE B 935 -13.23 -26.48 -23.98
C PHE B 935 -12.53 -27.79 -23.57
N HIS B 936 -11.96 -28.52 -24.54
CA HIS B 936 -11.30 -29.79 -24.25
C HIS B 936 -10.00 -29.58 -23.48
N LEU B 937 -9.30 -28.47 -23.72
CA LEU B 937 -8.08 -28.09 -23.03
C LEU B 937 -8.34 -27.89 -21.51
N LEU B 938 -9.42 -27.16 -21.14
CA LEU B 938 -9.83 -26.89 -19.76
C LEU B 938 -10.29 -28.17 -19.07
N ARG B 939 -11.07 -28.99 -19.78
CA ARG B 939 -11.60 -30.25 -19.27
C ARG B 939 -10.45 -31.22 -19.05
N ARG B 940 -9.49 -31.30 -20.00
CA ARG B 940 -8.33 -32.17 -19.85
C ARG B 940 -7.56 -31.76 -18.61
N HIS B 941 -7.33 -30.45 -18.47
CA HIS B 941 -6.62 -29.86 -17.34
C HIS B 941 -7.26 -30.24 -15.97
N GLY B 942 -8.56 -30.03 -15.83
CA GLY B 942 -9.28 -30.34 -14.60
C GLY B 942 -9.41 -31.82 -14.28
N LYS B 943 -9.38 -32.68 -15.31
CA LYS B 943 -9.62 -34.13 -15.14
C LYS B 943 -8.40 -35.10 -15.37
N ASP B 944 -7.16 -34.60 -15.60
CA ASP B 944 -6.03 -35.47 -15.92
C ASP B 944 -5.32 -36.16 -14.72
N GLY B 945 -5.64 -35.74 -13.51
CA GLY B 945 -5.01 -36.24 -12.29
C GLY B 945 -3.60 -35.73 -12.07
N ILE B 946 -3.16 -34.78 -12.89
CA ILE B 946 -1.84 -34.17 -12.86
C ILE B 946 -2.02 -32.77 -12.34
N GLN B 947 -1.11 -32.32 -11.47
CA GLN B 947 -1.11 -31.00 -10.90
C GLN B 947 0.04 -30.25 -11.54
N ARG B 948 -0.23 -29.54 -12.64
CA ARG B 948 0.76 -28.83 -13.45
C ARG B 948 0.11 -27.56 -13.97
N PRO B 949 0.73 -26.36 -13.83
CA PRO B 949 0.04 -25.14 -14.29
C PRO B 949 -0.18 -25.10 -15.79
N LEU B 950 -1.24 -24.40 -16.17
CA LEU B 950 -1.61 -24.21 -17.56
C LEU B 950 -1.66 -22.71 -17.84
N ILE B 951 -0.95 -22.30 -18.92
CA ILE B 951 -0.92 -20.92 -19.39
C ILE B 951 -1.68 -20.87 -20.71
N VAL B 952 -2.78 -20.09 -20.76
CA VAL B 952 -3.60 -19.97 -21.97
C VAL B 952 -3.56 -18.53 -22.50
N PHE B 953 -3.31 -18.39 -23.80
CA PHE B 953 -3.29 -17.14 -24.52
C PHE B 953 -4.63 -17.09 -25.21
N THR B 954 -5.53 -16.27 -24.64
CA THR B 954 -6.93 -16.19 -24.99
C THR B 954 -7.20 -15.01 -25.96
N PRO B 955 -8.38 -14.98 -26.65
CA PRO B 955 -8.63 -13.94 -27.64
C PRO B 955 -9.27 -12.69 -27.08
N LYS B 956 -9.43 -11.68 -27.97
CA LYS B 956 -10.05 -10.38 -27.72
C LYS B 956 -11.08 -10.16 -28.83
N SER B 957 -10.65 -9.77 -30.03
CA SER B 957 -11.59 -9.61 -31.14
C SER B 957 -12.04 -10.96 -31.72
N MET B 958 -11.24 -12.03 -31.53
CA MET B 958 -11.60 -13.36 -32.04
C MET B 958 -12.82 -13.94 -31.25
N LEU B 959 -13.22 -13.28 -30.13
CA LEU B 959 -14.39 -13.69 -29.33
C LEU B 959 -15.66 -13.51 -30.14
N ARG B 960 -15.65 -12.51 -31.06
CA ARG B 960 -16.79 -12.11 -31.87
C ARG B 960 -16.62 -12.43 -33.34
N ASN B 961 -15.54 -13.15 -33.70
CA ASN B 961 -15.31 -13.60 -35.07
C ASN B 961 -16.31 -14.71 -35.35
N LYS B 962 -17.10 -14.56 -36.42
CA LYS B 962 -18.16 -15.51 -36.77
C LYS B 962 -17.57 -16.81 -37.35
N ALA B 963 -16.29 -16.80 -37.79
CA ALA B 963 -15.63 -17.99 -38.33
C ALA B 963 -15.07 -18.87 -37.20
N ALA B 964 -14.67 -18.24 -36.07
CA ALA B 964 -14.12 -18.91 -34.90
C ALA B 964 -15.25 -19.46 -34.01
N VAL B 965 -16.15 -20.28 -34.59
CA VAL B 965 -17.27 -20.92 -33.88
C VAL B 965 -17.14 -22.46 -34.02
N SER B 966 -17.74 -23.21 -33.08
CA SER B 966 -17.62 -24.66 -33.06
C SER B 966 -18.97 -25.37 -33.17
N ASP B 967 -18.96 -26.61 -33.69
CA ASP B 967 -20.17 -27.44 -33.81
C ASP B 967 -20.39 -28.26 -32.56
N ILE B 968 -21.62 -28.65 -32.26
CA ILE B 968 -21.95 -29.51 -31.13
C ILE B 968 -21.11 -30.82 -31.16
N ARG B 969 -20.93 -31.46 -32.34
CA ARG B 969 -20.14 -32.70 -32.48
C ARG B 969 -18.66 -32.50 -32.04
N ASP B 970 -18.18 -31.25 -32.09
CA ASP B 970 -16.83 -30.93 -31.65
C ASP B 970 -16.72 -31.05 -30.11
N PHE B 971 -17.86 -30.92 -29.40
CA PHE B 971 -17.92 -31.01 -27.94
C PHE B 971 -18.32 -32.43 -27.47
N THR B 972 -19.04 -33.16 -28.31
CA THR B 972 -19.59 -34.45 -27.94
C THR B 972 -18.89 -35.65 -28.58
N GLU B 973 -18.17 -35.43 -29.69
CA GLU B 973 -17.54 -36.53 -30.42
C GLU B 973 -16.06 -36.27 -30.71
N SER B 974 -15.40 -35.41 -29.90
CA SER B 974 -14.00 -35.10 -30.13
C SER B 974 -13.24 -34.98 -28.80
N LYS B 975 -11.93 -34.66 -28.91
CA LYS B 975 -11.00 -34.48 -27.79
C LYS B 975 -10.10 -33.28 -28.12
N PHE B 976 -9.18 -32.92 -27.20
CA PHE B 976 -8.23 -31.82 -27.46
C PHE B 976 -7.27 -32.24 -28.57
N ARG B 977 -7.17 -31.40 -29.60
CA ARG B 977 -6.25 -31.60 -30.72
C ARG B 977 -5.10 -30.64 -30.53
N SER B 978 -3.90 -31.16 -30.29
CA SER B 978 -2.70 -30.32 -30.06
C SER B 978 -2.21 -29.64 -31.35
N VAL B 979 -2.50 -30.27 -32.49
CA VAL B 979 -2.17 -29.85 -33.86
C VAL B 979 -3.46 -29.87 -34.67
N LEU B 980 -3.80 -28.76 -35.35
CA LEU B 980 -5.00 -28.72 -36.18
C LEU B 980 -4.69 -28.46 -37.67
N GLU B 981 -5.39 -29.19 -38.51
CA GLU B 981 -5.35 -29.08 -39.96
C GLU B 981 -6.53 -28.27 -40.42
N GLU B 982 -6.50 -27.82 -41.68
CA GLU B 982 -7.64 -27.09 -42.23
C GLU B 982 -8.83 -28.06 -42.39
N PRO B 983 -10.04 -27.66 -41.96
CA PRO B 983 -11.21 -28.57 -42.09
C PRO B 983 -11.37 -29.17 -43.48
N MET B 984 -10.96 -28.46 -44.57
CA MET B 984 -11.08 -28.97 -45.94
C MET B 984 -10.30 -30.27 -46.16
N TYR B 985 -9.25 -30.54 -45.38
CA TYR B 985 -8.45 -31.75 -45.57
C TYR B 985 -8.95 -32.90 -44.68
N THR B 986 -9.63 -32.59 -43.58
CA THR B 986 -10.10 -33.56 -42.59
C THR B 986 -11.60 -33.87 -42.74
N ASP B 987 -12.39 -32.92 -43.27
CA ASP B 987 -13.83 -33.09 -43.46
C ASP B 987 -14.19 -32.86 -44.92
N GLY B 988 -13.73 -31.73 -45.46
CA GLY B 988 -14.00 -31.35 -46.85
C GLY B 988 -13.33 -32.20 -47.92
N GLU B 989 -13.30 -31.65 -49.13
CA GLU B 989 -12.74 -32.35 -50.28
C GLU B 989 -11.51 -31.59 -50.81
N GLY B 990 -10.52 -31.43 -49.93
CA GLY B 990 -9.26 -30.75 -50.24
C GLY B 990 -8.14 -31.76 -50.47
N ASP B 991 -7.22 -31.44 -51.40
CA ASP B 991 -6.09 -32.29 -51.76
C ASP B 991 -4.80 -31.82 -51.08
N ARG B 992 -4.24 -32.65 -50.17
CA ARG B 992 -3.00 -32.32 -49.46
C ARG B 992 -1.79 -32.46 -50.41
N ASN B 993 -1.94 -33.27 -51.46
CA ASN B 993 -0.89 -33.52 -52.46
C ASN B 993 -0.63 -32.30 -53.35
N LYS B 994 -1.66 -31.43 -53.52
CA LYS B 994 -1.58 -30.17 -54.29
C LYS B 994 -0.70 -29.13 -53.59
N VAL B 995 -0.48 -29.28 -52.26
CA VAL B 995 0.29 -28.38 -51.36
C VAL B 995 1.82 -28.49 -51.59
N THR B 996 2.45 -27.31 -51.81
CA THR B 996 3.91 -27.11 -51.99
C THR B 996 4.45 -26.16 -50.91
N ARG B 997 3.59 -25.37 -50.27
CA ARG B 997 4.01 -24.45 -49.23
C ARG B 997 3.18 -24.69 -48.00
N LEU B 998 3.86 -24.99 -46.91
CA LEU B 998 3.22 -25.22 -45.64
C LEU B 998 3.45 -24.02 -44.71
N LEU B 999 2.35 -23.46 -44.16
CA LEU B 999 2.44 -22.36 -43.20
C LEU B 999 2.07 -22.90 -41.83
N LEU B 1000 2.98 -22.81 -40.88
CA LEU B 1000 2.72 -23.25 -39.50
C LEU B 1000 2.41 -22.05 -38.69
N THR B 1001 1.36 -22.12 -37.91
CA THR B 1001 0.97 -20.96 -37.14
C THR B 1001 0.28 -21.41 -35.85
N SER B 1002 -0.34 -20.44 -35.15
CA SER B 1002 -1.05 -20.58 -33.87
C SER B 1002 -1.92 -19.34 -33.62
N GLY B 1003 -3.14 -19.56 -33.13
CA GLY B 1003 -4.07 -18.47 -32.81
C GLY B 1003 -4.86 -17.88 -33.96
N LYS B 1004 -5.28 -16.60 -33.78
CA LYS B 1004 -6.20 -15.89 -34.67
C LYS B 1004 -5.70 -15.66 -36.08
N ILE B 1005 -4.39 -15.47 -36.31
CA ILE B 1005 -3.85 -15.18 -37.65
C ILE B 1005 -4.25 -16.29 -38.66
N TYR B 1006 -4.55 -17.52 -38.16
CA TYR B 1006 -5.04 -18.62 -38.97
C TYR B 1006 -6.23 -18.17 -39.82
N TYR B 1007 -7.21 -17.48 -39.20
CA TYR B 1007 -8.43 -17.01 -39.86
C TYR B 1007 -8.11 -16.03 -41.01
N GLU B 1008 -7.09 -15.17 -40.87
CA GLU B 1008 -6.70 -14.22 -41.91
C GLU B 1008 -6.00 -14.94 -43.08
N LEU B 1009 -5.10 -15.90 -42.77
CA LEU B 1009 -4.41 -16.73 -43.75
C LEU B 1009 -5.40 -17.63 -44.49
N ALA B 1010 -6.40 -18.18 -43.75
CA ALA B 1010 -7.48 -19.02 -44.31
C ALA B 1010 -8.36 -18.21 -45.29
N ALA B 1011 -8.79 -16.98 -44.89
CA ALA B 1011 -9.60 -16.06 -45.69
C ALA B 1011 -8.87 -15.72 -47.00
N ARG B 1012 -7.58 -15.38 -46.89
CA ARG B 1012 -6.69 -15.03 -47.98
C ARG B 1012 -6.54 -16.22 -48.94
N LYS B 1013 -6.34 -17.46 -48.39
CA LYS B 1013 -6.25 -18.71 -49.16
C LYS B 1013 -7.54 -18.94 -49.94
N ALA B 1014 -8.72 -18.70 -49.29
CA ALA B 1014 -10.05 -18.87 -49.89
C ALA B 1014 -10.28 -17.85 -51.01
N LYS B 1015 -9.94 -16.55 -50.77
CA LYS B 1015 -10.10 -15.43 -51.73
C LYS B 1015 -9.32 -15.75 -53.01
N GLU B 1016 -7.98 -15.84 -52.93
CA GLU B 1016 -7.05 -16.14 -54.03
C GLU B 1016 -7.25 -17.56 -54.57
N ASN B 1017 -7.95 -18.44 -53.81
CA ASN B 1017 -8.25 -19.86 -54.13
C ASN B 1017 -6.93 -20.62 -54.38
N ARG B 1018 -6.13 -20.76 -53.30
CA ARG B 1018 -4.79 -21.34 -53.35
C ARG B 1018 -4.70 -22.72 -52.69
N GLU B 1019 -4.77 -23.75 -53.54
CA GLU B 1019 -4.70 -25.18 -53.20
C GLU B 1019 -3.28 -25.63 -52.89
N ASP B 1020 -2.29 -24.84 -53.30
CA ASP B 1020 -0.85 -25.12 -53.15
C ASP B 1020 -0.31 -24.68 -51.79
N VAL B 1021 -1.15 -24.01 -50.97
CA VAL B 1021 -0.80 -23.50 -49.64
C VAL B 1021 -1.66 -24.19 -48.57
N ALA B 1022 -1.01 -24.71 -47.51
CA ALA B 1022 -1.71 -25.33 -46.38
C ALA B 1022 -1.33 -24.62 -45.09
N ILE B 1023 -2.30 -24.50 -44.17
CA ILE B 1023 -2.12 -23.84 -42.89
C ILE B 1023 -2.34 -24.87 -41.78
N VAL B 1024 -1.29 -25.14 -40.98
CA VAL B 1024 -1.31 -26.08 -39.86
C VAL B 1024 -1.10 -25.27 -38.57
N ARG B 1025 -1.97 -25.51 -37.57
CA ARG B 1025 -1.93 -24.82 -36.29
C ARG B 1025 -1.34 -25.67 -35.21
N ILE B 1026 -0.48 -25.05 -34.37
CA ILE B 1026 0.11 -25.67 -33.18
C ILE B 1026 -0.71 -25.06 -32.02
N GLU B 1027 -1.75 -25.81 -31.59
CA GLU B 1027 -2.67 -25.41 -30.53
C GLU B 1027 -1.97 -25.46 -29.17
N GLN B 1028 -1.15 -26.53 -28.94
CA GLN B 1028 -0.37 -26.74 -27.72
C GLN B 1028 1.09 -26.42 -28.01
N LEU B 1029 1.53 -25.22 -27.61
CA LEU B 1029 2.89 -24.71 -27.83
C LEU B 1029 3.92 -25.45 -27.02
N ALA B 1030 3.58 -25.77 -25.75
CA ALA B 1030 4.47 -26.50 -24.85
C ALA B 1030 3.65 -27.40 -23.94
N PRO B 1031 4.00 -28.70 -23.81
CA PRO B 1031 5.12 -29.41 -24.49
C PRO B 1031 4.81 -29.60 -25.98
N LEU B 1032 5.82 -29.45 -26.87
CA LEU B 1032 5.60 -29.61 -28.32
C LEU B 1032 5.02 -30.99 -28.67
N PRO B 1033 3.92 -31.03 -29.47
CA PRO B 1033 3.34 -32.33 -29.86
C PRO B 1033 4.15 -32.96 -30.98
N ARG B 1034 5.35 -33.43 -30.62
CA ARG B 1034 6.29 -34.04 -31.56
C ARG B 1034 5.64 -35.14 -32.44
N ARG B 1035 4.88 -36.11 -31.85
CA ARG B 1035 4.27 -37.19 -32.66
C ARG B 1035 3.11 -36.67 -33.56
N ARG B 1036 2.22 -35.82 -33.00
CA ARG B 1036 1.10 -35.31 -33.78
C ARG B 1036 1.56 -34.45 -34.94
N LEU B 1037 2.62 -33.65 -34.74
CA LEU B 1037 3.20 -32.76 -35.74
C LEU B 1037 3.79 -33.54 -36.90
N ALA B 1038 4.59 -34.60 -36.62
CA ALA B 1038 5.22 -35.45 -37.63
C ALA B 1038 4.17 -36.20 -38.45
N GLU B 1039 3.17 -36.80 -37.77
CA GLU B 1039 2.07 -37.53 -38.40
C GLU B 1039 1.39 -36.65 -39.44
N THR B 1040 1.14 -35.37 -39.07
CA THR B 1040 0.49 -34.34 -39.89
C THR B 1040 1.35 -33.95 -41.11
N LEU B 1041 2.62 -33.54 -40.89
CA LEU B 1041 3.48 -33.08 -41.98
C LEU B 1041 3.75 -34.16 -43.03
N ASP B 1042 3.73 -35.44 -42.60
CA ASP B 1042 3.94 -36.60 -43.47
C ASP B 1042 2.80 -36.76 -44.49
N ARG B 1043 1.63 -36.09 -44.25
CA ARG B 1043 0.42 -36.13 -45.10
C ARG B 1043 0.51 -35.15 -46.29
N TYR B 1044 1.49 -34.24 -46.27
CA TYR B 1044 1.74 -33.24 -47.32
C TYR B 1044 3.06 -33.65 -47.99
N PRO B 1045 3.03 -34.59 -48.95
CA PRO B 1045 4.30 -35.11 -49.50
C PRO B 1045 5.00 -34.22 -50.51
N ASN B 1046 4.30 -33.23 -51.08
CA ASN B 1046 4.93 -32.38 -52.11
C ASN B 1046 5.28 -30.97 -51.60
N VAL B 1047 5.47 -30.78 -50.26
CA VAL B 1047 5.84 -29.48 -49.71
C VAL B 1047 7.30 -29.20 -50.08
N LYS B 1048 7.57 -27.98 -50.57
CA LYS B 1048 8.89 -27.54 -51.02
C LYS B 1048 9.44 -26.42 -50.11
N GLU B 1049 8.60 -25.86 -49.20
CA GLU B 1049 9.00 -24.81 -48.25
C GLU B 1049 8.05 -24.72 -47.09
N LYS B 1050 8.59 -24.62 -45.86
CA LYS B 1050 7.82 -24.50 -44.62
C LYS B 1050 8.12 -23.17 -43.95
N PHE B 1051 7.07 -22.48 -43.47
CA PHE B 1051 7.24 -21.19 -42.78
C PHE B 1051 6.51 -21.16 -41.48
N TRP B 1052 7.14 -20.60 -40.43
CA TRP B 1052 6.46 -20.33 -39.17
C TRP B 1052 5.92 -18.92 -39.32
N VAL B 1053 4.59 -18.77 -39.23
CA VAL B 1053 3.88 -17.49 -39.42
C VAL B 1053 3.33 -17.02 -38.08
N GLN B 1054 3.71 -15.79 -37.70
CA GLN B 1054 3.28 -15.22 -36.43
C GLN B 1054 3.10 -13.74 -36.58
N GLU B 1055 2.22 -13.17 -35.76
CA GLU B 1055 1.94 -11.74 -35.73
C GLU B 1055 3.03 -10.98 -35.00
N GLU B 1056 3.62 -11.59 -33.97
CA GLU B 1056 4.58 -10.97 -33.06
C GLU B 1056 5.96 -10.62 -33.69
N PRO B 1057 6.69 -9.60 -33.15
CA PRO B 1057 8.06 -9.33 -33.65
C PRO B 1057 8.95 -10.59 -33.62
N ALA B 1058 10.02 -10.59 -34.46
CA ALA B 1058 10.91 -11.73 -34.68
C ALA B 1058 11.52 -12.25 -33.38
N ASN B 1059 11.80 -11.33 -32.42
CA ASN B 1059 12.40 -11.61 -31.11
C ASN B 1059 11.34 -12.03 -30.04
N GLN B 1060 10.07 -12.13 -30.45
CA GLN B 1060 8.97 -12.45 -29.55
C GLN B 1060 8.07 -13.54 -30.17
N GLY B 1061 6.98 -13.87 -29.47
CA GLY B 1061 6.06 -14.91 -29.89
C GLY B 1061 6.71 -16.28 -29.75
N ALA B 1062 6.42 -17.24 -30.67
CA ALA B 1062 7.01 -18.57 -30.55
C ALA B 1062 8.27 -18.75 -31.39
N TRP B 1063 8.61 -17.80 -32.28
CA TRP B 1063 9.78 -18.00 -33.13
C TRP B 1063 11.09 -18.17 -32.34
N PRO B 1064 11.45 -17.33 -31.32
CA PRO B 1064 12.75 -17.52 -30.63
C PRO B 1064 12.97 -18.96 -30.15
N SER B 1065 11.85 -19.59 -29.72
CA SER B 1065 11.80 -20.95 -29.21
C SER B 1065 11.78 -21.96 -30.36
N PHE B 1066 10.70 -21.95 -31.18
CA PHE B 1066 10.42 -22.87 -32.30
C PHE B 1066 11.49 -22.86 -33.37
N GLY B 1067 12.04 -21.69 -33.70
CA GLY B 1067 13.11 -21.55 -34.69
C GLY B 1067 14.34 -22.35 -34.35
N LEU B 1068 14.57 -22.51 -33.05
CA LEU B 1068 15.70 -23.25 -32.54
C LEU B 1068 15.35 -24.72 -32.27
N THR B 1069 14.17 -24.98 -31.69
CA THR B 1069 13.80 -26.34 -31.27
C THR B 1069 13.18 -27.19 -32.36
N LEU B 1070 12.26 -26.67 -33.19
CA LEU B 1070 11.63 -27.50 -34.23
C LEU B 1070 12.67 -28.18 -35.17
N PRO B 1071 13.73 -27.49 -35.71
CA PRO B 1071 14.70 -28.22 -36.54
C PRO B 1071 15.61 -29.17 -35.74
N GLU B 1072 15.47 -29.20 -34.39
CA GLU B 1072 16.26 -30.06 -33.50
C GLU B 1072 15.44 -31.31 -33.13
N ILE B 1073 14.22 -31.08 -32.67
CA ILE B 1073 13.25 -32.06 -32.23
C ILE B 1073 12.74 -32.92 -33.43
N LEU B 1074 12.67 -32.34 -34.64
CA LEU B 1074 12.21 -33.01 -35.86
C LEU B 1074 13.03 -32.48 -37.07
N PRO B 1075 14.33 -32.89 -37.17
CA PRO B 1075 15.19 -32.37 -38.24
C PRO B 1075 14.81 -32.80 -39.65
N ASP B 1076 14.12 -33.96 -39.80
CA ASP B 1076 13.72 -34.49 -41.11
C ASP B 1076 12.52 -33.71 -41.67
N HIS B 1077 11.78 -33.02 -40.80
CA HIS B 1077 10.65 -32.20 -41.17
C HIS B 1077 11.00 -30.70 -41.22
N PHE B 1078 11.77 -30.19 -40.22
CA PHE B 1078 11.97 -28.75 -40.10
C PHE B 1078 13.34 -28.18 -40.39
N THR B 1079 14.35 -28.96 -40.87
CA THR B 1079 15.62 -28.29 -41.23
C THR B 1079 15.30 -27.46 -42.49
N GLY B 1080 15.51 -26.15 -42.41
CA GLY B 1080 15.21 -25.23 -43.49
C GLY B 1080 13.97 -24.39 -43.22
N LEU B 1081 13.35 -24.55 -42.03
CA LEU B 1081 12.19 -23.78 -41.61
C LEU B 1081 12.52 -22.26 -41.60
N LYS B 1082 11.70 -21.49 -42.35
CA LYS B 1082 11.87 -20.05 -42.44
C LYS B 1082 10.80 -19.35 -41.55
N ARG B 1083 10.95 -18.05 -41.34
CA ARG B 1083 10.06 -17.27 -40.50
C ARG B 1083 9.37 -16.15 -41.29
N ILE B 1084 8.08 -15.93 -40.99
CA ILE B 1084 7.24 -14.83 -41.47
C ILE B 1084 6.65 -14.20 -40.20
N SER B 1085 7.12 -13.00 -39.86
CA SER B 1085 6.69 -12.26 -38.68
C SER B 1085 6.89 -10.78 -38.86
N ARG B 1086 6.63 -10.02 -37.79
CA ARG B 1086 6.95 -8.60 -37.72
C ARG B 1086 8.44 -8.54 -37.46
N ARG B 1087 9.07 -7.41 -37.73
CA ARG B 1087 10.49 -7.20 -37.45
C ARG B 1087 10.68 -7.26 -35.93
N ALA B 1088 11.91 -7.56 -35.46
CA ALA B 1088 12.23 -7.54 -34.03
C ALA B 1088 12.04 -6.11 -33.49
N MET B 1089 11.42 -6.01 -32.31
CA MET B 1089 11.12 -4.75 -31.64
C MET B 1089 11.48 -4.78 -30.18
N SER B 1090 11.75 -3.58 -29.58
CA SER B 1090 12.08 -3.39 -28.17
C SER B 1090 10.80 -3.30 -27.32
N ALA B 1091 9.62 -3.32 -28.00
CA ALA B 1091 8.27 -3.29 -27.42
C ALA B 1091 7.44 -4.40 -28.07
N PRO B 1092 6.30 -4.85 -27.47
CA PRO B 1092 5.52 -5.95 -28.08
C PRO B 1092 4.88 -5.63 -29.44
N SER B 1093 4.74 -4.35 -29.77
CA SER B 1093 4.15 -3.87 -31.01
C SER B 1093 4.39 -2.38 -31.22
N SER B 1094 3.93 -1.88 -32.36
CA SER B 1094 3.98 -0.47 -32.68
C SER B 1094 2.89 0.26 -31.88
N GLY B 1095 3.05 1.54 -31.71
CA GLY B 1095 2.10 2.36 -30.98
C GLY B 1095 0.98 2.87 -31.87
N SER B 1096 1.19 2.84 -33.21
CA SER B 1096 0.25 3.30 -34.23
C SER B 1096 -0.59 2.16 -34.81
N SER B 1097 -1.92 2.35 -34.86
CA SER B 1097 -2.87 1.44 -35.48
C SER B 1097 -2.58 1.28 -36.97
N LYS B 1098 -2.32 2.41 -37.67
CA LYS B 1098 -2.00 2.49 -39.09
C LYS B 1098 -0.78 1.66 -39.40
N VAL B 1099 0.28 1.75 -38.56
CA VAL B 1099 1.49 0.94 -38.74
C VAL B 1099 1.11 -0.55 -38.64
N HIS B 1100 0.43 -0.97 -37.53
CA HIS B 1100 -0.04 -2.33 -37.32
C HIS B 1100 -0.73 -2.92 -38.57
N ALA B 1101 -1.68 -2.17 -39.17
CA ALA B 1101 -2.45 -2.58 -40.32
C ALA B 1101 -1.57 -2.88 -41.55
N VAL B 1102 -0.54 -2.04 -41.76
CA VAL B 1102 0.42 -2.17 -42.87
C VAL B 1102 1.30 -3.41 -42.61
N GLU B 1103 1.73 -3.59 -41.36
CA GLU B 1103 2.57 -4.73 -40.96
C GLU B 1103 1.78 -6.05 -41.08
N GLN B 1104 0.47 -6.02 -40.74
CA GLN B 1104 -0.40 -7.18 -40.77
C GLN B 1104 -0.63 -7.64 -42.20
N GLN B 1105 -0.76 -6.69 -43.12
CA GLN B 1105 -0.97 -7.01 -44.54
C GLN B 1105 0.35 -7.51 -45.14
N GLU B 1106 1.49 -6.99 -44.67
CA GLU B 1106 2.82 -7.40 -45.09
C GLU B 1106 3.01 -8.89 -44.83
N ILE B 1107 2.56 -9.39 -43.64
CA ILE B 1107 2.65 -10.79 -43.21
C ILE B 1107 1.87 -11.68 -44.18
N LEU B 1108 0.58 -11.33 -44.45
CA LEU B 1108 -0.30 -12.10 -45.33
C LEU B 1108 0.25 -12.15 -46.75
N ASP B 1109 0.73 -11.01 -47.26
CA ASP B 1109 1.31 -10.90 -48.61
C ASP B 1109 2.55 -11.77 -48.77
N THR B 1110 3.43 -11.78 -47.77
CA THR B 1110 4.66 -12.57 -47.76
C THR B 1110 4.32 -14.07 -47.74
N ALA B 1111 3.33 -14.45 -46.91
CA ALA B 1111 2.89 -15.82 -46.73
C ALA B 1111 2.38 -16.39 -48.04
N PHE B 1112 1.68 -15.55 -48.84
CA PHE B 1112 1.10 -15.95 -50.12
C PHE B 1112 1.87 -15.37 -51.33
N GLY B 1113 3.12 -14.97 -51.15
CA GLY B 1113 3.98 -14.43 -52.20
C GLY B 1113 5.00 -15.43 -52.70
#